data_1XIN
#
_entry.id   1XIN
#
_cell.length_a   143.450
_cell.length_b   143.450
_cell.length_c   231.500
_cell.angle_alpha   90.00
_cell.angle_beta   90.00
_cell.angle_gamma   120.00
#
_symmetry.space_group_name_H-M   'P 32 2 1'
#
loop_
_entity.id
_entity.type
_entity.pdbx_description
1 polymer 'D-XYLOSE ISOMERASE'
2 non-polymer Xylitol
3 non-polymer 'MAGNESIUM ION'
4 water water
#
_entity_poly.entity_id   1
_entity_poly.type   'polypeptide(L)'
_entity_poly.pdbx_seq_one_letter_code
;SVQATREDKFSFGLWTVGWQARDAFGDATRTALDPVEAVHKLAEIGAYGITFHDDDLVPFGSDAQTRDGIIAGFKKALDE
TGLIVPMVTTNLFTHPVFKDGGFTSNDRSVRRYAIRKVLRQMDLGAELGAKTLVLWGGREGAEYDSAKDVSAALDRYREA
LNLLAQYSEDRGYGLRFAIEPKPNEPRGDILLPTAGHAIAFVQELERPELFGINPETGNEQMSNLNFTQGIAQALWHKKL
FHIDLNGQHGPKFDQDLVFGHGDLLNAFSLVDLLENGPDGAPAYDGPRHFDYKPSRTEDYDGVWESAKANIRMYLLLKER
AKAFRADPEVQEALAASKVAELKTPTLNPGEGYAELLADRSAFEDYDADAVGAKGFGFVKLNQLAIEHLLGAR
;
_entity_poly.pdbx_strand_id   A,B,C,D
#
loop_
_chem_comp.id
_chem_comp.type
_chem_comp.name
_chem_comp.formula
MG non-polymer 'MAGNESIUM ION' 'Mg 2'
XYL D-saccharide Xylitol 'C5 H12 O5'
#
# COMPACT_ATOMS: atom_id res chain seq x y z
N VAL A 2 19.99 18.14 -24.53
CA VAL A 2 19.05 19.21 -24.15
C VAL A 2 19.74 20.12 -23.12
N GLN A 3 19.41 21.40 -23.21
CA GLN A 3 19.97 22.44 -22.32
C GLN A 3 18.88 23.24 -21.61
N ALA A 4 19.15 23.50 -20.34
CA ALA A 4 18.22 24.25 -19.47
C ALA A 4 18.41 25.74 -19.67
N THR A 5 17.34 26.49 -19.68
CA THR A 5 17.35 27.96 -19.83
C THR A 5 16.60 28.50 -18.62
N ARG A 6 16.79 29.75 -18.34
CA ARG A 6 16.11 30.41 -17.23
C ARG A 6 14.61 30.34 -17.43
N GLU A 7 14.18 30.21 -18.66
CA GLU A 7 12.76 30.12 -19.01
C GLU A 7 12.09 28.80 -18.67
N ASP A 8 12.94 27.88 -18.28
CA ASP A 8 12.57 26.54 -17.87
C ASP A 8 12.12 26.61 -16.42
N LYS A 9 12.62 27.58 -15.70
CA LYS A 9 12.30 27.82 -14.30
C LYS A 9 12.55 26.66 -13.36
N PHE A 10 13.73 26.08 -13.45
CA PHE A 10 14.11 24.94 -12.57
C PHE A 10 14.61 25.52 -11.25
N SER A 11 14.11 25.09 -10.10
CA SER A 11 14.60 25.63 -8.81
C SER A 11 14.94 24.42 -7.94
N PHE A 12 15.77 24.62 -6.93
CA PHE A 12 16.17 23.54 -6.05
C PHE A 12 16.13 24.06 -4.63
N GLY A 13 15.77 23.23 -3.68
CA GLY A 13 15.76 23.72 -2.29
C GLY A 13 17.23 23.58 -1.84
N LEU A 14 17.68 24.46 -0.97
CA LEU A 14 19.03 24.39 -0.44
C LEU A 14 19.19 23.08 0.34
N TRP A 15 18.12 22.60 0.94
CA TRP A 15 18.09 21.36 1.73
C TRP A 15 18.13 20.11 0.85
N THR A 16 18.03 20.24 -0.45
CA THR A 16 18.06 19.04 -1.33
C THR A 16 19.51 18.62 -1.55
N VAL A 17 20.26 19.35 -2.36
CA VAL A 17 21.68 19.09 -2.66
C VAL A 17 22.47 19.15 -1.36
N GLY A 18 21.93 19.84 -0.36
CA GLY A 18 22.59 20.03 0.94
C GLY A 18 22.35 18.96 1.97
N TRP A 19 21.48 18.00 1.64
CA TRP A 19 21.14 16.87 2.53
C TRP A 19 22.40 16.05 2.81
N GLN A 20 22.75 15.99 4.07
CA GLN A 20 23.94 15.28 4.55
C GLN A 20 23.83 13.78 4.66
N ALA A 21 22.69 13.20 4.37
CA ALA A 21 22.36 11.79 4.31
C ALA A 21 22.33 11.03 5.64
N ARG A 22 21.80 11.69 6.63
CA ARG A 22 21.57 11.18 7.98
C ARG A 22 20.10 10.70 7.90
N ASP A 23 19.89 9.41 7.81
CA ASP A 23 18.50 8.93 7.71
C ASP A 23 18.12 8.43 9.11
N ALA A 24 16.96 7.78 9.14
CA ALA A 24 16.48 7.25 10.41
C ALA A 24 17.36 6.14 10.98
N PHE A 25 18.19 5.51 10.18
CA PHE A 25 19.01 4.42 10.67
C PHE A 25 20.52 4.64 10.60
N GLY A 26 20.99 5.82 10.21
CA GLY A 26 22.43 6.02 10.15
C GLY A 26 22.80 7.48 10.17
N ASP A 27 24.09 7.67 10.37
CA ASP A 27 24.75 8.97 10.46
C ASP A 27 24.91 9.55 9.07
N ALA A 28 25.20 10.83 9.05
CA ALA A 28 25.42 11.57 7.79
C ALA A 28 26.59 10.96 7.04
N THR A 29 26.57 10.90 5.74
CA THR A 29 27.67 10.34 4.94
C THR A 29 28.37 11.45 4.18
N ARG A 30 27.84 12.65 4.23
CA ARG A 30 28.36 13.82 3.52
C ARG A 30 28.46 14.98 4.52
N THR A 31 29.39 15.86 4.23
CA THR A 31 29.69 17.08 4.98
C THR A 31 28.67 18.13 4.50
N ALA A 32 28.61 19.17 5.34
CA ALA A 32 27.70 20.31 5.13
C ALA A 32 28.04 21.11 3.89
N LEU A 33 27.03 21.56 3.16
CA LEU A 33 27.23 22.34 1.95
C LEU A 33 27.08 23.81 2.36
N ASP A 34 27.97 24.64 1.87
CA ASP A 34 27.99 26.09 2.14
C ASP A 34 26.97 26.69 1.18
N PRO A 35 26.08 27.49 1.73
CA PRO A 35 25.00 28.13 0.98
C PRO A 35 25.50 28.86 -0.26
N VAL A 36 26.59 29.57 -0.03
CA VAL A 36 27.21 30.36 -1.13
C VAL A 36 27.67 29.43 -2.24
N GLU A 37 28.28 28.32 -1.89
CA GLU A 37 28.75 27.32 -2.86
C GLU A 37 27.57 26.69 -3.59
N ALA A 38 26.52 26.36 -2.85
CA ALA A 38 25.30 25.80 -3.41
C ALA A 38 24.81 26.76 -4.49
N VAL A 39 24.76 28.06 -4.18
CA VAL A 39 24.32 29.08 -5.15
C VAL A 39 25.14 29.03 -6.44
N HIS A 40 26.46 28.93 -6.28
CA HIS A 40 27.34 28.89 -7.48
C HIS A 40 27.18 27.63 -8.30
N LYS A 41 27.09 26.48 -7.63
CA LYS A 41 26.89 25.19 -8.31
C LYS A 41 25.58 25.06 -9.05
N LEU A 42 24.53 25.54 -8.42
CA LEU A 42 23.20 25.46 -9.04
C LEU A 42 23.12 26.36 -10.24
N ALA A 43 23.71 27.52 -10.10
CA ALA A 43 23.68 28.53 -11.18
C ALA A 43 24.31 27.85 -12.41
N GLU A 44 25.37 27.17 -12.09
CA GLU A 44 26.20 26.45 -13.06
C GLU A 44 25.47 25.31 -13.75
N ILE A 45 24.68 24.53 -13.01
CA ILE A 45 23.98 23.44 -13.71
C ILE A 45 22.73 23.91 -14.45
N GLY A 46 22.33 25.16 -14.45
CA GLY A 46 21.19 25.69 -15.15
C GLY A 46 19.95 26.13 -14.39
N ALA A 47 20.02 26.08 -13.07
CA ALA A 47 18.87 26.47 -12.25
C ALA A 47 18.66 27.97 -12.35
N TYR A 48 17.44 28.43 -12.25
CA TYR A 48 17.09 29.86 -12.29
C TYR A 48 16.83 30.37 -10.87
N GLY A 49 16.61 29.51 -9.89
CA GLY A 49 16.30 29.99 -8.55
C GLY A 49 16.63 28.97 -7.48
N ILE A 50 16.66 29.43 -6.26
CA ILE A 50 16.95 28.61 -5.07
C ILE A 50 15.91 28.96 -3.99
N THR A 51 15.58 27.94 -3.18
CA THR A 51 14.60 28.09 -2.09
C THR A 51 15.26 27.61 -0.80
N PHE A 52 14.70 27.94 0.35
CA PHE A 52 15.36 27.48 1.59
C PHE A 52 14.35 27.58 2.73
N HIS A 53 14.65 26.86 3.78
CA HIS A 53 13.87 26.93 5.03
C HIS A 53 14.69 27.96 5.85
N ASP A 54 14.07 28.75 6.70
CA ASP A 54 14.85 29.70 7.53
C ASP A 54 16.08 29.02 8.13
N ASP A 55 15.88 27.88 8.79
CA ASP A 55 16.97 27.16 9.45
C ASP A 55 17.98 26.48 8.54
N ASP A 56 17.78 26.44 7.24
CA ASP A 56 18.74 25.87 6.30
C ASP A 56 19.84 26.95 6.11
N LEU A 57 19.51 28.23 5.98
CA LEU A 57 20.44 29.33 5.76
C LEU A 57 21.05 29.87 7.06
N VAL A 58 20.18 30.12 8.04
CA VAL A 58 20.64 30.63 9.35
C VAL A 58 20.37 29.58 10.41
N PRO A 59 21.46 29.04 10.95
CA PRO A 59 21.37 28.03 12.00
C PRO A 59 20.41 28.47 13.08
N PHE A 60 19.48 27.62 13.45
CA PHE A 60 18.50 27.93 14.50
C PHE A 60 19.25 28.58 15.64
N GLY A 61 18.84 29.70 16.20
CA GLY A 61 19.53 30.35 17.33
C GLY A 61 20.75 31.21 17.11
N SER A 62 21.00 31.69 15.93
CA SER A 62 22.11 32.57 15.59
C SER A 62 21.69 33.96 16.08
N ASP A 63 22.66 34.72 16.54
CA ASP A 63 22.37 36.12 16.99
C ASP A 63 22.09 36.88 15.69
N ALA A 64 21.64 38.11 15.86
CA ALA A 64 21.33 38.96 14.70
C ALA A 64 22.59 39.32 13.90
N GLN A 65 23.69 39.40 14.65
CA GLN A 65 24.97 39.75 14.03
C GLN A 65 25.30 38.63 13.04
N THR A 66 25.25 37.40 13.50
CA THR A 66 25.56 36.23 12.66
C THR A 66 24.55 36.11 11.52
N ARG A 67 23.30 36.16 11.97
CA ARG A 67 22.15 36.06 11.08
C ARG A 67 22.34 37.06 9.96
N ASP A 68 22.60 38.30 10.33
CA ASP A 68 22.78 39.38 9.35
C ASP A 68 23.91 39.20 8.34
N GLY A 69 25.00 38.68 8.88
CA GLY A 69 26.20 38.41 8.10
C GLY A 69 25.90 37.38 7.00
N ILE A 70 25.29 36.27 7.43
CA ILE A 70 24.88 35.20 6.54
C ILE A 70 23.93 35.73 5.45
N ILE A 71 22.91 36.46 5.86
CA ILE A 71 22.02 37.00 4.80
C ILE A 71 22.79 37.83 3.80
N ALA A 72 23.69 38.69 4.26
CA ALA A 72 24.50 39.57 3.39
C ALA A 72 25.29 38.84 2.30
N GLY A 73 25.98 37.78 2.66
CA GLY A 73 26.77 36.94 1.76
C GLY A 73 25.94 36.15 0.75
N PHE A 74 24.84 35.62 1.27
CA PHE A 74 23.91 34.86 0.42
C PHE A 74 23.42 35.81 -0.67
N LYS A 75 23.04 37.01 -0.22
CA LYS A 75 22.54 38.07 -1.11
C LYS A 75 23.57 38.40 -2.18
N LYS A 76 24.85 38.41 -1.83
CA LYS A 76 25.90 38.69 -2.80
C LYS A 76 25.97 37.63 -3.89
N ALA A 77 25.95 36.40 -3.43
CA ALA A 77 26.01 35.22 -4.31
C ALA A 77 24.87 35.27 -5.30
N LEU A 78 23.66 35.58 -4.92
CA LEU A 78 22.52 35.61 -5.84
C LEU A 78 22.75 36.67 -6.92
N ASP A 79 23.35 37.72 -6.40
CA ASP A 79 23.73 38.92 -7.12
C ASP A 79 24.65 38.64 -8.30
N GLU A 80 25.75 38.02 -7.91
CA GLU A 80 26.78 37.61 -8.85
C GLU A 80 26.35 36.56 -9.86
N THR A 81 25.53 35.62 -9.43
CA THR A 81 25.02 34.53 -10.28
C THR A 81 23.77 34.82 -11.07
N GLY A 82 22.94 35.74 -10.62
CA GLY A 82 21.68 36.02 -11.35
C GLY A 82 20.55 35.08 -10.90
N LEU A 83 20.75 34.32 -9.84
CA LEU A 83 19.71 33.43 -9.33
C LEU A 83 18.72 34.25 -8.54
N ILE A 84 17.48 33.83 -8.54
CA ILE A 84 16.41 34.48 -7.77
C ILE A 84 15.91 33.46 -6.72
N VAL A 85 15.13 33.94 -5.77
CA VAL A 85 14.52 33.17 -4.68
C VAL A 85 13.03 33.29 -4.94
N PRO A 86 12.49 32.30 -5.64
CA PRO A 86 11.06 32.32 -5.96
C PRO A 86 10.21 31.94 -4.76
N MET A 87 10.78 31.21 -3.81
CA MET A 87 9.95 30.79 -2.69
C MET A 87 10.78 30.62 -1.44
N VAL A 88 10.16 30.74 -0.28
CA VAL A 88 10.87 30.51 0.99
C VAL A 88 9.85 29.71 1.82
N THR A 89 10.37 29.02 2.82
CA THR A 89 9.52 28.22 3.73
C THR A 89 10.11 28.31 5.12
N THR A 90 9.39 27.83 6.12
CA THR A 90 9.88 27.87 7.51
C THR A 90 9.99 26.45 8.05
N ASN A 91 11.00 26.21 8.85
CA ASN A 91 11.13 24.88 9.48
C ASN A 91 10.31 24.81 10.78
N LEU A 92 9.18 24.13 10.71
CA LEU A 92 8.28 23.92 11.84
C LEU A 92 8.21 22.42 12.16
N PHE A 93 9.29 21.68 11.97
CA PHE A 93 9.33 20.24 12.22
C PHE A 93 10.57 19.70 12.90
N THR A 94 11.75 20.27 12.75
CA THR A 94 12.97 19.74 13.34
C THR A 94 13.17 19.86 14.83
N HIS A 95 13.05 21.05 15.34
CA HIS A 95 13.25 21.29 16.77
C HIS A 95 12.23 20.54 17.62
N PRO A 96 12.71 19.95 18.72
CA PRO A 96 11.89 19.21 19.66
C PRO A 96 10.64 19.93 20.10
N VAL A 97 10.66 21.24 20.16
CA VAL A 97 9.46 21.99 20.59
C VAL A 97 8.28 21.67 19.65
N PHE A 98 8.58 21.37 18.40
CA PHE A 98 7.53 21.10 17.41
C PHE A 98 7.14 19.62 17.34
N LYS A 99 7.46 18.83 18.35
CA LYS A 99 7.14 17.39 18.34
C LYS A 99 5.65 17.10 18.13
N ASP A 100 4.73 17.96 18.48
CA ASP A 100 3.28 17.76 18.29
C ASP A 100 2.72 18.76 17.26
N GLY A 101 3.60 19.42 16.54
CA GLY A 101 3.15 20.40 15.53
C GLY A 101 3.62 21.82 15.89
N GLY A 102 3.34 22.68 14.93
CA GLY A 102 3.66 24.11 15.05
C GLY A 102 2.32 24.79 15.37
N PHE A 103 1.63 25.06 14.28
CA PHE A 103 0.32 25.72 14.33
C PHE A 103 -0.77 24.96 15.08
N THR A 104 -0.64 23.65 15.15
CA THR A 104 -1.65 22.79 15.80
C THR A 104 -1.11 22.01 16.98
N SER A 105 0.01 22.43 17.54
CA SER A 105 0.51 21.77 18.75
C SER A 105 -0.60 21.88 19.81
N ASN A 106 -0.77 20.91 20.69
CA ASN A 106 -1.81 20.97 21.71
C ASN A 106 -1.38 22.07 22.68
N ASP A 107 -0.09 22.32 22.76
CA ASP A 107 0.44 23.36 23.68
C ASP A 107 0.26 24.75 23.08
N ARG A 108 -0.50 25.57 23.76
CA ARG A 108 -0.76 26.94 23.26
C ARG A 108 0.46 27.81 22.99
N SER A 109 1.46 27.75 23.84
CA SER A 109 2.71 28.51 23.75
C SER A 109 3.46 28.15 22.48
N VAL A 110 3.42 26.87 22.11
CA VAL A 110 4.10 26.42 20.88
C VAL A 110 3.41 27.06 19.67
N ARG A 111 2.09 27.15 19.76
CA ARG A 111 1.33 27.73 18.64
C ARG A 111 1.71 29.17 18.43
N ARG A 112 1.84 29.96 19.48
CA ARG A 112 2.21 31.39 19.42
C ARG A 112 3.61 31.52 18.81
N TYR A 113 4.51 30.71 19.33
CA TYR A 113 5.88 30.62 18.87
C TYR A 113 5.96 30.28 17.38
N ALA A 114 5.22 29.27 16.92
CA ALA A 114 5.27 28.89 15.51
C ALA A 114 4.89 30.04 14.60
N ILE A 115 3.90 30.82 14.91
CA ILE A 115 3.44 31.97 14.11
C ILE A 115 4.57 33.00 14.02
N ARG A 116 5.18 33.34 15.15
CA ARG A 116 6.28 34.30 15.20
C ARG A 116 7.39 33.82 14.27
N LYS A 117 7.78 32.55 14.37
CA LYS A 117 8.86 31.98 13.51
C LYS A 117 8.59 32.25 12.03
N VAL A 118 7.38 32.07 11.57
CA VAL A 118 6.88 32.24 10.22
C VAL A 118 6.82 33.73 9.86
N LEU A 119 6.29 34.60 10.72
CA LEU A 119 6.25 36.04 10.39
C LEU A 119 7.66 36.53 10.02
N ARG A 120 8.59 36.10 10.86
CA ARG A 120 10.00 36.46 10.66
C ARG A 120 10.52 36.01 9.30
N GLN A 121 10.23 34.78 8.89
CA GLN A 121 10.66 34.21 7.63
C GLN A 121 9.95 34.95 6.51
N MET A 122 8.74 35.40 6.73
CA MET A 122 7.98 36.17 5.73
C MET A 122 8.75 37.47 5.46
N ASP A 123 9.30 38.09 6.49
CA ASP A 123 10.09 39.32 6.36
C ASP A 123 11.27 39.12 5.42
N LEU A 124 12.08 38.12 5.64
CA LEU A 124 13.25 37.79 4.84
C LEU A 124 12.84 37.44 3.40
N GLY A 125 11.78 36.67 3.27
CA GLY A 125 11.26 36.31 1.95
C GLY A 125 10.98 37.53 1.11
N ALA A 126 10.26 38.50 1.67
CA ALA A 126 9.82 39.76 1.09
C ALA A 126 11.08 40.56 0.69
N GLU A 127 12.07 40.60 1.55
CA GLU A 127 13.31 41.28 1.29
C GLU A 127 14.09 40.66 0.13
N LEU A 128 14.08 39.35 -0.04
CA LEU A 128 14.74 38.67 -1.16
C LEU A 128 13.88 38.59 -2.42
N GLY A 129 12.66 39.06 -2.47
CA GLY A 129 11.77 39.06 -3.60
C GLY A 129 10.93 37.82 -3.83
N ALA A 130 10.86 36.94 -2.82
CA ALA A 130 10.10 35.70 -2.92
C ALA A 130 8.63 36.06 -3.12
N LYS A 131 7.96 35.28 -3.92
CA LYS A 131 6.53 35.46 -4.20
C LYS A 131 5.64 34.42 -3.53
N THR A 132 6.23 33.29 -3.17
CA THR A 132 5.44 32.24 -2.55
C THR A 132 5.93 31.79 -1.20
N LEU A 133 5.02 31.64 -0.25
CA LEU A 133 5.45 31.12 1.06
C LEU A 133 4.87 29.68 1.05
N VAL A 134 5.75 28.70 1.15
CA VAL A 134 5.28 27.30 1.20
C VAL A 134 5.14 26.91 2.68
N LEU A 135 4.06 26.24 3.03
CA LEU A 135 3.82 25.81 4.42
C LEU A 135 3.71 24.29 4.40
N TRP A 136 4.66 23.59 4.97
CA TRP A 136 4.58 22.12 5.04
C TRP A 136 4.35 21.80 6.52
N GLY A 137 3.14 21.38 6.86
CA GLY A 137 2.79 21.05 8.24
C GLY A 137 3.16 19.62 8.59
N GLY A 138 4.43 19.29 8.52
CA GLY A 138 4.95 17.95 8.76
C GLY A 138 4.69 17.33 10.10
N ARG A 139 4.56 18.17 11.12
CA ARG A 139 4.32 17.66 12.48
C ARG A 139 2.86 17.87 12.84
N GLU A 140 2.01 18.36 11.94
CA GLU A 140 0.59 18.59 12.35
C GLU A 140 -0.14 17.27 12.15
N GLY A 141 -0.59 16.63 13.22
CA GLY A 141 -1.27 15.32 13.01
C GLY A 141 -1.17 14.50 14.28
N ALA A 142 -1.00 13.19 14.18
CA ALA A 142 -0.93 12.34 15.36
C ALA A 142 -0.52 10.92 15.05
N GLU A 143 -0.21 10.18 16.11
CA GLU A 143 0.10 8.75 16.04
C GLU A 143 -1.08 7.97 16.61
N TYR A 144 -1.89 8.58 17.46
CA TYR A 144 -3.07 8.01 18.14
C TYR A 144 -4.30 8.86 17.94
N ASP A 145 -5.44 8.24 17.65
CA ASP A 145 -6.67 8.98 17.44
C ASP A 145 -7.14 9.88 18.59
N SER A 146 -7.08 9.50 19.83
CA SER A 146 -7.57 10.29 20.95
C SER A 146 -6.69 11.47 21.34
N ALA A 147 -5.50 11.56 20.80
CA ALA A 147 -4.53 12.60 21.12
C ALA A 147 -4.74 13.94 20.46
N LYS A 148 -5.50 13.95 19.38
CA LYS A 148 -5.72 15.14 18.57
C LYS A 148 -7.16 15.37 18.16
N ASP A 149 -7.66 16.52 18.54
CA ASP A 149 -9.03 16.95 18.17
C ASP A 149 -8.85 17.62 16.79
N VAL A 150 -9.19 16.88 15.76
CA VAL A 150 -9.01 17.35 14.37
C VAL A 150 -9.77 18.64 14.08
N SER A 151 -10.96 18.75 14.59
CA SER A 151 -11.81 19.94 14.41
C SER A 151 -11.10 21.18 15.02
N ALA A 152 -10.68 21.07 16.25
CA ALA A 152 -9.97 22.13 16.98
C ALA A 152 -8.70 22.43 16.20
N ALA A 153 -8.05 21.37 15.74
CA ALA A 153 -6.80 21.53 14.98
C ALA A 153 -7.02 22.37 13.73
N LEU A 154 -8.06 22.11 12.99
CA LEU A 154 -8.38 22.81 11.74
C LEU A 154 -8.70 24.27 12.04
N ASP A 155 -9.37 24.52 13.16
CA ASP A 155 -9.68 25.88 13.62
C ASP A 155 -8.37 26.64 13.87
N ARG A 156 -7.43 26.00 14.57
CA ARG A 156 -6.15 26.61 14.89
C ARG A 156 -5.26 26.80 13.67
N TYR A 157 -5.34 25.93 12.68
CA TYR A 157 -4.56 25.99 11.43
C TYR A 157 -5.03 27.23 10.67
N ARG A 158 -6.33 27.40 10.60
CA ARG A 158 -7.07 28.49 9.97
C ARG A 158 -6.77 29.83 10.67
N GLU A 159 -6.85 29.84 11.99
CA GLU A 159 -6.56 31.02 12.78
C GLU A 159 -5.17 31.57 12.43
N ALA A 160 -4.17 30.71 12.40
CA ALA A 160 -2.78 31.05 12.11
C ALA A 160 -2.62 31.56 10.67
N LEU A 161 -3.23 30.83 9.74
CA LEU A 161 -3.10 31.25 8.33
C LEU A 161 -3.77 32.59 8.04
N ASN A 162 -4.91 32.87 8.64
CA ASN A 162 -5.66 34.11 8.44
C ASN A 162 -4.80 35.30 8.93
N LEU A 163 -4.03 35.09 10.01
CA LEU A 163 -3.19 36.15 10.55
C LEU A 163 -2.06 36.44 9.57
N LEU A 164 -1.50 35.38 9.00
CA LEU A 164 -0.39 35.50 8.05
C LEU A 164 -0.79 36.28 6.80
N ALA A 165 -1.96 36.04 6.27
CA ALA A 165 -2.47 36.76 5.07
C ALA A 165 -2.72 38.23 5.43
N GLN A 166 -3.23 38.47 6.63
CA GLN A 166 -3.54 39.81 7.14
C GLN A 166 -2.23 40.60 7.11
N TYR A 167 -1.22 40.06 7.75
CA TYR A 167 0.09 40.67 7.81
C TYR A 167 0.71 40.96 6.46
N SER A 168 0.73 39.97 5.58
CA SER A 168 1.35 40.15 4.25
C SER A 168 0.62 41.24 3.48
N GLU A 169 -0.67 41.22 3.52
CA GLU A 169 -1.52 42.19 2.83
C GLU A 169 -1.28 43.57 3.41
N ASP A 170 -1.20 43.74 4.71
CA ASP A 170 -0.95 45.01 5.36
C ASP A 170 0.46 45.50 5.07
N ARG A 171 1.46 44.66 5.06
CA ARG A 171 2.84 45.06 4.80
C ARG A 171 3.06 45.21 3.30
N GLY A 172 2.07 44.85 2.52
CA GLY A 172 2.13 44.91 1.06
C GLY A 172 3.16 43.93 0.48
N TYR A 173 3.44 42.77 1.05
CA TYR A 173 4.40 41.81 0.53
C TYR A 173 3.95 41.10 -0.76
N GLY A 174 2.65 41.04 -1.00
CA GLY A 174 2.09 40.38 -2.18
C GLY A 174 2.44 38.89 -2.29
N LEU A 175 2.55 38.16 -1.18
CA LEU A 175 2.88 36.75 -1.21
C LEU A 175 1.63 35.93 -1.51
N ARG A 176 1.89 34.72 -1.98
CA ARG A 176 0.87 33.71 -2.24
C ARG A 176 1.28 32.62 -1.24
N PHE A 177 0.31 31.93 -0.66
CA PHE A 177 0.56 30.87 0.33
C PHE A 177 0.21 29.51 -0.31
N ALA A 178 1.17 28.61 -0.17
CA ALA A 178 0.95 27.25 -0.75
C ALA A 178 1.12 26.17 0.31
N ILE A 179 0.01 25.52 0.62
CA ILE A 179 -0.09 24.46 1.61
C ILE A 179 0.43 23.17 0.96
N GLU A 180 1.36 22.53 1.63
CA GLU A 180 1.85 21.26 1.03
C GLU A 180 1.34 20.03 1.78
N PRO A 181 0.51 19.28 1.07
CA PRO A 181 -0.10 18.05 1.61
C PRO A 181 0.85 16.87 1.66
N LYS A 182 0.72 16.04 2.67
CA LYS A 182 1.52 14.83 2.89
C LYS A 182 0.67 13.92 3.78
N PRO A 183 0.59 12.64 3.45
CA PRO A 183 -0.25 11.71 4.20
C PRO A 183 0.32 11.26 5.52
N ASN A 184 1.62 11.06 5.53
CA ASN A 184 2.27 10.60 6.77
C ASN A 184 3.78 10.83 6.67
N GLU A 185 4.47 10.66 7.78
CA GLU A 185 5.92 10.78 7.88
C GLU A 185 6.33 12.26 7.88
N PRO A 186 6.73 12.78 9.03
CA PRO A 186 6.89 12.06 10.29
C PRO A 186 5.79 11.73 11.24
N ARG A 187 4.60 12.22 11.21
CA ARG A 187 3.54 11.83 12.14
C ARG A 187 2.91 10.54 11.59
N GLY A 188 2.24 9.77 12.42
CA GLY A 188 1.58 8.54 11.97
C GLY A 188 0.63 8.91 10.81
N ASP A 189 -0.11 9.98 11.01
CA ASP A 189 -1.05 10.56 10.07
C ASP A 189 -0.91 12.09 10.19
N ILE A 190 -0.79 12.76 9.07
CA ILE A 190 -0.65 14.23 8.99
C ILE A 190 -1.97 14.88 8.62
N LEU A 191 -2.33 16.07 9.14
CA LEU A 191 -3.60 16.73 8.80
C LEU A 191 -3.51 17.18 7.34
N LEU A 192 -4.59 17.22 6.61
CA LEU A 192 -4.63 17.55 5.21
C LEU A 192 -3.69 16.57 4.46
N PRO A 193 -4.07 15.29 4.44
CA PRO A 193 -3.24 14.27 3.82
C PRO A 193 -3.08 14.29 2.33
N THR A 194 -3.94 14.87 1.54
CA THR A 194 -3.81 14.85 0.06
C THR A 194 -4.03 16.21 -0.56
N ALA A 195 -3.81 16.33 -1.83
CA ALA A 195 -4.03 17.59 -2.58
C ALA A 195 -5.49 17.98 -2.41
N GLY A 196 -6.40 17.01 -2.43
CA GLY A 196 -7.85 17.20 -2.27
C GLY A 196 -8.19 17.82 -0.92
N HIS A 197 -7.71 17.26 0.18
CA HIS A 197 -7.95 17.77 1.53
C HIS A 197 -7.39 19.19 1.68
N ALA A 198 -6.19 19.46 1.14
CA ALA A 198 -5.55 20.79 1.23
C ALA A 198 -6.39 21.81 0.48
N ILE A 199 -6.89 21.47 -0.71
CA ILE A 199 -7.74 22.37 -1.48
C ILE A 199 -9.04 22.64 -0.73
N ALA A 200 -9.71 21.60 -0.23
CA ALA A 200 -10.96 21.82 0.51
C ALA A 200 -10.74 22.76 1.68
N PHE A 201 -9.69 22.57 2.45
CA PHE A 201 -9.38 23.41 3.60
C PHE A 201 -9.20 24.88 3.25
N VAL A 202 -8.44 25.16 2.23
CA VAL A 202 -8.09 26.52 1.75
C VAL A 202 -9.32 27.37 1.37
N GLN A 203 -10.35 26.67 0.89
CA GLN A 203 -11.62 27.27 0.48
C GLN A 203 -12.34 27.84 1.71
N GLU A 204 -11.94 27.48 2.92
CA GLU A 204 -12.55 27.94 4.16
C GLU A 204 -11.80 29.11 4.78
N LEU A 205 -10.70 29.55 4.20
CA LEU A 205 -9.95 30.66 4.83
C LEU A 205 -10.64 31.99 4.60
N GLU A 206 -10.16 33.04 5.21
CA GLU A 206 -10.75 34.37 5.05
C GLU A 206 -10.49 34.95 3.68
N ARG A 207 -9.28 34.86 3.16
CA ARG A 207 -8.93 35.37 1.82
C ARG A 207 -8.38 34.21 1.00
N PRO A 208 -9.28 33.34 0.60
CA PRO A 208 -8.96 32.11 -0.13
C PRO A 208 -8.18 32.28 -1.42
N GLU A 209 -8.35 33.42 -2.04
CA GLU A 209 -7.70 33.77 -3.30
C GLU A 209 -6.20 33.91 -3.08
N LEU A 210 -5.71 34.10 -1.86
CA LEU A 210 -4.27 34.20 -1.64
C LEU A 210 -3.69 32.81 -1.36
N PHE A 211 -4.49 31.77 -1.23
CA PHE A 211 -4.07 30.41 -0.89
C PHE A 211 -4.29 29.37 -1.98
N GLY A 212 -3.30 28.50 -2.05
CA GLY A 212 -3.35 27.37 -3.02
C GLY A 212 -2.54 26.24 -2.42
N ILE A 213 -2.13 25.28 -3.24
CA ILE A 213 -1.34 24.13 -2.72
C ILE A 213 -0.02 23.99 -3.48
N ASN A 214 0.92 23.30 -2.89
CA ASN A 214 2.24 22.96 -3.40
C ASN A 214 2.31 21.40 -3.28
N PRO A 215 1.71 20.68 -4.21
CA PRO A 215 1.67 19.21 -4.15
C PRO A 215 3.04 18.63 -4.45
N GLU A 216 3.39 17.51 -3.87
CA GLU A 216 4.70 16.89 -4.14
C GLU A 216 4.47 15.50 -4.73
N THR A 217 5.16 15.14 -5.80
CA THR A 217 5.05 13.87 -6.50
C THR A 217 4.94 12.65 -5.57
N GLY A 218 5.98 12.39 -4.80
CA GLY A 218 6.03 11.30 -3.88
C GLY A 218 4.99 11.32 -2.80
N ASN A 219 4.50 12.45 -2.35
CA ASN A 219 3.50 12.59 -1.28
C ASN A 219 2.23 11.90 -1.75
N GLU A 220 1.72 12.22 -2.90
CA GLU A 220 0.51 11.60 -3.44
C GLU A 220 0.76 10.14 -3.72
N GLN A 221 1.93 9.76 -4.17
CA GLN A 221 2.26 8.35 -4.49
C GLN A 221 2.41 7.52 -3.24
N MET A 222 2.63 8.08 -2.08
CA MET A 222 2.76 7.37 -0.80
C MET A 222 1.42 6.76 -0.42
N SER A 223 0.33 7.29 -0.98
CA SER A 223 -1.05 6.79 -0.77
C SER A 223 -1.50 6.01 -2.01
N ASN A 224 -0.61 5.83 -2.96
CA ASN A 224 -0.86 5.17 -4.22
C ASN A 224 -1.87 5.93 -5.08
N LEU A 225 -1.90 7.25 -5.00
CA LEU A 225 -2.80 8.09 -5.82
C LEU A 225 -2.13 8.43 -7.15
N ASN A 226 -2.93 8.91 -8.08
CA ASN A 226 -2.38 9.26 -9.42
C ASN A 226 -2.04 10.75 -9.29
N PHE A 227 -0.74 11.00 -9.31
CA PHE A 227 -0.23 12.37 -9.17
C PHE A 227 -0.72 13.24 -10.34
N THR A 228 -0.52 12.87 -11.58
CA THR A 228 -1.02 13.60 -12.73
C THR A 228 -2.49 13.95 -12.62
N GLN A 229 -3.35 13.01 -12.31
CA GLN A 229 -4.80 13.23 -12.17
C GLN A 229 -5.05 14.24 -11.05
N GLY A 230 -4.30 14.16 -9.95
CA GLY A 230 -4.44 15.11 -8.84
C GLY A 230 -4.08 16.54 -9.22
N ILE A 231 -3.07 16.78 -10.02
CA ILE A 231 -2.57 18.05 -10.51
C ILE A 231 -3.62 18.63 -11.47
N ALA A 232 -4.20 17.72 -12.24
CA ALA A 232 -5.24 18.09 -13.20
C ALA A 232 -6.41 18.72 -12.45
N GLN A 233 -6.75 18.10 -11.32
CA GLN A 233 -7.83 18.62 -10.49
C GLN A 233 -7.35 19.97 -9.91
N ALA A 234 -6.14 20.07 -9.41
CA ALA A 234 -5.61 21.30 -8.81
C ALA A 234 -5.68 22.45 -9.83
N LEU A 235 -5.31 22.12 -11.05
CA LEU A 235 -5.37 23.05 -12.17
C LEU A 235 -6.83 23.45 -12.45
N TRP A 236 -7.76 22.50 -12.45
CA TRP A 236 -9.17 22.82 -12.66
C TRP A 236 -9.67 23.86 -11.64
N HIS A 237 -9.19 23.77 -10.42
CA HIS A 237 -9.52 24.66 -9.30
C HIS A 237 -8.70 25.96 -9.34
N LYS A 238 -7.60 25.94 -10.11
CA LYS A 238 -6.70 27.07 -10.22
C LYS A 238 -5.97 27.29 -8.91
N LYS A 239 -5.64 26.21 -8.27
CA LYS A 239 -4.99 26.30 -6.95
C LYS A 239 -3.60 25.72 -7.07
N LEU A 240 -3.10 25.49 -8.28
CA LEU A 240 -1.72 24.95 -8.36
C LEU A 240 -0.77 26.15 -8.22
N PHE A 241 -0.37 26.56 -7.03
CA PHE A 241 0.51 27.72 -6.84
C PHE A 241 2.00 27.45 -6.97
N HIS A 242 2.42 26.21 -6.78
CA HIS A 242 3.85 25.78 -6.84
C HIS A 242 3.85 24.24 -7.00
N ILE A 243 5.02 23.67 -7.26
CA ILE A 243 4.96 22.19 -7.37
C ILE A 243 6.30 21.61 -6.99
N ASP A 244 6.32 20.56 -6.23
CA ASP A 244 7.57 19.91 -5.83
C ASP A 244 7.68 18.60 -6.65
N LEU A 245 8.71 18.49 -7.45
CA LEU A 245 8.93 17.31 -8.28
C LEU A 245 9.97 16.40 -7.68
N ASN A 246 9.69 15.10 -7.70
CA ASN A 246 10.61 14.07 -7.17
C ASN A 246 10.03 12.70 -7.56
N GLY A 247 10.64 11.64 -7.08
CA GLY A 247 10.27 10.28 -7.43
C GLY A 247 10.05 9.44 -6.18
N GLN A 248 9.20 8.42 -6.35
CA GLN A 248 8.86 7.53 -5.20
C GLN A 248 8.41 6.19 -5.76
N HIS A 249 8.59 5.14 -4.97
CA HIS A 249 8.09 3.81 -5.43
C HIS A 249 6.88 3.39 -4.58
N GLY A 250 5.71 3.99 -4.74
CA GLY A 250 4.50 3.65 -4.00
C GLY A 250 4.52 3.90 -2.51
N PRO A 251 3.62 3.20 -1.82
CA PRO A 251 3.48 3.33 -0.36
C PRO A 251 4.60 2.71 0.45
N LYS A 252 5.56 3.48 0.89
CA LYS A 252 6.72 3.10 1.70
C LYS A 252 7.23 4.47 2.21
N PHE A 253 8.32 4.50 2.93
CA PHE A 253 8.89 5.75 3.43
C PHE A 253 9.10 6.68 2.22
N ASP A 254 9.23 7.95 2.54
CA ASP A 254 9.42 9.08 1.65
C ASP A 254 10.84 8.90 1.09
N GLN A 255 10.97 8.54 -0.17
CA GLN A 255 12.25 8.29 -0.84
C GLN A 255 12.96 9.52 -1.38
N ASP A 256 12.22 10.47 -1.94
CA ASP A 256 12.79 11.69 -2.50
C ASP A 256 13.82 11.41 -3.60
N LEU A 257 13.50 10.53 -4.55
CA LEU A 257 14.43 10.24 -5.65
C LEU A 257 14.35 11.39 -6.65
N VAL A 258 15.22 11.33 -7.64
CA VAL A 258 15.24 12.31 -8.72
C VAL A 258 13.88 12.15 -9.40
N PHE A 259 13.37 13.23 -9.95
CA PHE A 259 12.15 13.31 -10.69
C PHE A 259 12.23 12.33 -11.86
N GLY A 260 11.28 11.44 -11.93
CA GLY A 260 11.20 10.45 -13.00
C GLY A 260 11.91 9.14 -12.67
N HIS A 261 12.55 9.05 -11.53
CA HIS A 261 13.25 7.81 -11.15
C HIS A 261 12.36 6.84 -10.38
N GLY A 262 11.11 7.19 -10.15
CA GLY A 262 10.11 6.40 -9.47
C GLY A 262 9.04 5.88 -10.44
N ASP A 263 7.89 6.52 -10.54
CA ASP A 263 6.84 6.06 -11.48
C ASP A 263 7.14 6.90 -12.71
N LEU A 264 7.86 6.30 -13.66
CA LEU A 264 8.26 6.93 -14.92
C LEU A 264 7.08 7.24 -15.85
N LEU A 265 6.10 6.34 -15.91
CA LEU A 265 4.94 6.57 -16.78
C LEU A 265 4.15 7.79 -16.33
N ASN A 266 4.02 7.94 -15.03
CA ASN A 266 3.30 9.06 -14.40
C ASN A 266 4.10 10.35 -14.57
N ALA A 267 5.42 10.25 -14.56
CA ALA A 267 6.29 11.43 -14.75
C ALA A 267 6.07 11.98 -16.15
N PHE A 268 5.88 11.09 -17.09
CA PHE A 268 5.61 11.43 -18.50
C PHE A 268 4.27 12.11 -18.67
N SER A 269 3.17 11.54 -18.19
CA SER A 269 1.84 12.15 -18.30
C SER A 269 1.85 13.50 -17.58
N LEU A 270 2.63 13.66 -16.52
CA LEU A 270 2.74 14.91 -15.77
C LEU A 270 3.37 16.03 -16.61
N VAL A 271 4.52 15.81 -17.22
CA VAL A 271 5.18 16.81 -18.06
C VAL A 271 4.25 17.18 -19.22
N ASP A 272 3.59 16.20 -19.78
CA ASP A 272 2.58 16.42 -20.85
C ASP A 272 1.49 17.38 -20.35
N LEU A 273 0.94 17.14 -19.16
CA LEU A 273 -0.08 17.99 -18.55
C LEU A 273 0.46 19.41 -18.37
N LEU A 274 1.60 19.57 -17.71
CA LEU A 274 2.13 20.91 -17.45
C LEU A 274 2.52 21.74 -18.67
N GLU A 275 3.09 21.07 -19.64
CA GLU A 275 3.59 21.70 -20.87
C GLU A 275 2.70 21.82 -22.09
N ASN A 276 1.90 20.82 -22.33
CA ASN A 276 1.03 20.88 -23.53
C ASN A 276 -0.31 21.38 -23.00
N GLY A 277 -0.27 22.63 -22.62
CA GLY A 277 -1.49 23.29 -22.11
C GLY A 277 -2.26 23.82 -23.33
N PRO A 278 -3.39 24.45 -23.00
CA PRO A 278 -4.29 25.07 -23.97
C PRO A 278 -3.56 26.16 -24.79
N ASP A 279 -3.65 25.90 -26.08
CA ASP A 279 -3.09 26.72 -27.15
C ASP A 279 -1.57 26.69 -27.20
N GLY A 280 -0.98 25.51 -27.13
CA GLY A 280 0.49 25.36 -27.18
C GLY A 280 1.26 25.58 -25.87
N ALA A 281 0.84 26.67 -25.21
CA ALA A 281 1.34 27.17 -23.95
C ALA A 281 1.15 26.20 -22.79
N PRO A 282 2.10 26.27 -21.86
CA PRO A 282 2.10 25.42 -20.67
C PRO A 282 0.79 25.70 -19.94
N ALA A 283 0.38 24.68 -19.23
CA ALA A 283 -0.86 24.83 -18.42
C ALA A 283 -0.42 25.42 -17.08
N TYR A 284 0.86 25.32 -16.77
CA TYR A 284 1.45 25.82 -15.53
C TYR A 284 2.63 26.74 -15.81
N ASP A 285 2.66 27.84 -15.11
CA ASP A 285 3.65 28.91 -15.20
C ASP A 285 4.64 29.10 -14.08
N GLY A 286 4.53 28.41 -12.97
CA GLY A 286 5.46 28.67 -11.86
C GLY A 286 6.74 27.85 -12.01
N PRO A 287 7.51 27.92 -10.94
CA PRO A 287 8.75 27.16 -10.84
C PRO A 287 8.46 25.65 -10.90
N ARG A 288 9.42 24.99 -11.51
CA ARG A 288 9.54 23.55 -11.66
C ARG A 288 10.62 23.29 -10.60
N HIS A 289 10.24 23.12 -9.37
CA HIS A 289 11.04 22.94 -8.18
C HIS A 289 11.29 21.50 -7.81
N PHE A 290 12.56 21.12 -7.64
CA PHE A 290 12.94 19.74 -7.30
C PHE A 290 13.15 19.66 -5.79
N ASP A 291 12.32 18.88 -5.13
CA ASP A 291 12.44 18.66 -3.65
C ASP A 291 12.74 17.15 -3.56
N TYR A 292 14.03 16.89 -3.66
CA TYR A 292 14.52 15.50 -3.69
C TYR A 292 15.76 15.41 -2.83
N LYS A 293 16.35 14.26 -2.73
CA LYS A 293 17.59 14.00 -1.99
C LYS A 293 18.57 13.12 -2.76
N PRO A 294 19.82 13.51 -2.81
CA PRO A 294 20.85 12.72 -3.49
C PRO A 294 20.95 11.50 -2.56
N SER A 295 20.91 10.30 -3.13
CA SER A 295 20.97 9.06 -2.33
C SER A 295 22.15 9.07 -1.38
N ARG A 296 21.94 8.42 -0.23
CA ARG A 296 22.91 8.31 0.86
C ARG A 296 24.25 7.67 0.51
N THR A 297 24.26 6.87 -0.56
CA THR A 297 25.41 6.18 -1.06
C THR A 297 26.25 7.15 -1.88
N GLU A 298 25.85 8.38 -2.13
CA GLU A 298 26.66 9.26 -2.98
C GLU A 298 27.48 10.29 -2.23
N ASP A 299 28.48 10.76 -2.95
CA ASP A 299 29.41 11.82 -2.51
C ASP A 299 29.02 13.09 -3.26
N TYR A 300 29.77 14.17 -3.05
CA TYR A 300 29.43 15.46 -3.72
C TYR A 300 29.40 15.28 -5.21
N ASP A 301 30.20 14.38 -5.76
CA ASP A 301 30.17 14.13 -7.20
C ASP A 301 28.74 13.65 -7.56
N GLY A 302 28.31 12.65 -6.79
CA GLY A 302 27.00 12.02 -6.91
C GLY A 302 25.92 13.08 -6.72
N VAL A 303 26.16 14.00 -5.81
CA VAL A 303 25.23 15.11 -5.56
C VAL A 303 25.01 15.96 -6.80
N TRP A 304 26.06 16.47 -7.42
CA TRP A 304 25.89 17.34 -8.61
C TRP A 304 25.26 16.62 -9.77
N GLU A 305 25.59 15.36 -9.86
CA GLU A 305 25.10 14.47 -10.88
C GLU A 305 23.57 14.36 -10.82
N SER A 306 23.17 14.13 -9.59
CA SER A 306 21.73 13.97 -9.28
C SER A 306 20.97 15.27 -9.52
N ALA A 307 21.65 16.39 -9.33
CA ALA A 307 21.00 17.72 -9.53
C ALA A 307 20.73 17.81 -11.01
N LYS A 308 21.74 17.55 -11.78
CA LYS A 308 21.58 17.57 -13.24
C LYS A 308 20.60 16.52 -13.74
N ALA A 309 20.57 15.35 -13.11
CA ALA A 309 19.63 14.31 -13.58
C ALA A 309 18.18 14.78 -13.58
N ASN A 310 17.81 15.56 -12.57
CA ASN A 310 16.43 16.10 -12.48
C ASN A 310 16.10 16.95 -13.72
N ILE A 311 17.00 17.88 -14.05
CA ILE A 311 16.77 18.76 -15.22
C ILE A 311 16.62 17.97 -16.51
N ARG A 312 17.52 17.03 -16.60
CA ARG A 312 17.69 16.08 -17.72
C ARG A 312 16.45 15.28 -17.99
N MET A 313 15.96 14.66 -16.91
CA MET A 313 14.71 13.88 -16.93
C MET A 313 13.54 14.72 -17.41
N TYR A 314 13.36 15.91 -16.86
CA TYR A 314 12.28 16.84 -17.21
C TYR A 314 12.37 17.23 -18.67
N LEU A 315 13.57 17.58 -19.11
CA LEU A 315 13.75 17.98 -20.54
C LEU A 315 13.57 16.83 -21.53
N LEU A 316 14.00 15.64 -21.20
CA LEU A 316 13.82 14.45 -22.07
C LEU A 316 12.34 14.11 -22.17
N LEU A 317 11.63 14.16 -21.06
CA LEU A 317 10.18 13.91 -21.01
C LEU A 317 9.41 14.94 -21.83
N LYS A 318 9.75 16.22 -21.67
CA LYS A 318 9.08 17.31 -22.39
C LYS A 318 9.08 17.10 -23.91
N GLU A 319 10.28 16.79 -24.32
CA GLU A 319 10.65 16.49 -25.71
C GLU A 319 9.79 15.38 -26.28
N ARG A 320 9.59 14.33 -25.51
CA ARG A 320 8.73 13.20 -25.94
C ARG A 320 7.24 13.46 -25.85
N ALA A 321 6.88 14.31 -24.89
CA ALA A 321 5.46 14.69 -24.69
C ALA A 321 5.07 15.53 -25.89
N LYS A 322 5.96 16.38 -26.31
CA LYS A 322 5.78 17.25 -27.48
C LYS A 322 5.60 16.46 -28.77
N ALA A 323 6.48 15.50 -28.95
CA ALA A 323 6.48 14.60 -30.11
C ALA A 323 5.22 13.74 -30.13
N PHE A 324 4.76 13.26 -29.00
CA PHE A 324 3.57 12.46 -28.84
C PHE A 324 2.36 13.17 -29.42
N ARG A 325 2.12 14.37 -28.95
CA ARG A 325 1.00 15.22 -29.31
C ARG A 325 1.04 15.63 -30.77
N ALA A 326 2.24 15.81 -31.27
CA ALA A 326 2.47 16.24 -32.65
C ALA A 326 2.26 15.18 -33.72
N ASP A 327 2.30 13.92 -33.32
CA ASP A 327 2.14 12.75 -34.18
C ASP A 327 0.72 12.54 -34.65
N PRO A 328 0.53 12.62 -35.96
CA PRO A 328 -0.76 12.44 -36.64
C PRO A 328 -1.40 11.11 -36.33
N GLU A 329 -0.58 10.11 -36.08
CA GLU A 329 -1.10 8.80 -35.69
C GLU A 329 -1.71 8.89 -34.29
N VAL A 330 -1.13 9.65 -33.39
CA VAL A 330 -1.64 9.83 -32.04
C VAL A 330 -2.93 10.63 -32.18
N GLN A 331 -2.83 11.65 -33.00
CA GLN A 331 -3.93 12.57 -33.30
C GLN A 331 -5.13 11.76 -33.73
N GLU A 332 -4.88 10.77 -34.54
CA GLU A 332 -5.91 9.86 -35.07
C GLU A 332 -6.46 8.94 -34.00
N ALA A 333 -5.59 8.43 -33.14
CA ALA A 333 -6.00 7.55 -32.05
C ALA A 333 -6.77 8.40 -31.04
N LEU A 334 -6.39 9.63 -30.80
CA LEU A 334 -7.12 10.49 -29.85
C LEU A 334 -8.57 10.67 -30.31
N ALA A 335 -8.69 10.82 -31.61
CA ALA A 335 -10.02 11.03 -32.25
C ALA A 335 -10.88 9.79 -32.05
N ALA A 336 -10.31 8.64 -32.38
CA ALA A 336 -11.00 7.36 -32.23
C ALA A 336 -11.42 7.09 -30.78
N SER A 337 -10.62 7.50 -29.81
CA SER A 337 -10.95 7.29 -28.39
C SER A 337 -11.89 8.36 -27.83
N LYS A 338 -12.21 9.33 -28.67
CA LYS A 338 -13.12 10.40 -28.28
C LYS A 338 -12.69 11.26 -27.10
N VAL A 339 -11.39 11.38 -26.91
CA VAL A 339 -10.86 12.17 -25.80
C VAL A 339 -11.38 13.61 -25.83
N ALA A 340 -11.39 14.23 -26.99
CA ALA A 340 -11.84 15.61 -27.10
C ALA A 340 -13.36 15.74 -27.02
N GLU A 341 -14.12 14.69 -27.24
CA GLU A 341 -15.58 14.74 -27.16
C GLU A 341 -16.01 15.03 -25.73
N LEU A 342 -15.15 14.84 -24.75
CA LEU A 342 -15.54 15.12 -23.34
C LEU A 342 -15.65 16.64 -23.16
N LYS A 343 -15.07 17.40 -24.07
CA LYS A 343 -15.08 18.85 -24.02
C LYS A 343 -16.38 19.46 -24.48
N THR A 344 -17.16 18.69 -25.18
CA THR A 344 -18.47 19.19 -25.66
C THR A 344 -19.46 19.01 -24.53
N PRO A 345 -20.18 20.08 -24.22
CA PRO A 345 -21.21 19.99 -23.16
C PRO A 345 -22.15 18.81 -23.50
N THR A 346 -22.61 18.20 -22.41
CA THR A 346 -23.54 17.07 -22.49
C THR A 346 -24.88 17.60 -23.01
N LEU A 347 -25.22 18.80 -22.58
CA LEU A 347 -26.46 19.48 -22.92
C LEU A 347 -26.25 20.41 -24.10
N ASN A 348 -27.26 20.52 -24.95
CA ASN A 348 -27.30 21.43 -26.09
C ASN A 348 -27.47 22.83 -25.48
N PRO A 349 -27.20 23.81 -26.32
CA PRO A 349 -27.30 25.22 -25.89
C PRO A 349 -28.74 25.55 -25.51
N GLY A 350 -28.90 26.01 -24.31
CA GLY A 350 -30.11 26.42 -23.64
C GLY A 350 -30.98 25.27 -23.20
N GLU A 351 -30.48 24.06 -23.34
CA GLU A 351 -31.24 22.86 -22.94
C GLU A 351 -31.23 22.62 -21.46
N GLY A 352 -32.35 22.32 -20.83
CA GLY A 352 -32.49 22.10 -19.41
C GLY A 352 -33.11 20.72 -19.18
N TYR A 353 -33.55 20.48 -17.97
CA TYR A 353 -34.18 19.20 -17.61
C TYR A 353 -35.37 18.87 -18.50
N ALA A 354 -36.28 19.82 -18.74
CA ALA A 354 -37.50 19.62 -19.54
C ALA A 354 -37.24 19.23 -20.97
N GLU A 355 -36.30 19.85 -21.63
CA GLU A 355 -35.97 19.51 -23.02
C GLU A 355 -35.31 18.13 -23.01
N LEU A 356 -34.43 17.87 -22.02
CA LEU A 356 -33.76 16.57 -21.91
C LEU A 356 -34.79 15.45 -21.64
N LEU A 357 -35.75 15.70 -20.75
CA LEU A 357 -36.80 14.73 -20.44
C LEU A 357 -37.66 14.46 -21.67
N ALA A 358 -37.78 15.43 -22.56
CA ALA A 358 -38.62 15.29 -23.76
C ALA A 358 -37.85 14.63 -24.90
N ASP A 359 -36.54 14.47 -24.76
CA ASP A 359 -35.70 13.84 -25.79
C ASP A 359 -35.63 12.31 -25.63
N ARG A 360 -36.36 11.61 -26.47
CA ARG A 360 -36.51 10.17 -26.52
C ARG A 360 -35.23 9.41 -26.85
N SER A 361 -34.39 10.09 -27.60
CA SER A 361 -33.10 9.51 -27.98
C SER A 361 -32.15 9.45 -26.78
N ALA A 362 -32.40 10.18 -25.72
CA ALA A 362 -31.51 10.20 -24.54
C ALA A 362 -31.93 9.08 -23.58
N PHE A 363 -33.03 8.37 -23.93
CA PHE A 363 -33.46 7.32 -22.98
C PHE A 363 -34.36 6.26 -23.58
N GLU A 364 -35.61 6.58 -23.82
CA GLU A 364 -36.67 5.75 -24.35
C GLU A 364 -36.25 5.00 -25.60
N ASP A 365 -35.68 5.67 -26.55
CA ASP A 365 -35.24 5.12 -27.82
C ASP A 365 -33.72 4.92 -27.87
N TYR A 366 -33.03 4.96 -26.76
CA TYR A 366 -31.58 4.80 -26.71
C TYR A 366 -31.18 3.32 -26.74
N ASP A 367 -30.22 2.99 -27.58
CA ASP A 367 -29.75 1.59 -27.67
C ASP A 367 -28.45 1.41 -26.89
N ALA A 368 -28.60 1.17 -25.61
CA ALA A 368 -27.46 1.03 -24.70
C ALA A 368 -26.59 -0.17 -25.07
N ASP A 369 -27.24 -1.24 -25.47
CA ASP A 369 -26.52 -2.48 -25.86
C ASP A 369 -25.64 -2.22 -27.08
N ALA A 370 -26.13 -1.53 -28.07
CA ALA A 370 -25.34 -1.26 -29.28
C ALA A 370 -24.18 -0.34 -28.92
N VAL A 371 -24.40 0.70 -28.14
CA VAL A 371 -23.31 1.61 -27.76
C VAL A 371 -22.39 0.88 -26.79
N GLY A 372 -22.93 0.04 -25.93
CA GLY A 372 -22.08 -0.68 -24.97
C GLY A 372 -21.03 -1.60 -25.58
N ALA A 373 -21.23 -1.95 -26.85
CA ALA A 373 -20.31 -2.85 -27.54
C ALA A 373 -19.19 -2.18 -28.32
N LYS A 374 -19.18 -0.90 -28.58
CA LYS A 374 -18.11 -0.27 -29.35
C LYS A 374 -16.90 -0.07 -28.43
N GLY A 375 -15.70 -0.33 -28.89
CA GLY A 375 -14.48 -0.17 -28.11
C GLY A 375 -14.02 1.27 -28.13
N PHE A 376 -13.24 1.63 -27.13
CA PHE A 376 -12.70 2.98 -27.01
C PHE A 376 -11.29 3.08 -27.58
N GLY A 377 -10.65 1.97 -27.91
CA GLY A 377 -9.30 2.05 -28.49
C GLY A 377 -8.23 2.62 -27.55
N PHE A 378 -8.46 2.53 -26.23
CA PHE A 378 -7.57 3.07 -25.20
C PHE A 378 -6.20 2.39 -25.07
N VAL A 379 -6.09 1.07 -25.28
CA VAL A 379 -4.82 0.36 -25.15
C VAL A 379 -3.84 0.79 -26.24
N LYS A 380 -4.38 0.95 -27.43
CA LYS A 380 -3.65 1.40 -28.61
C LYS A 380 -3.14 2.82 -28.39
N LEU A 381 -3.93 3.76 -27.94
CA LEU A 381 -3.52 5.13 -27.66
C LEU A 381 -2.38 5.08 -26.62
N ASN A 382 -2.55 4.28 -25.58
CA ASN A 382 -1.59 4.10 -24.50
C ASN A 382 -0.23 3.57 -24.98
N GLN A 383 -0.28 2.61 -25.87
CA GLN A 383 0.92 1.96 -26.46
C GLN A 383 1.65 2.99 -27.32
N LEU A 384 0.96 3.88 -28.02
CA LEU A 384 1.55 4.94 -28.85
C LEU A 384 2.31 5.92 -27.93
N ALA A 385 1.71 6.25 -26.79
CA ALA A 385 2.35 7.14 -25.80
C ALA A 385 3.67 6.55 -25.31
N ILE A 386 3.65 5.28 -24.91
CA ILE A 386 4.86 4.59 -24.41
C ILE A 386 5.93 4.46 -25.49
N GLU A 387 5.56 4.21 -26.72
CA GLU A 387 6.56 4.13 -27.80
C GLU A 387 7.17 5.49 -28.00
N HIS A 388 6.43 6.55 -27.79
CA HIS A 388 7.01 7.91 -27.92
C HIS A 388 8.00 8.08 -26.77
N LEU A 389 7.56 7.71 -25.56
CA LEU A 389 8.42 7.79 -24.38
C LEU A 389 9.74 7.03 -24.54
N LEU A 390 9.63 5.85 -25.14
CA LEU A 390 10.76 4.95 -25.39
C LEU A 390 11.62 5.41 -26.59
N GLY A 391 11.22 6.44 -27.30
CA GLY A 391 11.99 6.92 -28.45
C GLY A 391 11.91 5.89 -29.56
N ALA A 392 10.80 5.20 -29.67
CA ALA A 392 10.70 4.18 -30.73
C ALA A 392 9.84 4.67 -31.88
N ARG A 393 9.27 5.84 -31.74
CA ARG A 393 8.36 6.50 -32.68
C ARG A 393 8.94 7.93 -32.84
N VAL B 2 -3.31 -8.00 34.92
CA VAL B 2 -2.47 -9.18 35.25
C VAL B 2 -1.05 -8.72 35.61
N GLN B 3 -0.14 -9.67 35.75
CA GLN B 3 1.26 -9.38 36.11
C GLN B 3 2.19 -10.28 35.32
N ALA B 4 3.30 -9.75 34.87
CA ALA B 4 4.26 -10.54 34.10
C ALA B 4 5.10 -11.40 35.01
N THR B 5 5.41 -12.61 34.67
CA THR B 5 6.29 -13.51 35.46
C THR B 5 7.51 -13.78 34.59
N ARG B 6 8.54 -14.38 35.14
CA ARG B 6 9.72 -14.64 34.30
C ARG B 6 9.40 -15.72 33.29
N GLU B 7 8.37 -16.47 33.54
CA GLU B 7 7.95 -17.52 32.61
C GLU B 7 7.29 -17.05 31.33
N ASP B 8 6.90 -15.79 31.33
CA ASP B 8 6.27 -15.10 30.19
C ASP B 8 7.36 -14.79 29.17
N LYS B 9 8.57 -14.65 29.69
CA LYS B 9 9.74 -14.35 28.89
C LYS B 9 9.67 -13.09 28.03
N PHE B 10 9.31 -12.02 28.68
CA PHE B 10 9.23 -10.70 28.01
C PHE B 10 10.68 -10.15 27.99
N SER B 11 11.22 -9.81 26.85
CA SER B 11 12.56 -9.26 26.71
C SER B 11 12.38 -7.95 25.89
N PHE B 12 13.36 -7.08 25.99
CA PHE B 12 13.35 -5.80 25.28
C PHE B 12 14.76 -5.44 24.80
N GLY B 13 14.87 -4.74 23.70
CA GLY B 13 16.22 -4.33 23.25
C GLY B 13 16.54 -3.02 24.00
N LEU B 14 17.81 -2.83 24.25
CA LEU B 14 18.34 -1.64 24.91
C LEU B 14 18.02 -0.42 24.05
N TRP B 15 17.98 -0.59 22.75
CA TRP B 15 17.72 0.47 21.77
C TRP B 15 16.25 0.83 21.70
N THR B 16 15.40 0.09 22.36
CA THR B 16 13.94 0.32 22.33
C THR B 16 13.66 1.46 23.28
N VAL B 17 13.65 1.21 24.58
CA VAL B 17 13.44 2.22 25.65
C VAL B 17 14.56 3.27 25.62
N GLY B 18 15.68 2.98 24.98
CA GLY B 18 16.81 3.88 24.85
C GLY B 18 16.71 4.75 23.60
N TRP B 19 15.69 4.61 22.76
CA TRP B 19 15.59 5.46 21.56
C TRP B 19 15.37 6.91 21.99
N GLN B 20 16.29 7.73 21.55
CA GLN B 20 16.31 9.16 21.85
C GLN B 20 15.36 10.00 21.01
N ALA B 21 14.75 9.37 20.03
CA ALA B 21 13.74 9.97 19.18
C ALA B 21 14.19 10.97 18.13
N ARG B 22 15.33 10.74 17.55
CA ARG B 22 15.87 11.53 16.44
C ARG B 22 15.23 10.77 15.26
N ASP B 23 14.33 11.37 14.53
CA ASP B 23 13.71 10.64 13.38
C ASP B 23 14.30 11.25 12.11
N ALA B 24 13.77 10.86 10.96
CA ALA B 24 14.28 11.34 9.69
C ALA B 24 14.11 12.86 9.54
N PHE B 25 13.20 13.45 10.29
CA PHE B 25 12.93 14.89 10.17
C PHE B 25 13.17 15.73 11.41
N GLY B 26 13.78 15.21 12.45
CA GLY B 26 13.96 16.06 13.64
C GLY B 26 14.95 15.45 14.62
N ASP B 27 15.35 16.35 15.52
CA ASP B 27 16.34 16.02 16.56
C ASP B 27 15.72 15.17 17.67
N ALA B 28 16.63 14.62 18.42
CA ALA B 28 16.30 13.77 19.59
C ALA B 28 15.54 14.63 20.58
N THR B 29 14.54 14.03 21.18
CA THR B 29 13.69 14.70 22.16
C THR B 29 13.95 14.19 23.56
N ARG B 30 14.81 13.20 23.67
CA ARG B 30 15.16 12.58 24.95
C ARG B 30 16.67 12.44 25.08
N THR B 31 17.14 12.51 26.31
CA THR B 31 18.58 12.32 26.58
C THR B 31 18.88 10.83 26.51
N ALA B 32 20.17 10.53 26.49
CA ALA B 32 20.62 9.12 26.42
C ALA B 32 20.25 8.30 27.65
N LEU B 33 19.91 7.03 27.47
CA LEU B 33 19.57 6.17 28.62
C LEU B 33 20.78 5.36 29.04
N ASP B 34 21.06 5.35 30.32
CA ASP B 34 22.20 4.61 30.89
C ASP B 34 21.76 3.14 30.93
N PRO B 35 22.61 2.29 30.38
CA PRO B 35 22.38 0.86 30.29
C PRO B 35 22.13 0.18 31.61
N VAL B 36 22.84 0.58 32.66
CA VAL B 36 22.66 -0.05 33.97
C VAL B 36 21.26 0.30 34.47
N GLU B 37 20.92 1.55 34.22
CA GLU B 37 19.59 2.02 34.61
C GLU B 37 18.51 1.27 33.85
N ALA B 38 18.74 1.09 32.54
CA ALA B 38 17.81 0.35 31.68
C ALA B 38 17.62 -1.03 32.29
N VAL B 39 18.69 -1.71 32.67
CA VAL B 39 18.60 -3.06 33.26
C VAL B 39 17.66 -3.03 34.48
N HIS B 40 17.92 -2.03 35.31
CA HIS B 40 17.11 -1.87 36.53
C HIS B 40 15.64 -1.60 36.26
N LYS B 41 15.31 -0.66 35.41
CA LYS B 41 13.95 -0.27 35.05
C LYS B 41 13.19 -1.42 34.42
N LEU B 42 13.82 -2.11 33.48
CA LEU B 42 13.20 -3.25 32.82
C LEU B 42 12.96 -4.37 33.83
N ALA B 43 13.90 -4.63 34.73
CA ALA B 43 13.75 -5.69 35.73
C ALA B 43 12.50 -5.40 36.56
N GLU B 44 12.30 -4.15 36.87
CA GLU B 44 11.16 -3.65 37.67
C GLU B 44 9.80 -3.78 37.01
N ILE B 45 9.71 -3.65 35.68
CA ILE B 45 8.42 -3.74 34.99
C ILE B 45 8.08 -5.18 34.64
N GLY B 46 8.95 -6.13 34.82
CA GLY B 46 8.70 -7.55 34.54
C GLY B 46 9.45 -8.28 33.45
N ALA B 47 10.37 -7.63 32.77
CA ALA B 47 11.15 -8.26 31.70
C ALA B 47 12.02 -9.36 32.35
N TYR B 48 12.27 -10.39 31.58
CA TYR B 48 13.12 -11.49 32.07
C TYR B 48 14.49 -11.39 31.41
N GLY B 49 14.61 -10.61 30.36
CA GLY B 49 15.89 -10.47 29.63
C GLY B 49 16.01 -9.15 28.90
N ILE B 50 17.21 -8.82 28.49
CA ILE B 50 17.54 -7.61 27.76
C ILE B 50 18.42 -8.00 26.58
N THR B 51 18.39 -7.26 25.50
CA THR B 51 19.18 -7.58 24.30
C THR B 51 19.83 -6.28 23.84
N PHE B 52 20.76 -6.39 22.87
CA PHE B 52 21.39 -5.14 22.44
C PHE B 52 22.28 -5.38 21.23
N HIS B 53 22.60 -4.30 20.56
CA HIS B 53 23.51 -4.31 19.42
C HIS B 53 24.85 -3.95 20.13
N ASP B 54 25.93 -4.44 19.57
CA ASP B 54 27.26 -4.13 20.10
C ASP B 54 27.34 -2.64 20.46
N ASP B 55 27.08 -1.82 19.47
CA ASP B 55 27.15 -0.37 19.49
C ASP B 55 26.13 0.32 20.40
N ASP B 56 25.17 -0.37 20.97
CA ASP B 56 24.18 0.22 21.86
C ASP B 56 24.89 0.30 23.22
N LEU B 57 25.58 -0.78 23.54
CA LEU B 57 26.28 -0.89 24.80
C LEU B 57 27.62 -0.18 24.83
N VAL B 58 28.49 -0.48 23.92
CA VAL B 58 29.82 0.09 23.84
C VAL B 58 29.88 0.96 22.59
N PRO B 59 30.10 2.22 22.85
CA PRO B 59 30.22 3.22 21.78
C PRO B 59 31.22 2.82 20.72
N PHE B 60 30.80 3.00 19.49
CA PHE B 60 31.60 2.70 18.29
C PHE B 60 32.94 3.44 18.52
N GLY B 61 34.01 2.67 18.38
CA GLY B 61 35.38 3.18 18.53
C GLY B 61 35.81 3.44 19.98
N SER B 62 35.50 2.49 20.82
CA SER B 62 35.84 2.56 22.25
C SER B 62 37.14 1.75 22.32
N ASP B 63 38.02 2.26 23.16
CA ASP B 63 39.30 1.53 23.36
C ASP B 63 38.91 0.28 24.19
N ALA B 64 39.82 -0.67 24.19
CA ALA B 64 39.69 -1.94 24.90
C ALA B 64 39.34 -1.72 26.36
N GLN B 65 40.05 -0.80 26.99
CA GLN B 65 39.86 -0.50 28.41
C GLN B 65 38.42 -0.09 28.69
N THR B 66 37.95 0.89 27.96
CA THR B 66 36.56 1.39 28.11
C THR B 66 35.53 0.27 27.90
N ARG B 67 35.67 -0.40 26.77
CA ARG B 67 34.78 -1.52 26.38
C ARG B 67 34.64 -2.49 27.54
N ASP B 68 35.78 -2.93 28.05
CA ASP B 68 35.92 -3.89 29.16
C ASP B 68 35.19 -3.39 30.42
N GLY B 69 35.37 -2.10 30.59
CA GLY B 69 34.82 -1.35 31.72
C GLY B 69 33.31 -1.39 31.72
N ILE B 70 32.71 -1.12 30.56
CA ILE B 70 31.27 -1.08 30.32
C ILE B 70 30.62 -2.45 30.50
N ILE B 71 31.27 -3.43 29.90
CA ILE B 71 30.80 -4.82 29.97
C ILE B 71 30.71 -5.31 31.41
N ALA B 72 31.76 -5.06 32.16
CA ALA B 72 31.84 -5.46 33.58
C ALA B 72 30.74 -4.81 34.42
N GLY B 73 30.40 -3.57 34.16
CA GLY B 73 29.33 -2.85 34.88
C GLY B 73 27.96 -3.43 34.49
N PHE B 74 27.85 -3.69 33.20
CA PHE B 74 26.66 -4.29 32.60
C PHE B 74 26.40 -5.68 33.21
N LYS B 75 27.44 -6.49 33.34
CA LYS B 75 27.35 -7.85 33.93
C LYS B 75 26.87 -7.79 35.40
N LYS B 76 27.31 -6.78 36.13
CA LYS B 76 26.92 -6.61 37.51
C LYS B 76 25.42 -6.31 37.63
N ALA B 77 24.97 -5.41 36.76
CA ALA B 77 23.52 -5.05 36.78
C ALA B 77 22.67 -6.28 36.49
N LEU B 78 23.10 -7.12 35.56
CA LEU B 78 22.37 -8.35 35.23
C LEU B 78 22.31 -9.28 36.45
N ASP B 79 23.46 -9.35 37.07
CA ASP B 79 23.76 -10.14 38.27
C ASP B 79 22.80 -9.83 39.41
N GLU B 80 22.86 -8.56 39.69
CA GLU B 80 22.05 -7.94 40.73
C GLU B 80 20.56 -8.12 40.48
N THR B 81 20.12 -7.90 39.24
CA THR B 81 18.72 -7.99 38.87
C THR B 81 18.22 -9.34 38.45
N GLY B 82 19.05 -10.24 37.96
CA GLY B 82 18.47 -11.53 37.54
C GLY B 82 18.02 -11.54 36.09
N LEU B 83 18.35 -10.51 35.31
CA LEU B 83 17.97 -10.47 33.89
C LEU B 83 19.05 -11.27 33.15
N ILE B 84 18.68 -11.89 32.07
CA ILE B 84 19.58 -12.68 31.20
C ILE B 84 19.67 -11.94 29.86
N VAL B 85 20.54 -12.35 28.96
CA VAL B 85 20.71 -11.80 27.61
C VAL B 85 20.39 -12.99 26.71
N PRO B 86 19.16 -13.14 26.30
CA PRO B 86 18.70 -14.22 25.44
C PRO B 86 19.23 -14.11 24.02
N MET B 87 19.45 -12.88 23.58
CA MET B 87 19.86 -12.67 22.19
C MET B 87 20.79 -11.46 22.10
N VAL B 88 21.66 -11.43 21.11
CA VAL B 88 22.55 -10.28 20.88
C VAL B 88 22.48 -10.06 19.35
N THR B 89 22.81 -8.85 18.94
CA THR B 89 22.77 -8.55 17.49
C THR B 89 23.90 -7.58 17.22
N THR B 90 24.21 -7.29 15.97
CA THR B 90 25.34 -6.41 15.65
C THR B 90 24.86 -5.25 14.81
N ASN B 91 25.41 -4.07 15.03
CA ASN B 91 24.98 -2.95 14.19
C ASN B 91 25.80 -2.91 12.89
N LEU B 92 25.14 -3.21 11.79
CA LEU B 92 25.72 -3.17 10.47
C LEU B 92 24.92 -2.18 9.59
N PHE B 93 24.40 -1.16 10.24
CA PHE B 93 23.59 -0.19 9.44
C PHE B 93 23.85 1.27 9.70
N THR B 94 24.30 1.62 10.90
CA THR B 94 24.57 3.04 11.24
C THR B 94 25.77 3.73 10.67
N HIS B 95 26.95 3.16 10.87
CA HIS B 95 28.16 3.86 10.35
C HIS B 95 28.15 4.07 8.87
N PRO B 96 28.59 5.21 8.34
CA PRO B 96 28.67 5.48 6.91
C PRO B 96 29.31 4.39 6.07
N VAL B 97 30.27 3.63 6.59
CA VAL B 97 30.94 2.56 5.81
C VAL B 97 29.96 1.51 5.30
N PHE B 98 28.85 1.29 6.00
CA PHE B 98 27.80 0.33 5.64
C PHE B 98 26.66 0.89 4.77
N LYS B 99 26.80 2.03 4.13
CA LYS B 99 25.79 2.68 3.33
C LYS B 99 25.27 1.80 2.21
N ASP B 100 26.09 0.88 1.72
CA ASP B 100 25.74 -0.04 0.64
C ASP B 100 25.58 -1.48 1.17
N GLY B 101 25.63 -1.61 2.46
CA GLY B 101 25.46 -2.88 3.15
C GLY B 101 26.71 -3.25 3.95
N GLY B 102 26.58 -4.34 4.67
CA GLY B 102 27.67 -4.94 5.48
C GLY B 102 28.19 -6.15 4.67
N PHE B 103 27.52 -7.27 4.84
CA PHE B 103 27.82 -8.52 4.14
C PHE B 103 27.73 -8.47 2.61
N THR B 104 26.86 -7.64 2.05
CA THR B 104 26.71 -7.60 0.59
C THR B 104 27.12 -6.27 0.02
N SER B 105 27.96 -5.53 0.75
CA SER B 105 28.43 -4.26 0.18
C SER B 105 29.13 -4.51 -1.15
N ASN B 106 29.01 -3.66 -2.17
CA ASN B 106 29.67 -3.83 -3.47
C ASN B 106 31.18 -3.90 -3.16
N ASP B 107 31.60 -3.14 -2.17
CA ASP B 107 32.96 -3.04 -1.69
C ASP B 107 33.39 -4.21 -0.83
N ARG B 108 34.34 -4.97 -1.35
CA ARG B 108 34.89 -6.15 -0.66
C ARG B 108 35.51 -5.94 0.70
N SER B 109 36.18 -4.80 0.85
CA SER B 109 36.82 -4.49 2.17
C SER B 109 35.74 -4.26 3.23
N VAL B 110 34.57 -3.76 2.84
CA VAL B 110 33.47 -3.54 3.77
C VAL B 110 32.92 -4.92 4.19
N ARG B 111 32.79 -5.83 3.25
CA ARG B 111 32.27 -7.18 3.59
C ARG B 111 33.14 -7.85 4.62
N ARG B 112 34.46 -7.72 4.45
CA ARG B 112 35.46 -8.34 5.37
C ARG B 112 35.39 -7.73 6.76
N TYR B 113 35.27 -6.42 6.79
CA TYR B 113 35.12 -5.67 8.05
C TYR B 113 33.81 -6.06 8.74
N ALA B 114 32.70 -6.15 8.01
CA ALA B 114 31.39 -6.55 8.62
C ALA B 114 31.47 -7.90 9.32
N ILE B 115 32.14 -8.86 8.68
CA ILE B 115 32.28 -10.21 9.24
C ILE B 115 33.06 -10.09 10.57
N ARG B 116 34.18 -9.36 10.56
CA ARG B 116 35.00 -9.17 11.75
C ARG B 116 34.19 -8.58 12.91
N LYS B 117 33.39 -7.57 12.59
CA LYS B 117 32.55 -6.89 13.58
C LYS B 117 31.57 -7.87 14.18
N VAL B 118 30.99 -8.79 13.40
CA VAL B 118 30.06 -9.76 13.96
C VAL B 118 30.76 -10.82 14.80
N LEU B 119 31.93 -11.33 14.38
CA LEU B 119 32.64 -12.39 15.13
C LEU B 119 32.83 -11.90 16.55
N ARG B 120 33.26 -10.66 16.63
CA ARG B 120 33.53 -10.01 17.93
C ARG B 120 32.33 -9.93 18.83
N GLN B 121 31.14 -9.71 18.31
CA GLN B 121 29.88 -9.64 19.06
C GLN B 121 29.49 -11.08 19.40
N MET B 122 29.82 -12.04 18.56
CA MET B 122 29.52 -13.46 18.84
C MET B 122 30.28 -13.82 20.12
N ASP B 123 31.52 -13.35 20.25
CA ASP B 123 32.32 -13.67 21.46
C ASP B 123 31.68 -13.10 22.73
N LEU B 124 31.30 -11.83 22.66
CA LEU B 124 30.65 -11.17 23.80
C LEU B 124 29.32 -11.84 24.11
N GLY B 125 28.61 -12.24 23.06
CA GLY B 125 27.31 -12.90 23.22
C GLY B 125 27.50 -14.22 23.96
N ALA B 126 28.44 -15.02 23.49
CA ALA B 126 28.74 -16.35 24.09
C ALA B 126 29.10 -16.17 25.56
N GLU B 127 29.88 -15.18 25.88
CA GLU B 127 30.31 -14.84 27.23
C GLU B 127 29.18 -14.36 28.14
N LEU B 128 28.15 -13.72 27.60
CA LEU B 128 27.00 -13.25 28.38
C LEU B 128 25.92 -14.34 28.46
N GLY B 129 26.07 -15.47 27.78
CA GLY B 129 25.12 -16.57 27.76
C GLY B 129 24.01 -16.50 26.72
N ALA B 130 24.10 -15.64 25.73
CA ALA B 130 23.11 -15.51 24.66
C ALA B 130 23.02 -16.83 23.87
N LYS B 131 21.81 -17.17 23.46
CA LYS B 131 21.56 -18.37 22.66
C LYS B 131 21.34 -18.10 21.19
N THR B 132 20.93 -16.88 20.88
CA THR B 132 20.62 -16.51 19.51
C THR B 132 21.36 -15.28 19.02
N LEU B 133 21.75 -15.33 17.78
CA LEU B 133 22.41 -14.21 17.12
C LEU B 133 21.36 -13.73 16.08
N VAL B 134 20.87 -12.52 16.27
CA VAL B 134 19.90 -12.00 15.31
C VAL B 134 20.72 -11.25 14.26
N LEU B 135 20.34 -11.44 13.02
CA LEU B 135 21.00 -10.79 11.89
C LEU B 135 19.94 -10.03 11.10
N TRP B 136 20.06 -8.72 11.15
CA TRP B 136 19.18 -7.81 10.40
C TRP B 136 20.04 -7.07 9.35
N GLY B 137 19.86 -7.44 8.09
CA GLY B 137 20.60 -6.79 7.01
C GLY B 137 19.87 -5.55 6.51
N GLY B 138 19.70 -4.55 7.32
CA GLY B 138 19.03 -3.31 7.01
C GLY B 138 19.64 -2.55 5.84
N ARG B 139 20.93 -2.69 5.56
CA ARG B 139 21.54 -1.97 4.43
C ARG B 139 21.80 -2.87 3.22
N GLU B 140 21.34 -4.10 3.28
CA GLU B 140 21.48 -5.06 2.19
C GLU B 140 20.36 -4.82 1.18
N GLY B 141 20.64 -4.29 -0.02
CA GLY B 141 19.55 -4.03 -0.97
C GLY B 141 19.98 -2.94 -1.95
N ALA B 142 19.11 -2.08 -2.42
CA ALA B 142 19.48 -1.10 -3.38
C ALA B 142 18.34 -0.10 -3.50
N GLU B 143 18.63 1.00 -4.15
CA GLU B 143 17.66 2.03 -4.49
C GLU B 143 17.39 1.90 -5.99
N TYR B 144 18.39 1.35 -6.69
CA TYR B 144 18.41 1.21 -8.17
C TYR B 144 18.73 -0.22 -8.56
N ASP B 145 17.95 -0.84 -9.45
CA ASP B 145 18.13 -2.20 -9.89
C ASP B 145 19.49 -2.48 -10.51
N SER B 146 20.07 -1.62 -11.31
CA SER B 146 21.33 -1.94 -11.96
C SER B 146 22.48 -1.84 -10.98
N ALA B 147 22.21 -1.37 -9.78
CA ALA B 147 23.35 -1.22 -8.84
C ALA B 147 23.74 -2.42 -8.00
N LYS B 148 22.94 -3.47 -8.06
CA LYS B 148 23.22 -4.62 -7.19
C LYS B 148 22.90 -5.92 -7.88
N ASP B 149 23.88 -6.80 -7.92
CA ASP B 149 23.71 -8.11 -8.52
C ASP B 149 23.12 -8.95 -7.40
N VAL B 150 21.80 -9.24 -7.46
CA VAL B 150 21.16 -9.98 -6.36
C VAL B 150 21.73 -11.37 -6.14
N SER B 151 21.95 -12.06 -7.24
CA SER B 151 22.53 -13.45 -7.16
C SER B 151 23.89 -13.44 -6.46
N ALA B 152 24.78 -12.55 -6.84
CA ALA B 152 26.11 -12.38 -6.21
C ALA B 152 25.91 -11.95 -4.76
N ALA B 153 24.92 -11.09 -4.49
CA ALA B 153 24.68 -10.65 -3.10
C ALA B 153 24.23 -11.87 -2.30
N LEU B 154 23.41 -12.75 -2.87
CA LEU B 154 22.93 -13.92 -2.09
C LEU B 154 24.11 -14.87 -1.83
N ASP B 155 25.03 -14.97 -2.78
CA ASP B 155 26.24 -15.79 -2.63
C ASP B 155 27.12 -15.27 -1.49
N ARG B 156 27.31 -13.95 -1.45
CA ARG B 156 28.14 -13.32 -0.41
C ARG B 156 27.52 -13.38 0.98
N TYR B 157 26.20 -13.38 1.02
CA TYR B 157 25.37 -13.42 2.25
C TYR B 157 25.55 -14.82 2.82
N ARG B 158 25.42 -15.80 1.95
CA ARG B 158 25.57 -17.22 2.30
C ARG B 158 26.99 -17.48 2.79
N GLU B 159 27.94 -16.97 2.04
CA GLU B 159 29.37 -17.11 2.33
C GLU B 159 29.68 -16.55 3.71
N ALA B 160 29.15 -15.41 4.09
CA ALA B 160 29.37 -14.87 5.42
C ALA B 160 28.65 -15.72 6.46
N LEU B 161 27.43 -16.18 6.26
CA LEU B 161 26.75 -16.97 7.30
C LEU B 161 27.39 -18.34 7.53
N ASN B 162 27.85 -18.99 6.46
CA ASN B 162 28.50 -20.31 6.54
C ASN B 162 29.68 -20.22 7.51
N LEU B 163 30.45 -19.15 7.37
CA LEU B 163 31.62 -18.88 8.21
C LEU B 163 31.26 -18.67 9.69
N LEU B 164 30.22 -17.86 9.95
CA LEU B 164 29.78 -17.62 11.33
C LEU B 164 29.37 -18.95 12.00
N ALA B 165 28.71 -19.84 11.27
CA ALA B 165 28.24 -21.12 11.83
C ALA B 165 29.47 -21.97 12.16
N GLN B 166 30.43 -22.02 11.25
CA GLN B 166 31.69 -22.73 11.36
C GLN B 166 32.40 -22.35 12.64
N TYR B 167 32.56 -21.06 12.84
CA TYR B 167 33.22 -20.45 14.00
C TYR B 167 32.55 -20.78 15.31
N SER B 168 31.25 -20.58 15.35
CA SER B 168 30.45 -20.85 16.55
C SER B 168 30.54 -22.33 16.88
N GLU B 169 30.45 -23.20 15.91
CA GLU B 169 30.52 -24.66 16.16
C GLU B 169 31.89 -25.07 16.67
N ASP B 170 32.96 -24.54 16.08
CA ASP B 170 34.33 -24.80 16.47
C ASP B 170 34.61 -24.19 17.86
N ARG B 171 34.11 -23.02 18.18
CA ARG B 171 34.38 -22.43 19.51
C ARG B 171 33.47 -23.03 20.57
N GLY B 172 32.51 -23.83 20.14
CA GLY B 172 31.52 -24.44 21.02
C GLY B 172 30.54 -23.42 21.62
N TYR B 173 30.12 -22.36 20.94
CA TYR B 173 29.19 -21.36 21.47
C TYR B 173 27.74 -21.80 21.54
N GLY B 174 27.37 -22.73 20.69
CA GLY B 174 26.00 -23.26 20.62
C GLY B 174 24.96 -22.20 20.22
N LEU B 175 25.30 -21.21 19.41
CA LEU B 175 24.36 -20.20 18.98
C LEU B 175 23.48 -20.74 17.84
N ARG B 176 22.31 -20.15 17.75
CA ARG B 176 21.33 -20.39 16.67
C ARG B 176 21.34 -19.04 15.94
N PHE B 177 21.07 -18.99 14.66
CA PHE B 177 21.10 -17.70 13.94
C PHE B 177 19.71 -17.44 13.38
N ALA B 178 19.32 -16.20 13.63
CA ALA B 178 17.96 -15.80 13.16
C ALA B 178 18.06 -14.60 12.23
N ILE B 179 17.70 -14.82 10.98
CA ILE B 179 17.72 -13.78 9.95
C ILE B 179 16.40 -12.99 10.12
N GLU B 180 16.51 -11.68 10.13
CA GLU B 180 15.31 -10.84 10.23
C GLU B 180 15.02 -10.16 8.92
N PRO B 181 13.91 -10.52 8.29
CA PRO B 181 13.49 -9.94 6.98
C PRO B 181 12.77 -8.61 7.14
N LYS B 182 12.87 -7.69 6.18
CA LYS B 182 12.23 -6.38 6.20
C LYS B 182 12.17 -6.02 4.72
N PRO B 183 11.04 -5.52 4.25
CA PRO B 183 10.93 -5.18 2.84
C PRO B 183 11.66 -3.95 2.38
N ASN B 184 11.76 -2.89 3.15
CA ASN B 184 12.39 -1.60 2.73
C ASN B 184 12.66 -0.84 4.04
N GLU B 185 13.33 0.26 3.94
CA GLU B 185 13.71 1.17 5.00
C GLU B 185 14.79 0.61 5.93
N PRO B 186 16.02 1.11 5.86
CA PRO B 186 16.46 2.20 5.01
C PRO B 186 16.75 2.00 3.56
N ARG B 187 16.95 0.84 3.00
CA ARG B 187 17.21 0.77 1.54
C ARG B 187 15.87 0.83 0.81
N GLY B 188 15.87 1.28 -0.43
CA GLY B 188 14.64 1.33 -1.23
C GLY B 188 14.02 -0.07 -1.22
N ASP B 189 14.85 -1.08 -1.41
CA ASP B 189 14.43 -2.50 -1.40
C ASP B 189 15.55 -3.25 -0.65
N ILE B 190 15.12 -3.99 0.36
CA ILE B 190 16.02 -4.80 1.17
C ILE B 190 16.02 -6.26 0.69
N LEU B 191 17.16 -6.96 0.74
CA LEU B 191 17.24 -8.37 0.31
C LEU B 191 16.56 -9.24 1.37
N LEU B 192 15.83 -10.26 0.97
CA LEU B 192 15.08 -11.17 1.86
C LEU B 192 13.95 -10.33 2.46
N PRO B 193 13.09 -9.82 1.60
CA PRO B 193 12.03 -8.93 2.05
C PRO B 193 10.96 -9.47 2.94
N THR B 194 10.69 -10.76 2.96
CA THR B 194 9.59 -11.30 3.77
C THR B 194 10.11 -12.56 4.43
N ALA B 195 9.36 -13.01 5.42
CA ALA B 195 9.61 -14.21 6.20
C ALA B 195 9.80 -15.39 5.25
N GLY B 196 9.09 -15.40 4.16
CA GLY B 196 9.14 -16.46 3.14
C GLY B 196 10.51 -16.46 2.47
N HIS B 197 10.91 -15.34 1.90
CA HIS B 197 12.20 -15.20 1.22
C HIS B 197 13.32 -15.59 2.18
N ALA B 198 13.22 -15.20 3.44
CA ALA B 198 14.26 -15.51 4.44
C ALA B 198 14.32 -17.00 4.73
N ILE B 199 13.21 -17.72 4.85
CA ILE B 199 13.23 -19.18 5.07
C ILE B 199 13.79 -19.89 3.84
N ALA B 200 13.40 -19.50 2.63
CA ALA B 200 13.88 -20.13 1.39
C ALA B 200 15.40 -20.04 1.37
N PHE B 201 15.98 -18.91 1.70
CA PHE B 201 17.40 -18.62 1.72
C PHE B 201 18.18 -19.52 2.69
N VAL B 202 17.74 -19.65 3.90
CA VAL B 202 18.32 -20.37 5.02
C VAL B 202 18.48 -21.84 4.68
N GLN B 203 17.55 -22.31 3.91
CA GLN B 203 17.48 -23.70 3.42
C GLN B 203 18.66 -23.91 2.49
N GLU B 204 19.31 -22.91 1.92
CA GLU B 204 20.42 -23.08 0.99
C GLU B 204 21.78 -23.00 1.69
N LEU B 205 21.78 -22.82 3.00
CA LEU B 205 23.02 -22.71 3.75
C LEU B 205 23.62 -24.10 4.01
N GLU B 206 24.86 -24.07 4.45
CA GLU B 206 25.60 -25.30 4.74
C GLU B 206 25.09 -26.15 5.90
N ARG B 207 24.71 -25.54 6.99
CA ARG B 207 24.17 -26.11 8.21
C ARG B 207 22.84 -25.42 8.53
N PRO B 208 21.87 -25.69 7.69
CA PRO B 208 20.54 -25.08 7.77
C PRO B 208 19.87 -25.27 9.11
N GLU B 209 20.21 -26.36 9.77
CA GLU B 209 19.61 -26.64 11.09
C GLU B 209 20.02 -25.57 12.08
N LEU B 210 21.06 -24.80 11.83
CA LEU B 210 21.47 -23.73 12.77
C LEU B 210 20.79 -22.38 12.51
N PHE B 211 20.12 -22.24 11.37
CA PHE B 211 19.43 -21.03 10.94
C PHE B 211 17.90 -21.09 10.89
N GLY B 212 17.34 -19.96 11.32
CA GLY B 212 15.89 -19.74 11.35
C GLY B 212 15.70 -18.24 11.10
N ILE B 213 14.47 -17.83 11.43
CA ILE B 213 14.16 -16.41 11.20
C ILE B 213 13.68 -15.73 12.47
N ASN B 214 13.72 -14.41 12.41
CA ASN B 214 13.24 -13.52 13.49
C ASN B 214 12.31 -12.50 12.82
N PRO B 215 11.10 -12.89 12.56
CA PRO B 215 10.12 -12.01 11.89
C PRO B 215 9.63 -10.94 12.81
N GLU B 216 9.34 -9.75 12.33
CA GLU B 216 8.86 -8.65 13.18
C GLU B 216 7.48 -8.25 12.70
N THR B 217 6.51 -8.06 13.58
CA THR B 217 5.14 -7.75 13.19
C THR B 217 5.01 -6.67 12.13
N GLY B 218 5.61 -5.53 12.36
CA GLY B 218 5.59 -4.36 11.49
C GLY B 218 6.19 -4.57 10.12
N ASN B 219 7.24 -5.37 10.06
CA ASN B 219 7.94 -5.64 8.78
C ASN B 219 7.00 -6.27 7.74
N GLU B 220 6.29 -7.32 8.12
CA GLU B 220 5.36 -7.98 7.21
C GLU B 220 4.18 -7.09 6.87
N GLN B 221 3.72 -6.26 7.79
CA GLN B 221 2.59 -5.35 7.64
C GLN B 221 2.96 -4.21 6.74
N MET B 222 4.24 -3.89 6.62
CA MET B 222 4.73 -2.82 5.74
C MET B 222 4.46 -3.19 4.30
N SER B 223 4.28 -4.47 4.03
CA SER B 223 3.96 -5.02 2.73
C SER B 223 2.49 -5.45 2.67
N ASN B 224 1.73 -5.17 3.73
CA ASN B 224 0.33 -5.50 3.87
C ASN B 224 0.10 -7.01 3.94
N LEU B 225 1.05 -7.78 4.38
CA LEU B 225 0.87 -9.25 4.53
C LEU B 225 0.28 -9.55 5.92
N ASN B 226 -0.29 -10.75 6.04
CA ASN B 226 -0.90 -11.25 7.28
C ASN B 226 0.20 -11.84 8.13
N PHE B 227 0.54 -11.16 9.21
CA PHE B 227 1.61 -11.55 10.11
C PHE B 227 1.30 -12.92 10.72
N THR B 228 0.17 -13.09 11.37
CA THR B 228 -0.20 -14.37 11.97
C THR B 228 -0.02 -15.55 11.02
N GLN B 229 -0.49 -15.41 9.78
CA GLN B 229 -0.40 -16.46 8.77
C GLN B 229 1.06 -16.73 8.42
N GLY B 230 1.91 -15.74 8.38
CA GLY B 230 3.33 -15.95 8.04
C GLY B 230 4.05 -16.67 9.17
N ILE B 231 3.67 -16.36 10.39
CA ILE B 231 4.25 -16.98 11.58
C ILE B 231 3.72 -18.42 11.59
N ALA B 232 2.48 -18.68 11.23
CA ALA B 232 1.98 -20.06 11.18
C ALA B 232 2.81 -20.82 10.14
N GLN B 233 3.21 -20.27 9.01
CA GLN B 233 4.03 -20.95 8.01
C GLN B 233 5.42 -21.17 8.60
N ALA B 234 5.98 -20.18 9.29
CA ALA B 234 7.33 -20.30 9.89
C ALA B 234 7.36 -21.46 10.87
N LEU B 235 6.36 -21.60 11.72
CA LEU B 235 6.22 -22.68 12.69
C LEU B 235 6.05 -24.04 11.98
N TRP B 236 5.37 -24.07 10.84
CA TRP B 236 5.21 -25.30 10.06
C TRP B 236 6.59 -25.80 9.62
N HIS B 237 7.44 -24.88 9.17
CA HIS B 237 8.80 -25.12 8.74
C HIS B 237 9.71 -25.35 9.93
N LYS B 238 9.35 -24.96 11.14
CA LYS B 238 10.16 -25.02 12.35
C LYS B 238 11.36 -24.07 12.34
N LYS B 239 11.10 -22.90 11.76
CA LYS B 239 12.13 -21.87 11.66
C LYS B 239 11.87 -20.66 12.52
N LEU B 240 10.94 -20.73 13.47
CA LEU B 240 10.61 -19.59 14.34
C LEU B 240 11.65 -19.61 15.49
N PHE B 241 12.81 -19.06 15.24
CA PHE B 241 13.87 -19.06 16.26
C PHE B 241 13.69 -17.93 17.26
N HIS B 242 13.03 -16.85 16.88
CA HIS B 242 12.84 -15.67 17.77
C HIS B 242 11.74 -14.85 17.11
N ILE B 243 11.19 -13.87 17.80
CA ILE B 243 10.14 -13.01 17.22
C ILE B 243 10.22 -11.58 17.76
N ASP B 244 10.01 -10.59 16.93
CA ASP B 244 10.04 -9.19 17.36
C ASP B 244 8.57 -8.72 17.27
N LEU B 245 8.04 -8.27 18.39
CA LEU B 245 6.68 -7.79 18.52
C LEU B 245 6.58 -6.27 18.54
N ASN B 246 5.70 -5.70 17.73
CA ASN B 246 5.47 -4.25 17.65
C ASN B 246 4.19 -3.99 16.86
N GLY B 247 3.89 -2.74 16.55
CA GLY B 247 2.63 -2.38 15.87
C GLY B 247 2.97 -1.53 14.64
N GLN B 248 2.03 -1.56 13.70
CA GLN B 248 2.24 -0.80 12.43
C GLN B 248 0.87 -0.59 11.79
N HIS B 249 0.75 0.51 11.08
CA HIS B 249 -0.53 0.82 10.41
C HIS B 249 -0.29 0.72 8.87
N GLY B 250 -0.17 -0.49 8.37
CA GLY B 250 0.01 -0.85 7.00
C GLY B 250 1.26 -0.33 6.32
N PRO B 251 1.19 -0.30 4.98
CA PRO B 251 2.31 0.16 4.19
C PRO B 251 2.63 1.63 4.35
N LYS B 252 3.60 2.01 5.14
CA LYS B 252 4.03 3.41 5.34
C LYS B 252 5.38 3.21 6.04
N PHE B 253 6.01 4.27 6.49
CA PHE B 253 7.29 4.16 7.20
C PHE B 253 7.09 3.24 8.41
N ASP B 254 8.20 2.69 8.86
CA ASP B 254 8.32 1.77 10.01
C ASP B 254 7.91 2.53 11.28
N GLN B 255 6.77 2.24 11.89
CA GLN B 255 6.31 3.00 13.04
C GLN B 255 6.84 2.49 14.38
N ASP B 256 7.05 1.19 14.50
CA ASP B 256 7.53 0.65 15.78
C ASP B 256 6.60 1.01 16.93
N LEU B 257 5.30 0.83 16.80
CA LEU B 257 4.39 1.15 17.92
C LEU B 257 4.43 0.00 18.94
N VAL B 258 3.82 0.21 20.10
CA VAL B 258 3.71 -0.83 21.10
C VAL B 258 2.95 -1.99 20.41
N PHE B 259 3.26 -3.21 20.81
CA PHE B 259 2.56 -4.38 20.28
C PHE B 259 1.07 -4.21 20.54
N GLY B 260 0.26 -4.43 19.49
CA GLY B 260 -1.19 -4.34 19.59
C GLY B 260 -1.79 -2.97 19.38
N HIS B 261 -0.94 -1.97 19.15
CA HIS B 261 -1.35 -0.59 18.92
C HIS B 261 -1.53 -0.31 17.43
N GLY B 262 -1.19 -1.25 16.58
CA GLY B 262 -1.35 -1.15 15.11
C GLY B 262 -2.58 -1.95 14.67
N ASP B 263 -2.35 -3.15 14.20
CA ASP B 263 -3.44 -4.08 13.77
C ASP B 263 -3.81 -4.95 14.99
N LEU B 264 -4.84 -4.52 15.72
CA LEU B 264 -5.35 -5.17 16.93
C LEU B 264 -5.91 -6.55 16.67
N LEU B 265 -6.68 -6.71 15.59
CA LEU B 265 -7.25 -8.01 15.28
C LEU B 265 -6.15 -9.03 14.99
N ASN B 266 -5.10 -8.68 14.30
CA ASN B 266 -4.00 -9.59 13.98
C ASN B 266 -3.12 -9.82 15.20
N ALA B 267 -3.08 -8.90 16.16
CA ALA B 267 -2.26 -9.11 17.37
C ALA B 267 -2.95 -10.19 18.20
N PHE B 268 -4.27 -10.21 18.17
CA PHE B 268 -5.12 -11.14 18.92
C PHE B 268 -4.92 -12.56 18.38
N SER B 269 -5.05 -12.71 17.05
CA SER B 269 -4.87 -14.00 16.39
C SER B 269 -3.44 -14.53 16.54
N LEU B 270 -2.44 -13.68 16.59
CA LEU B 270 -1.05 -14.05 16.77
C LEU B 270 -0.85 -14.63 18.19
N VAL B 271 -1.36 -13.93 19.21
CA VAL B 271 -1.23 -14.38 20.60
C VAL B 271 -1.91 -15.74 20.77
N ASP B 272 -3.04 -15.90 20.12
CA ASP B 272 -3.81 -17.14 20.10
C ASP B 272 -2.96 -18.27 19.50
N LEU B 273 -2.31 -18.06 18.37
CA LEU B 273 -1.45 -19.01 17.69
C LEU B 273 -0.23 -19.37 18.55
N LEU B 274 0.48 -18.42 19.15
CA LEU B 274 1.63 -18.70 19.97
C LEU B 274 1.27 -19.43 21.28
N GLU B 275 0.15 -19.12 21.88
CA GLU B 275 -0.21 -19.70 23.16
C GLU B 275 -1.13 -20.90 23.24
N ASN B 276 -2.07 -20.94 22.32
CA ASN B 276 -3.05 -22.05 22.27
C ASN B 276 -2.50 -22.97 21.19
N GLY B 277 -1.39 -23.52 21.60
CA GLY B 277 -0.67 -24.46 20.74
C GLY B 277 -1.28 -25.83 21.06
N PRO B 278 -0.79 -26.80 20.32
CA PRO B 278 -1.18 -28.21 20.47
C PRO B 278 -0.62 -28.74 21.80
N ASP B 279 -1.50 -29.57 22.35
CA ASP B 279 -1.31 -30.25 23.65
C ASP B 279 -1.41 -29.16 24.69
N GLY B 280 -2.44 -28.34 24.52
CA GLY B 280 -2.73 -27.19 25.37
C GLY B 280 -1.73 -26.04 25.38
N ALA B 281 -0.48 -26.46 25.38
CA ALA B 281 0.75 -25.68 25.42
C ALA B 281 1.03 -24.80 24.23
N PRO B 282 1.85 -23.78 24.49
CA PRO B 282 2.25 -22.80 23.48
C PRO B 282 2.97 -23.50 22.34
N ALA B 283 2.71 -22.97 21.16
CA ALA B 283 3.32 -23.49 19.95
C ALA B 283 4.74 -22.92 19.87
N TYR B 284 5.00 -21.88 20.66
CA TYR B 284 6.30 -21.20 20.61
C TYR B 284 6.77 -21.02 22.04
N ASP B 285 8.04 -21.35 22.25
CA ASP B 285 8.64 -21.28 23.57
C ASP B 285 9.80 -20.31 23.69
N GLY B 286 10.16 -19.48 22.77
CA GLY B 286 11.27 -18.55 22.86
C GLY B 286 10.76 -17.26 23.53
N PRO B 287 11.66 -16.29 23.49
CA PRO B 287 11.40 -14.94 24.02
C PRO B 287 10.33 -14.23 23.20
N ARG B 288 9.58 -13.46 23.97
CA ARG B 288 8.50 -12.59 23.41
C ARG B 288 9.24 -11.26 23.48
N HIS B 289 9.95 -10.92 22.45
CA HIS B 289 10.77 -9.69 22.41
C HIS B 289 10.10 -8.53 21.74
N PHE B 290 10.07 -7.39 22.42
CA PHE B 290 9.44 -6.14 21.93
C PHE B 290 10.48 -5.26 21.25
N ASP B 291 10.39 -5.08 19.97
CA ASP B 291 11.36 -4.22 19.23
C ASP B 291 10.44 -3.06 18.76
N TYR B 292 10.29 -2.08 19.61
CA TYR B 292 9.39 -0.95 19.39
C TYR B 292 10.10 0.34 19.81
N LYS B 293 9.40 1.45 19.65
CA LYS B 293 9.94 2.76 20.02
C LYS B 293 8.86 3.61 20.70
N PRO B 294 9.21 4.14 21.84
CA PRO B 294 8.31 5.04 22.59
C PRO B 294 8.14 6.27 21.67
N SER B 295 6.95 6.75 21.41
CA SER B 295 6.76 7.89 20.49
C SER B 295 7.61 9.09 20.84
N ARG B 296 8.00 9.84 19.83
CA ARG B 296 8.85 11.03 19.95
C ARG B 296 8.20 12.10 20.82
N THR B 297 6.89 12.07 21.00
CA THR B 297 6.17 13.06 21.81
C THR B 297 6.29 12.88 23.31
N GLU B 298 6.92 11.79 23.71
CA GLU B 298 7.07 11.34 25.08
C GLU B 298 8.37 11.60 25.79
N ASP B 299 8.28 11.70 27.11
CA ASP B 299 9.45 11.87 27.99
C ASP B 299 9.69 10.49 28.63
N TYR B 300 10.65 10.45 29.53
CA TYR B 300 11.04 9.22 30.22
C TYR B 300 9.86 8.58 30.90
N ASP B 301 8.85 9.34 31.32
CA ASP B 301 7.69 8.67 31.97
C ASP B 301 6.89 7.92 30.90
N GLY B 302 6.78 8.58 29.76
CA GLY B 302 6.05 7.97 28.64
C GLY B 302 6.86 6.74 28.23
N VAL B 303 8.17 6.82 28.30
CA VAL B 303 9.03 5.68 27.97
C VAL B 303 8.69 4.46 28.84
N TRP B 304 8.71 4.53 30.16
CA TRP B 304 8.37 3.38 31.01
C TRP B 304 6.92 2.96 30.84
N GLU B 305 6.07 3.94 30.59
CA GLU B 305 4.63 3.70 30.37
C GLU B 305 4.43 2.78 29.17
N SER B 306 5.12 3.12 28.09
CA SER B 306 5.10 2.38 26.82
C SER B 306 5.70 0.98 26.98
N ALA B 307 6.74 0.84 27.80
CA ALA B 307 7.40 -0.46 28.05
C ALA B 307 6.38 -1.41 28.70
N LYS B 308 5.67 -0.92 29.67
CA LYS B 308 4.63 -1.63 30.40
C LYS B 308 3.44 -1.93 29.52
N ALA B 309 3.12 -1.04 28.60
CA ALA B 309 1.98 -1.25 27.69
C ALA B 309 2.22 -2.48 26.83
N ASN B 310 3.46 -2.73 26.43
CA ASN B 310 3.76 -3.92 25.60
C ASN B 310 3.32 -5.17 26.37
N ILE B 311 3.75 -5.29 27.61
CA ILE B 311 3.44 -6.40 28.49
C ILE B 311 1.95 -6.55 28.72
N ARG B 312 1.34 -5.43 29.10
CA ARG B 312 -0.12 -5.42 29.38
C ARG B 312 -0.90 -5.87 28.16
N MET B 313 -0.60 -5.44 26.95
CA MET B 313 -1.23 -5.79 25.67
C MET B 313 -1.14 -7.30 25.43
N TYR B 314 0.03 -7.87 25.51
CA TYR B 314 0.23 -9.31 25.33
C TYR B 314 -0.59 -10.11 26.32
N LEU B 315 -0.54 -9.77 27.61
CA LEU B 315 -1.29 -10.47 28.68
C LEU B 315 -2.79 -10.32 28.55
N LEU B 316 -3.33 -9.17 28.21
CA LEU B 316 -4.79 -9.00 28.03
C LEU B 316 -5.30 -9.83 26.85
N LEU B 317 -4.49 -9.90 25.80
CA LEU B 317 -4.82 -10.64 24.57
C LEU B 317 -4.75 -12.14 24.88
N LYS B 318 -3.76 -12.56 25.61
CA LYS B 318 -3.58 -13.95 26.02
C LYS B 318 -4.82 -14.47 26.74
N GLU B 319 -5.25 -13.70 27.70
CA GLU B 319 -6.44 -13.92 28.53
C GLU B 319 -7.68 -14.07 27.68
N ARG B 320 -7.89 -13.22 26.68
CA ARG B 320 -9.04 -13.32 25.77
C ARG B 320 -8.92 -14.48 24.79
N ALA B 321 -7.72 -14.83 24.33
CA ALA B 321 -7.52 -15.94 23.39
C ALA B 321 -7.90 -17.24 24.08
N LYS B 322 -7.54 -17.36 25.33
CA LYS B 322 -7.88 -18.56 26.13
C LYS B 322 -9.38 -18.63 26.35
N ALA B 323 -10.04 -17.56 26.74
CA ALA B 323 -11.48 -17.56 26.98
C ALA B 323 -12.19 -17.94 25.67
N PHE B 324 -11.65 -17.46 24.58
CA PHE B 324 -12.21 -17.71 23.25
C PHE B 324 -12.29 -19.21 22.97
N ARG B 325 -11.16 -19.87 23.11
CA ARG B 325 -10.99 -21.30 22.86
C ARG B 325 -11.81 -22.13 23.84
N ALA B 326 -11.95 -21.68 25.05
CA ALA B 326 -12.72 -22.37 26.07
C ALA B 326 -14.23 -22.21 25.93
N ASP B 327 -14.74 -21.30 25.13
CA ASP B 327 -16.17 -21.06 24.97
C ASP B 327 -16.87 -22.12 24.15
N PRO B 328 -17.87 -22.77 24.75
CA PRO B 328 -18.68 -23.82 24.10
C PRO B 328 -19.32 -23.37 22.79
N GLU B 329 -19.74 -22.11 22.73
CA GLU B 329 -20.35 -21.58 21.52
C GLU B 329 -19.33 -21.43 20.40
N VAL B 330 -18.11 -21.14 20.80
CA VAL B 330 -17.02 -21.03 19.83
C VAL B 330 -16.80 -22.47 19.31
N GLN B 331 -16.77 -23.41 20.25
CA GLN B 331 -16.55 -24.84 19.94
C GLN B 331 -17.60 -25.27 18.92
N GLU B 332 -18.80 -24.83 19.11
CA GLU B 332 -19.89 -25.16 18.17
C GLU B 332 -19.66 -24.48 16.83
N ALA B 333 -19.14 -23.26 16.85
CA ALA B 333 -18.89 -22.53 15.58
C ALA B 333 -17.71 -23.18 14.87
N LEU B 334 -16.65 -23.57 15.57
CA LEU B 334 -15.48 -24.24 14.95
C LEU B 334 -15.91 -25.50 14.22
N ALA B 335 -16.81 -26.25 14.86
CA ALA B 335 -17.34 -27.49 14.29
C ALA B 335 -18.11 -27.19 13.02
N ALA B 336 -19.00 -26.24 13.02
CA ALA B 336 -19.79 -25.90 11.84
C ALA B 336 -18.88 -25.38 10.75
N SER B 337 -17.75 -24.80 11.12
CA SER B 337 -16.83 -24.24 10.09
C SER B 337 -15.89 -25.28 9.53
N LYS B 338 -15.87 -26.42 10.18
CA LYS B 338 -15.03 -27.57 9.83
C LYS B 338 -13.53 -27.31 9.92
N VAL B 339 -13.22 -26.43 10.84
CA VAL B 339 -11.83 -26.03 11.04
C VAL B 339 -11.00 -27.29 11.28
N ALA B 340 -11.42 -28.18 12.17
CA ALA B 340 -10.63 -29.39 12.46
C ALA B 340 -10.62 -30.48 11.41
N GLU B 341 -11.54 -30.44 10.48
CA GLU B 341 -11.63 -31.44 9.40
C GLU B 341 -10.47 -31.34 8.43
N LEU B 342 -9.80 -30.18 8.47
CA LEU B 342 -8.63 -29.86 7.62
C LEU B 342 -7.45 -30.70 8.15
N LYS B 343 -7.54 -31.07 9.41
CA LYS B 343 -6.45 -31.86 9.99
C LYS B 343 -6.50 -33.35 9.61
N THR B 344 -7.63 -33.85 9.17
CA THR B 344 -7.76 -35.24 8.73
C THR B 344 -7.25 -35.29 7.28
N PRO B 345 -6.38 -36.23 6.99
CA PRO B 345 -5.82 -36.38 5.65
C PRO B 345 -6.93 -36.46 4.61
N THR B 346 -6.61 -35.92 3.45
CA THR B 346 -7.48 -35.96 2.29
C THR B 346 -7.66 -37.42 1.86
N LEU B 347 -6.61 -38.20 1.88
CA LEU B 347 -6.65 -39.62 1.49
C LEU B 347 -6.79 -40.54 2.71
N ASN B 348 -7.53 -41.61 2.49
CA ASN B 348 -7.68 -42.63 3.56
C ASN B 348 -6.31 -43.29 3.66
N PRO B 349 -5.97 -43.82 4.81
CA PRO B 349 -4.69 -44.50 5.01
C PRO B 349 -4.56 -45.59 3.96
N GLY B 350 -3.41 -45.64 3.31
CA GLY B 350 -3.08 -46.57 2.26
C GLY B 350 -3.65 -46.20 0.92
N GLU B 351 -4.41 -45.17 0.74
CA GLU B 351 -4.93 -44.82 -0.61
C GLU B 351 -3.90 -44.02 -1.36
N GLY B 352 -3.67 -44.18 -2.64
CA GLY B 352 -2.72 -43.46 -3.49
C GLY B 352 -3.54 -43.01 -4.70
N TYR B 353 -2.88 -42.51 -5.73
CA TYR B 353 -3.67 -42.05 -6.90
C TYR B 353 -4.51 -43.14 -7.51
N ALA B 354 -4.06 -44.36 -7.43
CA ALA B 354 -4.80 -45.49 -8.06
C ALA B 354 -6.19 -45.69 -7.43
N GLU B 355 -6.19 -45.70 -6.11
CA GLU B 355 -7.41 -45.82 -5.35
C GLU B 355 -8.22 -44.55 -5.51
N LEU B 356 -7.63 -43.38 -5.54
CA LEU B 356 -8.42 -42.14 -5.68
C LEU B 356 -9.13 -42.15 -7.04
N LEU B 357 -8.44 -42.58 -8.08
CA LEU B 357 -8.98 -42.66 -9.44
C LEU B 357 -10.16 -43.60 -9.57
N ALA B 358 -10.14 -44.62 -8.73
CA ALA B 358 -11.17 -45.66 -8.69
C ALA B 358 -12.40 -45.22 -7.93
N ASP B 359 -12.33 -44.15 -7.17
CA ASP B 359 -13.45 -43.62 -6.37
C ASP B 359 -14.36 -42.74 -7.18
N ARG B 360 -15.44 -43.27 -7.71
CA ARG B 360 -16.38 -42.49 -8.51
C ARG B 360 -16.96 -41.34 -7.71
N SER B 361 -17.05 -41.54 -6.42
CA SER B 361 -17.63 -40.51 -5.53
C SER B 361 -16.80 -39.23 -5.42
N ALA B 362 -15.55 -39.28 -5.77
CA ALA B 362 -14.64 -38.14 -5.72
C ALA B 362 -14.70 -37.39 -7.04
N PHE B 363 -15.43 -37.90 -8.05
CA PHE B 363 -15.44 -37.13 -9.30
C PHE B 363 -16.67 -37.38 -10.13
N GLU B 364 -16.68 -38.53 -10.76
CA GLU B 364 -17.81 -38.91 -11.62
C GLU B 364 -19.16 -38.73 -10.96
N ASP B 365 -19.34 -39.15 -9.73
CA ASP B 365 -20.64 -39.03 -9.08
C ASP B 365 -20.59 -37.94 -8.01
N TYR B 366 -19.67 -37.01 -8.14
CA TYR B 366 -19.63 -35.95 -7.10
C TYR B 366 -20.58 -34.80 -7.46
N ASP B 367 -21.41 -34.41 -6.53
CA ASP B 367 -22.37 -33.32 -6.73
C ASP B 367 -21.73 -31.99 -6.27
N ALA B 368 -20.93 -31.40 -7.14
CA ALA B 368 -20.25 -30.15 -6.81
C ALA B 368 -21.26 -29.07 -6.47
N ASP B 369 -22.39 -29.05 -7.15
CA ASP B 369 -23.43 -28.05 -6.91
C ASP B 369 -24.07 -28.13 -5.54
N ALA B 370 -24.32 -29.32 -5.06
CA ALA B 370 -24.93 -29.44 -3.74
C ALA B 370 -23.90 -28.99 -2.70
N VAL B 371 -22.67 -29.41 -2.88
CA VAL B 371 -21.61 -29.03 -1.92
C VAL B 371 -21.38 -27.52 -1.88
N GLY B 372 -21.35 -26.91 -3.05
CA GLY B 372 -21.15 -25.48 -3.23
C GLY B 372 -22.21 -24.58 -2.63
N ALA B 373 -23.39 -25.08 -2.34
CA ALA B 373 -24.50 -24.34 -1.75
C ALA B 373 -24.40 -24.22 -0.23
N LYS B 374 -23.65 -25.08 0.43
CA LYS B 374 -23.52 -25.03 1.88
C LYS B 374 -22.52 -23.99 2.38
N GLY B 375 -22.91 -23.18 3.32
CA GLY B 375 -22.05 -22.13 3.88
C GLY B 375 -21.10 -22.64 4.95
N PHE B 376 -20.03 -21.93 5.23
CA PHE B 376 -19.08 -22.36 6.25
C PHE B 376 -19.25 -21.68 7.59
N GLY B 377 -20.10 -20.67 7.72
CA GLY B 377 -20.30 -20.04 9.04
C GLY B 377 -19.06 -19.32 9.54
N PHE B 378 -18.25 -18.84 8.63
CA PHE B 378 -17.02 -18.11 9.01
C PHE B 378 -17.34 -16.74 9.63
N VAL B 379 -18.32 -16.03 9.11
CA VAL B 379 -18.66 -14.72 9.69
C VAL B 379 -19.05 -14.86 11.16
N LYS B 380 -19.93 -15.79 11.46
CA LYS B 380 -20.33 -16.02 12.87
C LYS B 380 -19.14 -16.33 13.77
N LEU B 381 -18.28 -17.20 13.28
CA LEU B 381 -17.05 -17.61 13.97
C LEU B 381 -16.19 -16.36 14.21
N ASN B 382 -16.00 -15.49 13.22
CA ASN B 382 -15.21 -14.27 13.38
C ASN B 382 -15.84 -13.31 14.40
N GLN B 383 -17.15 -13.12 14.34
CA GLN B 383 -17.89 -12.27 15.27
C GLN B 383 -17.69 -12.76 16.69
N LEU B 384 -17.70 -14.07 16.93
CA LEU B 384 -17.46 -14.62 18.29
C LEU B 384 -16.06 -14.32 18.75
N ALA B 385 -15.04 -14.44 17.92
CA ALA B 385 -13.66 -14.12 18.25
C ALA B 385 -13.56 -12.66 18.73
N ILE B 386 -14.12 -11.74 17.96
CA ILE B 386 -14.12 -10.31 18.27
C ILE B 386 -14.86 -9.99 19.55
N GLU B 387 -16.01 -10.57 19.79
CA GLU B 387 -16.75 -10.34 21.05
C GLU B 387 -15.91 -10.81 22.22
N HIS B 388 -15.10 -11.86 22.05
CA HIS B 388 -14.21 -12.32 23.11
C HIS B 388 -13.11 -11.24 23.31
N LEU B 389 -12.61 -10.71 22.18
CA LEU B 389 -11.58 -9.66 22.23
C LEU B 389 -12.14 -8.41 22.94
N LEU B 390 -13.39 -8.02 22.68
CA LEU B 390 -13.98 -6.85 23.33
C LEU B 390 -14.41 -7.11 24.77
N GLY B 391 -14.25 -8.30 25.27
CA GLY B 391 -14.67 -8.65 26.63
C GLY B 391 -16.20 -8.59 26.67
N ALA B 392 -16.92 -8.81 25.61
CA ALA B 392 -18.36 -8.73 25.55
C ALA B 392 -19.05 -10.06 25.82
N ARG B 393 -18.27 -11.08 25.99
CA ARG B 393 -18.72 -12.43 26.27
C ARG B 393 -17.68 -12.88 27.35
N VAL C 2 -27.00 -5.63 24.08
CA VAL C 2 -27.55 -4.39 23.49
C VAL C 2 -28.34 -4.71 22.21
N GLN C 3 -29.50 -4.07 22.16
CA GLN C 3 -30.46 -4.18 21.06
C GLN C 3 -30.60 -2.82 20.36
N ALA C 4 -30.85 -2.93 19.07
CA ALA C 4 -31.04 -1.80 18.16
C ALA C 4 -32.44 -1.19 18.31
N THR C 5 -32.53 0.12 18.21
CA THR C 5 -33.75 0.92 18.27
C THR C 5 -33.84 1.73 16.96
N ARG C 6 -35.02 2.21 16.63
CA ARG C 6 -35.22 3.00 15.41
C ARG C 6 -34.38 4.27 15.52
N GLU C 7 -34.11 4.68 16.72
CA GLU C 7 -33.34 5.87 17.06
C GLU C 7 -31.88 5.76 16.70
N ASP C 8 -31.42 4.52 16.58
CA ASP C 8 -30.03 4.16 16.23
C ASP C 8 -29.79 4.42 14.74
N LYS C 9 -30.85 4.35 13.99
CA LYS C 9 -30.91 4.61 12.57
C LYS C 9 -30.00 3.72 11.72
N PHE C 10 -30.11 2.44 11.93
CA PHE C 10 -29.27 1.51 11.15
C PHE C 10 -29.98 1.27 9.83
N SER C 11 -29.31 1.46 8.71
CA SER C 11 -29.95 1.22 7.42
C SER C 11 -29.01 0.27 6.65
N PHE C 12 -29.57 -0.41 5.64
CA PHE C 12 -28.75 -1.35 4.84
C PHE C 12 -29.11 -1.23 3.38
N GLY C 13 -28.23 -1.41 2.44
CA GLY C 13 -28.59 -1.36 1.03
C GLY C 13 -29.13 -2.78 0.69
N LEU C 14 -30.08 -2.76 -0.22
CA LEU C 14 -30.74 -3.98 -0.73
C LEU C 14 -29.70 -4.95 -1.29
N TRP C 15 -28.70 -4.39 -1.94
CA TRP C 15 -27.54 -4.96 -2.60
C TRP C 15 -26.49 -5.50 -1.64
N THR C 16 -26.56 -5.29 -0.33
CA THR C 16 -25.58 -5.79 0.65
C THR C 16 -25.98 -7.23 0.94
N VAL C 17 -27.06 -7.44 1.68
CA VAL C 17 -27.61 -8.77 2.02
C VAL C 17 -28.01 -9.54 0.77
N GLY C 18 -28.36 -8.86 -0.28
CA GLY C 18 -28.77 -9.41 -1.54
C GLY C 18 -27.62 -9.73 -2.47
N TRP C 19 -26.36 -9.49 -2.11
CA TRP C 19 -25.22 -9.76 -2.97
C TRP C 19 -25.06 -11.26 -3.18
N GLN C 20 -25.15 -11.75 -4.39
CA GLN C 20 -25.06 -13.18 -4.73
C GLN C 20 -23.69 -13.82 -4.68
N ALA C 21 -22.67 -13.08 -4.41
CA ALA C 21 -21.30 -13.43 -4.22
C ALA C 21 -20.61 -13.96 -5.45
N ARG C 22 -20.94 -13.37 -6.55
CA ARG C 22 -20.35 -13.62 -7.87
C ARG C 22 -19.15 -12.67 -7.79
N ASP C 23 -17.92 -13.10 -7.78
CA ASP C 23 -16.80 -12.15 -7.69
C ASP C 23 -16.05 -12.11 -9.02
N ALA C 24 -14.92 -11.45 -8.99
CA ALA C 24 -14.09 -11.27 -10.18
C ALA C 24 -13.51 -12.59 -10.69
N PHE C 25 -13.49 -13.60 -9.82
CA PHE C 25 -12.99 -14.92 -10.21
C PHE C 25 -13.93 -16.09 -9.97
N GLY C 26 -15.21 -15.91 -9.77
CA GLY C 26 -16.08 -17.08 -9.51
C GLY C 26 -17.52 -16.69 -9.62
N ASP C 27 -18.29 -17.73 -9.76
CA ASP C 27 -19.73 -17.69 -9.93
C ASP C 27 -20.37 -17.39 -8.58
N ALA C 28 -21.62 -17.04 -8.68
CA ALA C 28 -22.47 -16.71 -7.54
C ALA C 28 -22.62 -17.95 -6.68
N THR C 29 -22.57 -17.78 -5.37
CA THR C 29 -22.77 -18.92 -4.47
C THR C 29 -24.12 -18.82 -3.80
N ARG C 30 -24.89 -17.77 -4.03
CA ARG C 30 -26.18 -17.59 -3.34
C ARG C 30 -27.19 -17.25 -4.43
N THR C 31 -28.43 -17.64 -4.19
CA THR C 31 -29.56 -17.36 -5.10
C THR C 31 -30.00 -15.94 -4.82
N ALA C 32 -30.82 -15.42 -5.68
CA ALA C 32 -31.34 -14.04 -5.55
C ALA C 32 -32.17 -13.85 -4.32
N LEU C 33 -32.07 -12.68 -3.70
CA LEU C 33 -32.87 -12.36 -2.50
C LEU C 33 -34.04 -11.52 -3.01
N ASP C 34 -35.23 -11.83 -2.57
CA ASP C 34 -36.45 -11.11 -2.92
C ASP C 34 -36.54 -9.87 -2.00
N PRO C 35 -36.81 -8.74 -2.64
CA PRO C 35 -36.90 -7.44 -2.00
C PRO C 35 -37.90 -7.31 -0.87
N VAL C 36 -39.05 -7.94 -1.00
CA VAL C 36 -40.10 -7.89 0.03
C VAL C 36 -39.58 -8.67 1.23
N GLU C 37 -38.91 -9.75 0.87
CA GLU C 37 -38.28 -10.64 1.83
C GLU C 37 -37.20 -9.88 2.60
N ALA C 38 -36.34 -9.20 1.86
CA ALA C 38 -35.27 -8.41 2.45
C ALA C 38 -35.81 -7.38 3.43
N VAL C 39 -36.88 -6.68 3.11
CA VAL C 39 -37.54 -5.66 3.92
C VAL C 39 -38.02 -6.27 5.24
N HIS C 40 -38.59 -7.45 5.07
CA HIS C 40 -39.10 -8.20 6.22
C HIS C 40 -37.99 -8.65 7.13
N LYS C 41 -36.95 -9.26 6.58
CA LYS C 41 -35.80 -9.71 7.35
C LYS C 41 -35.03 -8.59 8.04
N LEU C 42 -34.83 -7.48 7.35
CA LEU C 42 -34.14 -6.32 7.90
C LEU C 42 -34.98 -5.68 9.00
N ALA C 43 -36.27 -5.65 8.80
CA ALA C 43 -37.16 -5.06 9.82
C ALA C 43 -36.97 -5.80 11.15
N GLU C 44 -36.83 -7.10 11.02
CA GLU C 44 -36.66 -8.05 12.10
C GLU C 44 -35.36 -7.91 12.87
N ILE C 45 -34.24 -7.63 12.20
CA ILE C 45 -32.94 -7.50 12.91
C ILE C 45 -32.74 -6.13 13.53
N GLY C 46 -33.64 -5.20 13.30
CA GLY C 46 -33.58 -3.86 13.88
C GLY C 46 -33.26 -2.70 12.98
N ALA C 47 -33.18 -2.91 11.68
CA ALA C 47 -32.87 -1.82 10.74
C ALA C 47 -34.06 -0.85 10.77
N TYR C 48 -33.84 0.43 10.60
CA TYR C 48 -34.93 1.43 10.60
C TYR C 48 -35.23 1.77 9.15
N GLY C 49 -34.27 1.51 8.26
CA GLY C 49 -34.42 1.85 6.85
C GLY C 49 -33.65 0.97 5.88
N ILE C 50 -34.05 1.03 4.61
CA ILE C 50 -33.46 0.30 3.50
C ILE C 50 -33.18 1.25 2.33
N THR C 51 -32.14 0.97 1.56
CA THR C 51 -31.77 1.83 0.41
C THR C 51 -31.55 0.94 -0.81
N PHE C 52 -31.52 1.46 -2.00
CA PHE C 52 -31.33 0.59 -3.16
C PHE C 52 -30.90 1.40 -4.38
N HIS C 53 -30.30 0.72 -5.33
CA HIS C 53 -29.97 1.32 -6.60
C HIS C 53 -31.28 0.98 -7.39
N ASP C 54 -31.61 1.73 -8.39
CA ASP C 54 -32.77 1.51 -9.24
C ASP C 54 -32.78 0.04 -9.70
N ASP C 55 -31.70 -0.37 -10.34
CA ASP C 55 -31.50 -1.71 -10.89
C ASP C 55 -31.47 -2.81 -9.83
N ASP C 56 -31.42 -2.55 -8.54
CA ASP C 56 -31.46 -3.63 -7.57
C ASP C 56 -32.93 -4.04 -7.37
N LEU C 57 -33.86 -3.12 -7.43
CA LEU C 57 -35.29 -3.33 -7.23
C LEU C 57 -36.05 -3.74 -8.49
N VAL C 58 -35.86 -2.98 -9.54
CA VAL C 58 -36.49 -3.12 -10.84
C VAL C 58 -35.35 -3.49 -11.82
N PRO C 59 -35.38 -4.71 -12.31
CA PRO C 59 -34.38 -5.23 -13.24
C PRO C 59 -34.26 -4.33 -14.44
N PHE C 60 -33.02 -4.15 -14.83
CA PHE C 60 -32.71 -3.30 -15.97
C PHE C 60 -33.63 -3.77 -17.12
N GLY C 61 -34.27 -2.77 -17.72
CA GLY C 61 -35.18 -2.93 -18.83
C GLY C 61 -36.56 -3.44 -18.57
N SER C 62 -37.13 -3.41 -17.39
CA SER C 62 -38.48 -3.86 -17.09
C SER C 62 -39.46 -2.88 -17.74
N ASP C 63 -40.52 -3.41 -18.29
CA ASP C 63 -41.55 -2.55 -18.94
C ASP C 63 -42.26 -1.90 -17.76
N ALA C 64 -42.97 -0.83 -18.05
CA ALA C 64 -43.68 -0.05 -17.03
C ALA C 64 -44.64 -0.82 -16.14
N GLN C 65 -45.31 -1.76 -16.78
CA GLN C 65 -46.29 -2.59 -16.08
C GLN C 65 -45.52 -3.33 -14.98
N THR C 66 -44.44 -3.93 -15.41
CA THR C 66 -43.59 -4.70 -14.52
C THR C 66 -43.02 -3.79 -13.44
N ARG C 67 -42.37 -2.73 -13.88
CA ARG C 67 -41.77 -1.77 -12.95
C ARG C 67 -42.79 -1.30 -11.93
N ASP C 68 -43.96 -0.90 -12.42
CA ASP C 68 -45.05 -0.41 -11.59
C ASP C 68 -45.48 -1.45 -10.56
N GLY C 69 -45.55 -2.69 -10.99
CA GLY C 69 -45.93 -3.80 -10.13
C GLY C 69 -44.99 -3.96 -8.95
N ILE C 70 -43.68 -3.93 -9.23
CA ILE C 70 -42.63 -4.09 -8.22
C ILE C 70 -42.64 -3.02 -7.14
N ILE C 71 -42.79 -1.78 -7.59
CA ILE C 71 -42.82 -0.64 -6.67
C ILE C 71 -43.97 -0.75 -5.70
N ALA C 72 -45.12 -1.13 -6.22
CA ALA C 72 -46.34 -1.29 -5.39
C ALA C 72 -46.12 -2.34 -4.29
N GLY C 73 -45.51 -3.45 -4.68
CA GLY C 73 -45.23 -4.52 -3.70
C GLY C 73 -44.29 -4.09 -2.55
N PHE C 74 -43.27 -3.39 -3.04
CA PHE C 74 -42.19 -2.83 -2.23
C PHE C 74 -42.77 -1.85 -1.22
N LYS C 75 -43.56 -0.91 -1.71
CA LYS C 75 -44.17 0.10 -0.86
C LYS C 75 -45.04 -0.55 0.22
N LYS C 76 -45.70 -1.62 -0.15
CA LYS C 76 -46.53 -2.36 0.81
C LYS C 76 -45.72 -2.99 1.94
N ALA C 77 -44.58 -3.56 1.58
CA ALA C 77 -43.67 -4.17 2.55
C ALA C 77 -43.14 -3.10 3.50
N LEU C 78 -42.87 -1.92 2.94
CA LEU C 78 -42.36 -0.80 3.75
C LEU C 78 -43.38 -0.47 4.84
N ASP C 79 -44.57 -0.33 4.33
CA ASP C 79 -45.79 -0.01 5.06
C ASP C 79 -46.04 -0.88 6.29
N GLU C 80 -46.01 -2.15 5.96
CA GLU C 80 -46.21 -3.20 6.93
C GLU C 80 -45.13 -3.26 7.99
N THR C 81 -43.87 -3.13 7.58
CA THR C 81 -42.80 -3.22 8.58
C THR C 81 -42.49 -1.92 9.30
N GLY C 82 -42.86 -0.80 8.74
CA GLY C 82 -42.58 0.51 9.33
C GLY C 82 -41.15 0.99 8.95
N LEU C 83 -40.62 0.40 7.88
CA LEU C 83 -39.29 0.75 7.39
C LEU C 83 -39.39 1.95 6.44
N ILE C 84 -38.40 2.83 6.51
CA ILE C 84 -38.32 3.99 5.60
C ILE C 84 -37.13 3.76 4.62
N VAL C 85 -37.13 4.67 3.65
CA VAL C 85 -36.14 4.78 2.59
C VAL C 85 -35.46 6.15 2.76
N PRO C 86 -34.35 6.14 3.50
CA PRO C 86 -33.64 7.38 3.75
C PRO C 86 -32.85 7.89 2.57
N MET C 87 -32.43 6.98 1.71
CA MET C 87 -31.56 7.34 0.58
C MET C 87 -31.80 6.38 -0.56
N VAL C 88 -31.56 6.81 -1.77
CA VAL C 88 -31.70 6.02 -2.98
C VAL C 88 -30.47 6.40 -3.78
N THR C 89 -30.13 5.55 -4.70
CA THR C 89 -28.98 5.75 -5.63
C THR C 89 -29.31 5.09 -6.97
N THR C 90 -28.47 5.30 -7.94
CA THR C 90 -28.58 4.88 -9.32
C THR C 90 -27.37 4.06 -9.77
N ASN C 91 -27.68 2.97 -10.47
CA ASN C 91 -26.59 2.12 -10.96
C ASN C 91 -26.12 2.70 -12.28
N LEU C 92 -24.95 3.34 -12.24
CA LEU C 92 -24.28 3.91 -13.42
C LEU C 92 -22.94 3.15 -13.64
N PHE C 93 -22.89 1.87 -13.29
CA PHE C 93 -21.66 1.10 -13.41
C PHE C 93 -21.75 -0.31 -13.95
N THR C 94 -22.90 -0.97 -13.83
CA THR C 94 -22.96 -2.36 -14.32
C THR C 94 -23.06 -2.58 -15.80
N HIS C 95 -24.00 -1.92 -16.43
CA HIS C 95 -24.23 -2.08 -17.88
C HIS C 95 -23.04 -1.65 -18.67
N PRO C 96 -22.71 -2.42 -19.70
CA PRO C 96 -21.59 -2.14 -20.60
C PRO C 96 -21.59 -0.74 -21.18
N VAL C 97 -22.73 -0.08 -21.37
CA VAL C 97 -22.71 1.28 -21.92
C VAL C 97 -21.90 2.22 -21.01
N PHE C 98 -21.81 1.92 -19.72
CA PHE C 98 -21.14 2.73 -18.71
C PHE C 98 -19.66 2.35 -18.54
N LYS C 99 -19.11 1.59 -19.46
CA LYS C 99 -17.70 1.14 -19.30
C LYS C 99 -16.66 2.24 -19.17
N ASP C 100 -16.92 3.44 -19.69
CA ASP C 100 -15.97 4.54 -19.56
C ASP C 100 -16.58 5.61 -18.66
N GLY C 101 -17.66 5.34 -17.94
CA GLY C 101 -18.31 6.31 -17.06
C GLY C 101 -19.76 6.57 -17.47
N GLY C 102 -20.48 7.28 -16.63
CA GLY C 102 -21.88 7.67 -16.86
C GLY C 102 -21.75 9.17 -17.17
N PHE C 103 -21.72 10.03 -16.19
CA PHE C 103 -21.59 11.48 -16.39
C PHE C 103 -20.33 11.94 -17.09
N THR C 104 -19.22 11.20 -17.04
CA THR C 104 -17.97 11.59 -17.68
C THR C 104 -17.44 10.64 -18.75
N SER C 105 -18.29 9.83 -19.34
CA SER C 105 -17.90 8.92 -20.44
C SER C 105 -17.45 9.83 -21.58
N ASN C 106 -16.48 9.38 -22.37
CA ASN C 106 -15.98 10.12 -23.53
C ASN C 106 -17.14 10.28 -24.53
N ASP C 107 -18.01 9.31 -24.59
CA ASP C 107 -19.19 9.31 -25.47
C ASP C 107 -20.30 10.26 -24.99
N ARG C 108 -20.62 11.32 -25.74
CA ARG C 108 -21.63 12.29 -25.38
C ARG C 108 -23.00 11.68 -25.17
N SER C 109 -23.37 10.71 -25.93
CA SER C 109 -24.68 10.05 -25.84
C SER C 109 -24.88 9.28 -24.54
N VAL C 110 -23.83 8.67 -24.01
CA VAL C 110 -23.92 7.94 -22.73
C VAL C 110 -24.15 8.89 -21.55
N ARG C 111 -23.51 10.05 -21.66
CA ARG C 111 -23.59 11.13 -20.65
C ARG C 111 -25.04 11.58 -20.56
N ARG C 112 -25.66 11.80 -21.72
CA ARG C 112 -27.06 12.22 -21.84
C ARG C 112 -27.94 11.15 -21.24
N TYR C 113 -27.71 9.90 -21.60
CA TYR C 113 -28.48 8.78 -21.03
C TYR C 113 -28.31 8.61 -19.54
N ALA C 114 -27.09 8.83 -19.02
CA ALA C 114 -26.74 8.76 -17.61
C ALA C 114 -27.61 9.73 -16.82
N ILE C 115 -27.75 10.96 -17.30
CA ILE C 115 -28.58 11.97 -16.64
C ILE C 115 -30.05 11.52 -16.62
N ARG C 116 -30.60 11.06 -17.73
CA ARG C 116 -31.99 10.58 -17.78
C ARG C 116 -32.21 9.46 -16.77
N LYS C 117 -31.28 8.52 -16.65
CA LYS C 117 -31.38 7.38 -15.72
C LYS C 117 -31.47 7.87 -14.30
N VAL C 118 -30.73 8.87 -13.92
CA VAL C 118 -30.73 9.48 -12.59
C VAL C 118 -32.00 10.29 -12.32
N LEU C 119 -32.44 11.10 -13.27
CA LEU C 119 -33.65 11.90 -13.07
C LEU C 119 -34.80 10.97 -12.68
N ARG C 120 -34.85 9.89 -13.43
CA ARG C 120 -35.87 8.86 -13.20
C ARG C 120 -35.82 8.27 -11.81
N GLN C 121 -34.63 8.00 -11.32
CA GLN C 121 -34.46 7.46 -9.97
C GLN C 121 -34.81 8.53 -8.95
N MET C 122 -34.61 9.79 -9.25
CA MET C 122 -34.91 10.94 -8.37
C MET C 122 -36.40 11.03 -8.06
N ASP C 123 -37.18 10.82 -9.09
CA ASP C 123 -38.65 10.82 -9.02
C ASP C 123 -39.10 9.70 -8.07
N LEU C 124 -38.52 8.52 -8.24
CA LEU C 124 -38.88 7.37 -7.40
C LEU C 124 -38.47 7.61 -5.96
N GLY C 125 -37.28 8.16 -5.75
CA GLY C 125 -36.82 8.46 -4.38
C GLY C 125 -37.75 9.47 -3.72
N ALA C 126 -38.10 10.47 -4.52
CA ALA C 126 -39.00 11.55 -4.08
C ALA C 126 -40.34 10.90 -3.62
N GLU C 127 -40.87 10.03 -4.44
CA GLU C 127 -42.06 9.25 -4.23
C GLU C 127 -42.02 8.41 -2.95
N LEU C 128 -40.87 7.84 -2.63
CA LEU C 128 -40.73 7.00 -1.43
C LEU C 128 -40.36 7.79 -0.18
N GLY C 129 -40.12 9.07 -0.31
CA GLY C 129 -39.75 9.91 0.82
C GLY C 129 -38.26 10.00 1.08
N ALA C 130 -37.39 9.56 0.16
CA ALA C 130 -35.95 9.61 0.42
C ALA C 130 -35.49 11.07 0.52
N LYS C 131 -34.54 11.30 1.39
CA LYS C 131 -33.99 12.62 1.62
C LYS C 131 -32.62 12.81 0.94
N THR C 132 -31.92 11.73 0.65
CA THR C 132 -30.60 11.81 0.06
C THR C 132 -30.47 11.02 -1.21
N LEU C 133 -29.72 11.60 -2.14
CA LEU C 133 -29.43 10.94 -3.41
C LEU C 133 -27.90 10.68 -3.32
N VAL C 134 -27.51 9.41 -3.31
CA VAL C 134 -26.07 9.14 -3.24
C VAL C 134 -25.61 8.95 -4.69
N LEU C 135 -24.47 9.56 -5.04
CA LEU C 135 -23.90 9.42 -6.38
C LEU C 135 -22.53 8.78 -6.24
N TRP C 136 -22.39 7.53 -6.67
CA TRP C 136 -21.10 6.83 -6.64
C TRP C 136 -20.61 6.73 -8.11
N GLY C 137 -19.64 7.53 -8.50
CA GLY C 137 -19.09 7.56 -9.86
C GLY C 137 -17.99 6.51 -10.03
N GLY C 138 -18.34 5.26 -9.89
CA GLY C 138 -17.48 4.08 -9.98
C GLY C 138 -16.81 3.87 -11.31
N ARG C 139 -17.43 4.29 -12.40
CA ARG C 139 -16.84 4.14 -13.74
C ARG C 139 -16.19 5.43 -14.21
N GLU C 140 -16.16 6.50 -13.47
CA GLU C 140 -15.55 7.79 -13.83
C GLU C 140 -14.08 7.73 -13.47
N GLY C 141 -13.23 7.78 -14.48
CA GLY C 141 -11.77 7.69 -14.20
C GLY C 141 -11.11 7.09 -15.43
N ALA C 142 -10.04 6.34 -15.23
CA ALA C 142 -9.33 5.77 -16.38
C ALA C 142 -8.32 4.69 -16.02
N GLU C 143 -7.83 4.01 -17.05
CA GLU C 143 -6.77 3.01 -16.80
C GLU C 143 -5.45 3.60 -17.29
N TYR C 144 -5.50 4.54 -18.22
CA TYR C 144 -4.36 5.18 -18.87
C TYR C 144 -4.51 6.70 -18.85
N ASP C 145 -3.45 7.41 -18.54
CA ASP C 145 -3.55 8.86 -18.41
C ASP C 145 -3.98 9.57 -19.67
N SER C 146 -3.56 9.12 -20.86
CA SER C 146 -3.94 9.89 -22.06
C SER C 146 -5.38 9.69 -22.52
N ALA C 147 -6.09 8.77 -21.90
CA ALA C 147 -7.46 8.45 -22.28
C ALA C 147 -8.52 9.38 -21.73
N LYS C 148 -8.26 10.10 -20.70
CA LYS C 148 -9.21 10.98 -20.01
C LYS C 148 -8.66 12.36 -19.75
N ASP C 149 -9.38 13.37 -20.22
CA ASP C 149 -9.07 14.80 -19.96
C ASP C 149 -9.78 15.10 -18.66
N VAL C 150 -9.04 15.13 -17.57
CA VAL C 150 -9.57 15.33 -16.22
C VAL C 150 -10.35 16.63 -16.08
N SER C 151 -9.80 17.67 -16.64
CA SER C 151 -10.41 18.99 -16.61
C SER C 151 -11.81 18.97 -17.23
N ALA C 152 -11.83 18.47 -18.45
CA ALA C 152 -13.12 18.35 -19.16
C ALA C 152 -14.02 17.41 -18.36
N ALA C 153 -13.48 16.32 -17.80
CA ALA C 153 -14.32 15.40 -17.02
C ALA C 153 -14.96 16.14 -15.85
N LEU C 154 -14.27 16.98 -15.11
CA LEU C 154 -14.80 17.74 -13.97
C LEU C 154 -15.88 18.71 -14.42
N ASP C 155 -15.69 19.28 -15.61
CA ASP C 155 -16.68 20.22 -16.19
C ASP C 155 -18.02 19.51 -16.43
N ARG C 156 -17.90 18.31 -16.99
CA ARG C 156 -19.04 17.47 -17.31
C ARG C 156 -19.63 16.88 -16.04
N TYR C 157 -18.87 16.57 -15.01
CA TYR C 157 -19.40 16.04 -13.75
C TYR C 157 -20.22 17.18 -13.14
N ARG C 158 -19.67 18.38 -13.19
CA ARG C 158 -20.31 19.59 -12.67
C ARG C 158 -21.58 19.95 -13.43
N GLU C 159 -21.47 19.91 -14.76
CA GLU C 159 -22.59 20.21 -15.64
C GLU C 159 -23.81 19.37 -15.29
N ALA C 160 -23.59 18.08 -15.09
CA ALA C 160 -24.60 17.09 -14.74
C ALA C 160 -25.21 17.32 -13.36
N LEU C 161 -24.39 17.54 -12.35
CA LEU C 161 -24.89 17.79 -10.99
C LEU C 161 -25.71 19.08 -10.89
N ASN C 162 -25.26 20.14 -11.54
CA ASN C 162 -25.98 21.42 -11.53
C ASN C 162 -27.44 21.26 -12.02
N LEU C 163 -27.62 20.43 -13.03
CA LEU C 163 -28.89 20.11 -13.63
C LEU C 163 -29.81 19.35 -12.67
N LEU C 164 -29.25 18.36 -11.98
CA LEU C 164 -29.98 17.54 -11.01
C LEU C 164 -30.50 18.43 -9.88
N ALA C 165 -29.64 19.32 -9.41
CA ALA C 165 -30.05 20.21 -8.30
C ALA C 165 -31.15 21.13 -8.81
N GLN C 166 -31.05 21.61 -10.04
CA GLN C 166 -32.04 22.50 -10.64
C GLN C 166 -33.42 21.87 -10.62
N TYR C 167 -33.41 20.65 -11.13
CA TYR C 167 -34.62 19.85 -11.22
C TYR C 167 -35.24 19.57 -9.88
N SER C 168 -34.47 19.17 -8.90
CA SER C 168 -34.90 18.85 -7.54
C SER C 168 -35.53 20.10 -6.93
N GLU C 169 -34.82 21.18 -7.07
CA GLU C 169 -35.28 22.47 -6.53
C GLU C 169 -36.56 22.93 -7.20
N ASP C 170 -36.68 22.88 -8.50
CA ASP C 170 -37.92 23.29 -9.19
C ASP C 170 -39.16 22.49 -8.76
N ARG C 171 -38.99 21.21 -8.72
CA ARG C 171 -39.96 20.22 -8.34
C ARG C 171 -40.28 20.22 -6.87
N GLY C 172 -39.51 20.82 -6.02
CA GLY C 172 -39.73 20.84 -4.57
C GLY C 172 -39.37 19.53 -3.87
N TYR C 173 -38.46 18.74 -4.43
CA TYR C 173 -38.10 17.45 -3.83
C TYR C 173 -37.32 17.54 -2.52
N GLY C 174 -36.61 18.61 -2.29
CA GLY C 174 -35.89 18.76 -1.03
C GLY C 174 -34.73 17.76 -0.85
N LEU C 175 -34.25 17.16 -1.93
CA LEU C 175 -33.14 16.23 -1.81
C LEU C 175 -31.83 16.95 -1.49
N ARG C 176 -30.93 16.25 -0.82
CA ARG C 176 -29.54 16.60 -0.51
C ARG C 176 -28.75 15.58 -1.39
N PHE C 177 -27.62 15.93 -1.96
CA PHE C 177 -26.79 15.12 -2.86
C PHE C 177 -25.47 14.78 -2.19
N ALA C 178 -25.12 13.51 -2.10
CA ALA C 178 -23.90 13.05 -1.40
C ALA C 178 -23.01 12.32 -2.37
N ILE C 179 -21.89 12.92 -2.75
CA ILE C 179 -20.93 12.33 -3.67
C ILE C 179 -20.12 11.28 -2.87
N GLU C 180 -19.97 10.13 -3.48
CA GLU C 180 -19.19 9.02 -2.87
C GLU C 180 -17.82 8.80 -3.51
N PRO C 181 -16.80 9.11 -2.74
CA PRO C 181 -15.38 9.02 -3.22
C PRO C 181 -14.86 7.59 -3.08
N LYS C 182 -13.97 7.21 -3.96
CA LYS C 182 -13.32 5.89 -4.06
C LYS C 182 -12.07 6.09 -4.90
N PRO C 183 -10.93 5.60 -4.48
CA PRO C 183 -9.68 5.79 -5.23
C PRO C 183 -9.53 4.95 -6.48
N ASN C 184 -10.07 3.74 -6.43
CA ASN C 184 -9.94 2.80 -7.57
C ASN C 184 -10.91 1.63 -7.42
N GLU C 185 -11.00 0.86 -8.49
CA GLU C 185 -11.85 -0.33 -8.56
C GLU C 185 -13.34 0.00 -8.68
N PRO C 186 -13.96 -0.24 -9.82
CA PRO C 186 -13.40 -0.85 -11.01
C PRO C 186 -12.41 -0.21 -11.94
N ARG C 187 -12.24 1.11 -11.97
CA ARG C 187 -11.30 1.81 -12.84
C ARG C 187 -9.93 1.82 -12.18
N GLY C 188 -8.85 1.87 -12.96
CA GLY C 188 -7.48 1.93 -12.41
C GLY C 188 -7.39 3.07 -11.40
N ASP C 189 -7.91 4.24 -11.72
CA ASP C 189 -8.02 5.43 -10.89
C ASP C 189 -9.43 6.04 -11.15
N ILE C 190 -10.13 6.35 -10.07
CA ILE C 190 -11.47 6.95 -10.17
C ILE C 190 -11.36 8.48 -9.93
N LEU C 191 -12.14 9.31 -10.61
CA LEU C 191 -12.11 10.77 -10.36
C LEU C 191 -12.67 11.01 -8.94
N LEU C 192 -12.15 12.00 -8.23
CA LEU C 192 -12.56 12.35 -6.85
C LEU C 192 -12.26 11.14 -5.94
N PRO C 193 -10.97 10.83 -5.79
CA PRO C 193 -10.53 9.67 -5.05
C PRO C 193 -10.60 9.59 -3.56
N THR C 194 -10.67 10.71 -2.86
CA THR C 194 -10.73 10.73 -1.39
C THR C 194 -11.82 11.71 -0.98
N ALA C 195 -12.14 11.67 0.29
CA ALA C 195 -13.14 12.56 0.90
C ALA C 195 -12.79 14.00 0.58
N GLY C 196 -11.52 14.32 0.69
CA GLY C 196 -10.98 15.64 0.43
C GLY C 196 -11.24 16.14 -0.98
N HIS C 197 -10.92 15.32 -2.00
CA HIS C 197 -11.12 15.64 -3.41
C HIS C 197 -12.59 15.89 -3.69
N ALA C 198 -13.44 15.09 -3.08
CA ALA C 198 -14.91 15.25 -3.26
C ALA C 198 -15.43 16.53 -2.60
N ILE C 199 -14.97 16.87 -1.40
CA ILE C 199 -15.39 18.11 -0.74
C ILE C 199 -14.93 19.31 -1.57
N ALA C 200 -13.65 19.34 -1.98
CA ALA C 200 -13.12 20.43 -2.79
C ALA C 200 -13.97 20.57 -4.05
N PHE C 201 -14.34 19.51 -4.72
CA PHE C 201 -15.16 19.58 -5.96
C PHE C 201 -16.53 20.21 -5.79
N VAL C 202 -17.25 19.77 -4.77
CA VAL C 202 -18.57 20.18 -4.35
C VAL C 202 -18.59 21.67 -4.10
N GLN C 203 -17.53 22.21 -3.56
CA GLN C 203 -17.42 23.66 -3.26
C GLN C 203 -17.50 24.44 -4.56
N GLU C 204 -17.37 23.83 -5.72
CA GLU C 204 -17.42 24.51 -7.01
C GLU C 204 -18.72 24.42 -7.78
N LEU C 205 -19.75 23.78 -7.26
CA LEU C 205 -21.02 23.65 -7.98
C LEU C 205 -21.82 24.93 -7.79
N GLU C 206 -22.87 25.02 -8.56
CA GLU C 206 -23.81 26.18 -8.49
C GLU C 206 -24.53 26.27 -7.16
N ARG C 207 -25.12 25.25 -6.54
CA ARG C 207 -25.78 25.31 -5.23
C ARG C 207 -25.07 24.35 -4.27
N PRO C 208 -23.89 24.71 -3.82
CA PRO C 208 -23.05 23.89 -2.95
C PRO C 208 -23.68 23.48 -1.66
N GLU C 209 -24.58 24.31 -1.18
CA GLU C 209 -25.28 24.05 0.08
C GLU C 209 -26.07 22.74 -0.01
N LEU C 210 -26.40 22.35 -1.23
CA LEU C 210 -27.15 21.15 -1.49
C LEU C 210 -26.28 19.89 -1.62
N PHE C 211 -24.97 20.12 -1.69
CA PHE C 211 -24.05 19.01 -1.86
C PHE C 211 -23.10 18.72 -0.71
N GLY C 212 -22.91 17.43 -0.51
CA GLY C 212 -22.03 16.90 0.53
C GLY C 212 -21.38 15.59 0.04
N ILE C 213 -20.88 14.80 0.96
CA ILE C 213 -20.24 13.55 0.62
C ILE C 213 -20.80 12.37 1.40
N ASN C 214 -20.57 11.20 0.85
CA ASN C 214 -20.95 9.91 1.44
C ASN C 214 -19.66 9.06 1.49
N PRO C 215 -18.78 9.33 2.42
CA PRO C 215 -17.51 8.57 2.54
C PRO C 215 -17.76 7.15 3.07
N GLU C 216 -16.93 6.22 2.60
CA GLU C 216 -17.07 4.81 3.02
C GLU C 216 -15.84 4.36 3.75
N THR C 217 -15.99 3.70 4.90
CA THR C 217 -14.81 3.29 5.66
C THR C 217 -13.68 2.75 4.78
N GLY C 218 -14.02 1.64 4.09
CA GLY C 218 -13.14 0.91 3.21
C GLY C 218 -12.50 1.70 2.12
N ASN C 219 -13.22 2.65 1.51
CA ASN C 219 -12.66 3.43 0.39
C ASN C 219 -11.48 4.25 0.85
N GLU C 220 -11.49 4.90 2.01
CA GLU C 220 -10.35 5.68 2.48
C GLU C 220 -9.19 4.77 2.85
N GLN C 221 -9.48 3.63 3.47
CA GLN C 221 -8.48 2.63 3.88
C GLN C 221 -7.81 1.98 2.70
N MET C 222 -8.38 1.97 1.49
CA MET C 222 -7.79 1.38 0.29
C MET C 222 -6.56 2.24 -0.07
N SER C 223 -6.47 3.47 0.42
CA SER C 223 -5.34 4.35 0.17
C SER C 223 -4.47 4.45 1.44
N ASN C 224 -4.85 3.70 2.46
CA ASN C 224 -4.16 3.73 3.74
C ASN C 224 -4.36 5.07 4.47
N LEU C 225 -5.44 5.79 4.28
CA LEU C 225 -5.75 7.08 4.95
C LEU C 225 -6.44 6.84 6.29
N ASN C 226 -6.48 7.75 7.23
CA ASN C 226 -7.12 7.58 8.56
C ASN C 226 -8.60 7.92 8.32
N PHE C 227 -9.49 6.94 8.40
CA PHE C 227 -10.90 7.22 8.16
C PHE C 227 -11.47 8.16 9.23
N THR C 228 -11.31 7.93 10.52
CA THR C 228 -11.81 8.78 11.53
C THR C 228 -11.38 10.23 11.27
N GLN C 229 -10.11 10.44 10.99
CA GLN C 229 -9.55 11.76 10.73
C GLN C 229 -10.17 12.39 9.51
N GLY C 230 -10.48 11.69 8.45
CA GLY C 230 -11.13 12.34 7.30
C GLY C 230 -12.57 12.68 7.65
N ILE C 231 -13.26 11.89 8.46
CA ILE C 231 -14.64 12.18 8.84
C ILE C 231 -14.67 13.46 9.70
N ALA C 232 -13.65 13.63 10.54
CA ALA C 232 -13.53 14.81 11.42
C ALA C 232 -13.46 16.06 10.53
N GLN C 233 -12.65 15.96 9.48
CA GLN C 233 -12.52 17.10 8.56
C GLN C 233 -13.85 17.34 7.82
N ALA C 234 -14.54 16.29 7.42
CA ALA C 234 -15.82 16.42 6.72
C ALA C 234 -16.82 17.11 7.64
N LEU C 235 -16.82 16.75 8.92
CA LEU C 235 -17.72 17.33 9.90
C LEU C 235 -17.37 18.83 10.09
N TRP C 236 -16.09 19.13 10.03
CA TRP C 236 -15.59 20.50 10.17
C TRP C 236 -16.16 21.35 9.03
N HIS C 237 -16.20 20.77 7.85
CA HIS C 237 -16.74 21.50 6.69
C HIS C 237 -18.25 21.39 6.71
N LYS C 238 -18.84 20.59 7.59
CA LYS C 238 -20.28 20.40 7.58
C LYS C 238 -20.75 19.75 6.29
N LYS C 239 -20.03 18.80 5.76
CA LYS C 239 -20.38 18.15 4.49
C LYS C 239 -20.62 16.67 4.67
N LEU C 240 -20.73 16.14 5.88
CA LEU C 240 -21.00 14.74 6.12
C LEU C 240 -22.53 14.56 6.00
N PHE C 241 -23.01 14.26 4.81
CA PHE C 241 -24.44 14.12 4.51
C PHE C 241 -24.97 12.72 4.72
N HIS C 242 -24.07 11.77 4.69
CA HIS C 242 -24.37 10.34 4.82
C HIS C 242 -23.01 9.68 5.05
N ILE C 243 -23.03 8.43 5.48
CA ILE C 243 -21.87 7.61 5.75
C ILE C 243 -22.16 6.13 5.42
N ASP C 244 -21.19 5.48 4.83
CA ASP C 244 -21.24 4.06 4.46
C ASP C 244 -20.23 3.35 5.38
N LEU C 245 -20.67 2.48 6.25
CA LEU C 245 -19.79 1.77 7.20
C LEU C 245 -19.50 0.35 6.75
N ASN C 246 -18.26 -0.08 6.85
CA ASN C 246 -17.82 -1.43 6.45
C ASN C 246 -16.39 -1.60 6.92
N GLY C 247 -15.78 -2.69 6.52
CA GLY C 247 -14.42 -3.03 6.98
C GLY C 247 -13.51 -3.36 5.80
N GLN C 248 -12.22 -3.11 6.09
CA GLN C 248 -11.19 -3.31 5.06
C GLN C 248 -9.82 -3.54 5.71
N HIS C 249 -8.98 -4.28 5.01
CA HIS C 249 -7.62 -4.53 5.46
C HIS C 249 -6.62 -3.80 4.58
N GLY C 250 -6.52 -2.48 4.70
CA GLY C 250 -5.58 -1.72 3.92
C GLY C 250 -5.78 -1.77 2.44
N PRO C 251 -4.73 -1.40 1.72
CA PRO C 251 -4.76 -1.34 0.25
C PRO C 251 -4.74 -2.67 -0.46
N LYS C 252 -5.83 -3.15 -1.01
CA LYS C 252 -6.03 -4.39 -1.77
C LYS C 252 -7.45 -4.20 -2.33
N PHE C 253 -7.97 -5.17 -3.03
CA PHE C 253 -9.34 -5.01 -3.56
C PHE C 253 -10.32 -4.64 -2.45
N ASP C 254 -11.45 -4.09 -2.85
CA ASP C 254 -12.51 -3.63 -1.92
C ASP C 254 -13.04 -4.88 -1.24
N GLN C 255 -12.90 -5.09 0.05
CA GLN C 255 -13.43 -6.27 0.74
C GLN C 255 -14.87 -6.20 1.22
N ASP C 256 -15.36 -5.04 1.57
CA ASP C 256 -16.73 -4.90 2.07
C ASP C 256 -17.00 -5.78 3.28
N LEU C 257 -16.12 -5.82 4.24
CA LEU C 257 -16.38 -6.65 5.43
C LEU C 257 -17.41 -5.95 6.32
N VAL C 258 -17.88 -6.61 7.35
CA VAL C 258 -18.80 -6.05 8.35
C VAL C 258 -17.98 -4.91 8.99
N PHE C 259 -18.74 -3.91 9.40
CA PHE C 259 -18.11 -2.76 10.09
C PHE C 259 -17.36 -3.30 11.31
N GLY C 260 -16.12 -2.91 11.49
CA GLY C 260 -15.31 -3.31 12.64
C GLY C 260 -14.51 -4.58 12.39
N HIS C 261 -14.68 -5.30 11.30
CA HIS C 261 -13.95 -6.55 11.07
C HIS C 261 -12.60 -6.26 10.40
N GLY C 262 -12.33 -5.04 9.99
CA GLY C 262 -11.05 -4.68 9.36
C GLY C 262 -10.15 -3.96 10.33
N ASP C 263 -10.12 -2.65 10.32
CA ASP C 263 -9.28 -1.86 11.28
C ASP C 263 -10.14 -1.61 12.53
N LEU C 264 -10.06 -2.47 13.52
CA LEU C 264 -10.86 -2.29 14.74
C LEU C 264 -10.57 -1.01 15.53
N LEU C 265 -9.33 -0.64 15.72
CA LEU C 265 -8.98 0.56 16.47
C LEU C 265 -9.63 1.79 15.80
N ASN C 266 -9.54 1.84 14.48
CA ASN C 266 -10.14 3.00 13.78
C ASN C 266 -11.66 2.94 13.85
N ALA C 267 -12.25 1.76 13.88
CA ALA C 267 -13.72 1.61 14.02
C ALA C 267 -14.09 2.19 15.39
N PHE C 268 -13.30 1.94 16.42
CA PHE C 268 -13.56 2.50 17.76
C PHE C 268 -13.52 4.03 17.82
N SER C 269 -12.48 4.64 17.29
CA SER C 269 -12.31 6.09 17.30
C SER C 269 -13.40 6.72 16.45
N LEU C 270 -13.81 6.07 15.39
CA LEU C 270 -14.93 6.58 14.56
C LEU C 270 -16.26 6.66 15.31
N VAL C 271 -16.63 5.65 16.07
CA VAL C 271 -17.89 5.61 16.84
C VAL C 271 -17.80 6.66 17.95
N ASP C 272 -16.62 6.82 18.53
CA ASP C 272 -16.40 7.81 19.56
C ASP C 272 -16.70 9.20 18.93
N LEU C 273 -16.12 9.46 17.77
CA LEU C 273 -16.32 10.71 17.06
C LEU C 273 -17.80 11.02 16.74
N LEU C 274 -18.49 10.05 16.14
CA LEU C 274 -19.88 10.26 15.77
C LEU C 274 -20.85 10.39 16.94
N GLU C 275 -20.67 9.72 18.03
CA GLU C 275 -21.51 9.67 19.19
C GLU C 275 -21.20 10.60 20.35
N ASN C 276 -19.96 10.80 20.69
CA ASN C 276 -19.50 11.64 21.80
C ASN C 276 -19.19 13.01 21.17
N GLY C 277 -20.26 13.56 20.66
CA GLY C 277 -20.28 14.83 19.99
C GLY C 277 -20.34 15.97 21.02
N PRO C 278 -20.33 17.15 20.43
CA PRO C 278 -20.40 18.47 21.05
C PRO C 278 -21.08 18.63 22.40
N ASP C 279 -22.41 18.53 22.38
CA ASP C 279 -23.13 18.69 23.70
C ASP C 279 -22.61 17.49 24.51
N GLY C 280 -23.40 16.45 24.42
CA GLY C 280 -23.15 15.11 25.02
C GLY C 280 -23.64 14.22 23.84
N ALA C 281 -24.37 15.00 23.04
CA ALA C 281 -25.05 14.62 21.82
C ALA C 281 -24.13 14.25 20.65
N PRO C 282 -24.68 13.39 19.81
CA PRO C 282 -23.96 12.95 18.62
C PRO C 282 -23.56 14.16 17.79
N ALA C 283 -22.41 14.00 17.15
CA ALA C 283 -21.85 15.02 16.24
C ALA C 283 -22.48 14.80 14.86
N TYR C 284 -23.06 13.64 14.63
CA TYR C 284 -23.71 13.24 13.37
C TYR C 284 -25.06 12.61 13.67
N ASP C 285 -26.04 13.14 12.96
CA ASP C 285 -27.48 12.80 13.06
C ASP C 285 -28.10 12.01 11.92
N GLY C 286 -27.40 11.63 10.88
CA GLY C 286 -27.95 10.86 9.77
C GLY C 286 -27.94 9.35 10.00
N PRO C 287 -28.35 8.67 8.94
CA PRO C 287 -28.33 7.20 8.95
C PRO C 287 -26.91 6.61 9.10
N ARG C 288 -26.84 5.50 9.80
CA ARG C 288 -25.65 4.68 10.05
C ARG C 288 -25.90 3.54 9.02
N HIS C 289 -25.43 3.78 7.81
CA HIS C 289 -25.66 2.87 6.70
C HIS C 289 -24.57 1.83 6.50
N PHE C 290 -24.98 0.57 6.46
CA PHE C 290 -23.95 -0.50 6.26
C PHE C 290 -23.88 -0.88 4.79
N ASP C 291 -22.73 -0.59 4.16
CA ASP C 291 -22.55 -0.93 2.72
C ASP C 291 -21.48 -2.03 2.74
N TYR C 292 -21.90 -3.24 2.98
CA TYR C 292 -20.94 -4.35 3.12
C TYR C 292 -21.45 -5.50 2.24
N LYS C 293 -20.69 -6.57 2.27
CA LYS C 293 -21.01 -7.81 1.61
C LYS C 293 -20.77 -9.04 2.48
N PRO C 294 -21.80 -9.88 2.58
CA PRO C 294 -21.67 -11.14 3.33
C PRO C 294 -20.64 -11.98 2.55
N SER C 295 -19.59 -12.49 3.18
CA SER C 295 -18.54 -13.26 2.51
C SER C 295 -19.11 -14.38 1.65
N ARG C 296 -18.45 -14.60 0.52
CA ARG C 296 -18.80 -15.60 -0.49
C ARG C 296 -18.93 -17.06 -0.02
N THR C 297 -18.33 -17.39 1.10
CA THR C 297 -18.32 -18.65 1.79
C THR C 297 -19.58 -18.92 2.61
N GLU C 298 -20.49 -17.98 2.72
CA GLU C 298 -21.70 -18.03 3.51
C GLU C 298 -22.98 -18.33 2.76
N ASP C 299 -23.93 -18.96 3.44
CA ASP C 299 -25.25 -19.20 2.81
C ASP C 299 -26.15 -18.11 3.41
N TYR C 300 -27.44 -18.22 3.23
CA TYR C 300 -28.40 -17.26 3.79
C TYR C 300 -28.35 -17.23 5.30
N ASP C 301 -27.95 -18.25 6.01
CA ASP C 301 -27.87 -18.14 7.48
C ASP C 301 -26.73 -17.14 7.80
N GLY C 302 -25.67 -17.27 7.03
CA GLY C 302 -24.47 -16.42 7.16
C GLY C 302 -24.81 -14.96 6.86
N VAL C 303 -25.61 -14.72 5.83
CA VAL C 303 -26.08 -13.42 5.41
C VAL C 303 -26.79 -12.74 6.59
N TRP C 304 -27.78 -13.40 7.21
CA TRP C 304 -28.51 -12.77 8.33
C TRP C 304 -27.59 -12.57 9.52
N GLU C 305 -26.64 -13.45 9.72
CA GLU C 305 -25.68 -13.34 10.81
C GLU C 305 -24.77 -12.13 10.67
N SER C 306 -24.38 -11.92 9.44
CA SER C 306 -23.50 -10.80 9.06
C SER C 306 -24.24 -9.47 9.17
N ALA C 307 -25.52 -9.45 8.89
CA ALA C 307 -26.33 -8.21 8.98
C ALA C 307 -26.34 -7.83 10.46
N LYS C 308 -26.64 -8.80 11.32
CA LYS C 308 -26.69 -8.60 12.76
C LYS C 308 -25.35 -8.18 13.35
N ALA C 309 -24.31 -8.75 12.78
CA ALA C 309 -22.95 -8.46 13.24
C ALA C 309 -22.65 -6.97 13.07
N ASN C 310 -23.10 -6.39 11.97
CA ASN C 310 -22.86 -4.95 11.74
C ASN C 310 -23.45 -4.14 12.91
N ILE C 311 -24.70 -4.39 13.22
CA ILE C 311 -25.35 -3.66 14.31
C ILE C 311 -24.65 -3.90 15.64
N ARG C 312 -24.28 -5.14 15.86
CA ARG C 312 -23.63 -5.57 17.11
C ARG C 312 -22.30 -4.88 17.29
N MET C 313 -21.48 -4.81 16.26
CA MET C 313 -20.18 -4.13 16.32
C MET C 313 -20.40 -2.67 16.71
N TYR C 314 -21.29 -1.97 16.03
CA TYR C 314 -21.56 -0.54 16.34
C TYR C 314 -21.96 -0.29 17.79
N LEU C 315 -22.95 -1.03 18.29
CA LEU C 315 -23.47 -0.92 19.65
C LEU C 315 -22.39 -1.27 20.65
N LEU C 316 -21.60 -2.30 20.35
CA LEU C 316 -20.53 -2.66 21.31
C LEU C 316 -19.49 -1.55 21.38
N LEU C 317 -19.12 -0.96 20.25
CA LEU C 317 -18.11 0.09 20.22
C LEU C 317 -18.65 1.35 20.90
N LYS C 318 -19.91 1.63 20.70
CA LYS C 318 -20.57 2.80 21.29
C LYS C 318 -20.49 2.80 22.81
N GLU C 319 -20.79 1.63 23.30
CA GLU C 319 -20.78 1.32 24.74
C GLU C 319 -19.42 1.55 25.37
N ARG C 320 -18.36 1.15 24.72
CA ARG C 320 -16.98 1.32 25.19
C ARG C 320 -16.48 2.74 24.97
N ALA C 321 -17.01 3.42 23.98
CA ALA C 321 -16.60 4.81 23.69
C ALA C 321 -17.14 5.67 24.83
N LYS C 322 -18.38 5.39 25.19
CA LYS C 322 -19.04 6.12 26.28
C LYS C 322 -18.25 5.90 27.56
N ALA C 323 -17.97 4.65 27.89
CA ALA C 323 -17.24 4.31 29.11
C ALA C 323 -15.86 4.99 29.12
N PHE C 324 -15.20 5.03 27.98
CA PHE C 324 -13.89 5.66 27.87
C PHE C 324 -13.95 7.14 28.32
N ARG C 325 -14.90 7.86 27.76
CA ARG C 325 -15.05 9.28 28.06
C ARG C 325 -15.49 9.56 29.49
N ALA C 326 -16.24 8.65 30.08
CA ALA C 326 -16.68 8.84 31.46
C ALA C 326 -15.63 8.45 32.50
N ASP C 327 -14.52 7.90 32.08
CA ASP C 327 -13.52 7.47 33.09
C ASP C 327 -12.62 8.59 33.57
N PRO C 328 -12.60 8.78 34.88
CA PRO C 328 -11.78 9.77 35.58
C PRO C 328 -10.29 9.68 35.23
N GLU C 329 -9.84 8.46 35.03
CA GLU C 329 -8.43 8.26 34.67
C GLU C 329 -8.11 8.75 33.25
N VAL C 330 -9.11 8.66 32.40
CA VAL C 330 -9.07 9.08 31.01
C VAL C 330 -9.09 10.62 31.08
N GLN C 331 -9.98 11.20 31.85
CA GLN C 331 -10.06 12.66 32.06
C GLN C 331 -8.68 13.21 32.44
N GLU C 332 -8.05 12.57 33.38
CA GLU C 332 -6.72 12.93 33.85
C GLU C 332 -5.73 12.82 32.71
N ALA C 333 -5.75 11.74 31.93
CA ALA C 333 -4.83 11.54 30.81
C ALA C 333 -5.10 12.60 29.77
N LEU C 334 -6.33 12.94 29.53
CA LEU C 334 -6.71 13.97 28.52
C LEU C 334 -6.15 15.33 28.96
N ALA C 335 -6.22 15.57 30.26
CA ALA C 335 -5.71 16.84 30.84
C ALA C 335 -4.21 16.84 30.64
N ALA C 336 -3.50 15.75 30.98
CA ALA C 336 -2.04 15.75 30.80
C ALA C 336 -1.63 15.91 29.34
N SER C 337 -2.41 15.42 28.38
CA SER C 337 -2.06 15.51 26.96
C SER C 337 -2.45 16.81 26.28
N LYS C 338 -3.16 17.64 27.02
CA LYS C 338 -3.57 18.97 26.57
C LYS C 338 -4.54 18.98 25.41
N VAL C 339 -5.27 17.89 25.33
CA VAL C 339 -6.23 17.78 24.21
C VAL C 339 -7.12 19.00 24.10
N ALA C 340 -7.72 19.44 25.20
CA ALA C 340 -8.65 20.56 25.27
C ALA C 340 -7.96 21.91 25.07
N GLU C 341 -6.68 22.02 25.33
CA GLU C 341 -5.96 23.25 25.14
C GLU C 341 -5.97 23.69 23.68
N LEU C 342 -6.16 22.74 22.78
CA LEU C 342 -6.20 23.03 21.34
C LEU C 342 -7.44 23.83 20.97
N LYS C 343 -8.48 23.71 21.76
CA LYS C 343 -9.73 24.42 21.51
C LYS C 343 -9.65 25.89 21.93
N THR C 344 -8.64 26.27 22.70
CA THR C 344 -8.47 27.67 23.12
C THR C 344 -7.71 28.35 22.00
N PRO C 345 -8.22 29.46 21.51
CA PRO C 345 -7.57 30.20 20.42
C PRO C 345 -6.12 30.46 20.71
N THR C 346 -5.28 30.45 19.68
CA THR C 346 -3.86 30.72 19.86
C THR C 346 -3.68 32.17 20.33
N LEU C 347 -4.50 33.07 19.81
CA LEU C 347 -4.48 34.48 20.09
C LEU C 347 -5.48 34.82 21.19
N ASN C 348 -5.11 35.86 21.93
CA ASN C 348 -5.99 36.36 23.01
C ASN C 348 -7.01 37.21 22.23
N PRO C 349 -8.18 37.35 22.78
CA PRO C 349 -9.25 38.16 22.16
C PRO C 349 -8.74 39.57 21.90
N GLY C 350 -8.95 40.02 20.68
CA GLY C 350 -8.52 41.32 20.16
C GLY C 350 -7.05 41.36 19.78
N GLU C 351 -6.31 40.27 19.81
CA GLU C 351 -4.89 40.24 19.46
C GLU C 351 -4.75 39.95 17.97
N GLY C 352 -3.93 40.69 17.28
CA GLY C 352 -3.61 40.59 15.89
C GLY C 352 -2.09 40.39 15.78
N TYR C 353 -1.61 40.50 14.56
CA TYR C 353 -0.17 40.33 14.33
C TYR C 353 0.58 41.44 15.06
N ALA C 354 0.04 42.65 15.13
CA ALA C 354 0.81 43.71 15.82
C ALA C 354 1.04 43.35 17.27
N GLU C 355 0.04 42.85 17.96
CA GLU C 355 0.17 42.48 19.37
C GLU C 355 1.07 41.26 19.54
N LEU C 356 0.94 40.29 18.65
CA LEU C 356 1.76 39.09 18.73
C LEU C 356 3.24 39.45 18.58
N LEU C 357 3.55 40.28 17.60
CA LEU C 357 4.92 40.75 17.35
C LEU C 357 5.45 41.49 18.58
N ALA C 358 4.57 42.13 19.36
CA ALA C 358 5.07 42.87 20.52
C ALA C 358 5.28 41.94 21.69
N ASP C 359 4.86 40.70 21.60
CA ASP C 359 5.02 39.75 22.71
C ASP C 359 6.35 39.02 22.68
N ARG C 360 7.26 39.53 23.49
CA ARG C 360 8.62 38.99 23.57
C ARG C 360 8.62 37.54 24.02
N SER C 361 7.63 37.24 24.82
CA SER C 361 7.50 35.86 25.33
C SER C 361 7.07 34.87 24.24
N ALA C 362 6.50 35.28 23.12
CA ALA C 362 6.10 34.34 22.06
C ALA C 362 7.32 34.07 21.18
N PHE C 363 8.48 34.65 21.51
CA PHE C 363 9.60 34.39 20.58
C PHE C 363 10.95 34.74 21.14
N GLU C 364 11.18 36.03 21.33
CA GLU C 364 12.47 36.52 21.81
C GLU C 364 12.86 35.92 23.13
N ASP C 365 11.95 35.81 24.06
CA ASP C 365 12.30 35.23 25.39
C ASP C 365 11.71 33.83 25.58
N TYR C 366 11.29 33.22 24.49
CA TYR C 366 10.70 31.88 24.53
C TYR C 366 11.76 30.79 24.70
N ASP C 367 11.60 29.94 25.68
CA ASP C 367 12.53 28.82 25.93
C ASP C 367 12.00 27.54 25.26
N ALA C 368 12.31 27.42 24.00
CA ALA C 368 11.86 26.28 23.19
C ALA C 368 12.44 24.97 23.66
N ASP C 369 13.67 24.99 24.13
CA ASP C 369 14.40 23.81 24.62
C ASP C 369 13.69 23.15 25.80
N ALA C 370 13.22 23.99 26.70
CA ALA C 370 12.51 23.56 27.90
C ALA C 370 11.15 22.98 27.54
N VAL C 371 10.42 23.71 26.72
CA VAL C 371 9.10 23.22 26.29
C VAL C 371 9.31 21.91 25.52
N GLY C 372 10.27 21.83 24.62
CA GLY C 372 10.51 20.63 23.85
C GLY C 372 10.88 19.42 24.69
N ALA C 373 11.22 19.57 25.96
CA ALA C 373 11.61 18.42 26.78
C ALA C 373 10.42 17.82 27.50
N LYS C 374 9.31 18.49 27.60
CA LYS C 374 8.14 17.94 28.29
C LYS C 374 7.34 16.97 27.41
N GLY C 375 6.96 15.89 28.02
CA GLY C 375 6.19 14.86 27.30
C GLY C 375 4.70 15.15 27.23
N PHE C 376 4.04 14.62 26.21
CA PHE C 376 2.60 14.81 26.02
C PHE C 376 1.81 13.66 26.62
N GLY C 377 2.44 12.56 26.97
CA GLY C 377 1.75 11.41 27.56
C GLY C 377 0.70 10.80 26.65
N PHE C 378 0.92 10.78 25.35
CA PHE C 378 -0.01 10.24 24.36
C PHE C 378 -0.11 8.71 24.35
N VAL C 379 0.94 7.99 24.63
CA VAL C 379 0.96 6.53 24.66
C VAL C 379 0.03 6.06 25.78
N LYS C 380 0.19 6.66 26.95
CA LYS C 380 -0.62 6.33 28.12
C LYS C 380 -2.08 6.53 27.82
N LEU C 381 -2.43 7.62 27.17
CA LEU C 381 -3.82 7.94 26.79
C LEU C 381 -4.34 6.86 25.82
N ASN C 382 -3.47 6.52 24.86
CA ASN C 382 -3.81 5.48 23.86
C ASN C 382 -4.07 4.14 24.56
N GLN C 383 -3.21 3.77 25.50
CA GLN C 383 -3.31 2.54 26.27
C GLN C 383 -4.63 2.50 27.04
N LEU C 384 -5.10 3.57 27.66
CA LEU C 384 -6.38 3.58 28.37
C LEU C 384 -7.54 3.36 27.42
N ALA C 385 -7.44 3.93 26.22
CA ALA C 385 -8.47 3.79 25.18
C ALA C 385 -8.59 2.31 24.80
N ILE C 386 -7.47 1.66 24.48
CA ILE C 386 -7.47 0.27 24.09
C ILE C 386 -8.00 -0.61 25.22
N GLU C 387 -7.66 -0.31 26.46
CA GLU C 387 -8.16 -1.11 27.60
C GLU C 387 -9.67 -0.98 27.73
N HIS C 388 -10.22 0.15 27.36
CA HIS C 388 -11.68 0.36 27.41
C HIS C 388 -12.26 -0.53 26.31
N LEU C 389 -11.60 -0.47 25.15
CA LEU C 389 -12.06 -1.28 23.99
C LEU C 389 -12.11 -2.77 24.31
N LEU C 390 -11.11 -3.28 25.02
CA LEU C 390 -11.04 -4.69 25.36
C LEU C 390 -11.88 -5.09 26.57
N GLY C 391 -12.61 -4.14 27.11
CA GLY C 391 -13.44 -4.35 28.30
C GLY C 391 -12.50 -4.67 29.47
N ALA C 392 -11.29 -4.20 29.51
CA ALA C 392 -10.32 -4.45 30.57
C ALA C 392 -10.48 -3.47 31.71
N ARG C 393 -11.40 -2.53 31.53
CA ARG C 393 -11.69 -1.52 32.55
C ARG C 393 -13.17 -1.16 32.38
N VAL D 2 10.69 -4.16 -34.70
CA VAL D 2 10.92 -5.59 -34.52
C VAL D 2 9.67 -6.48 -34.64
N GLN D 3 9.98 -7.74 -34.94
CA GLN D 3 9.04 -8.85 -35.10
C GLN D 3 9.43 -10.06 -34.21
N ALA D 4 8.41 -10.69 -33.66
CA ALA D 4 8.58 -11.85 -32.78
C ALA D 4 8.83 -13.08 -33.66
N THR D 5 9.74 -13.90 -33.18
CA THR D 5 10.08 -15.17 -33.83
C THR D 5 9.67 -16.25 -32.82
N ARG D 6 9.55 -17.47 -33.30
CA ARG D 6 9.17 -18.61 -32.45
C ARG D 6 10.20 -18.84 -31.36
N GLU D 7 11.37 -18.32 -31.61
CA GLU D 7 12.50 -18.43 -30.70
C GLU D 7 12.40 -17.53 -29.50
N ASP D 8 11.53 -16.54 -29.59
CA ASP D 8 11.22 -15.55 -28.54
C ASP D 8 10.34 -16.27 -27.49
N LYS D 9 9.60 -17.28 -27.90
CA LYS D 9 8.73 -18.07 -27.06
C LYS D 9 7.68 -17.29 -26.26
N PHE D 10 6.96 -16.49 -26.99
CA PHE D 10 5.86 -15.69 -26.42
C PHE D 10 4.63 -16.62 -26.38
N SER D 11 3.98 -16.76 -25.23
CA SER D 11 2.76 -17.59 -25.16
C SER D 11 1.68 -16.78 -24.45
N PHE D 12 0.44 -17.14 -24.69
CA PHE D 12 -0.73 -16.47 -24.11
C PHE D 12 -1.71 -17.52 -23.58
N GLY D 13 -2.43 -17.23 -22.52
CA GLY D 13 -3.45 -18.09 -21.96
C GLY D 13 -4.69 -17.78 -22.82
N LEU D 14 -5.45 -18.82 -23.00
CA LEU D 14 -6.71 -18.75 -23.76
C LEU D 14 -7.62 -17.75 -23.07
N TRP D 15 -7.53 -17.72 -21.75
CA TRP D 15 -8.32 -16.85 -20.87
C TRP D 15 -7.90 -15.39 -20.88
N THR D 16 -6.81 -14.98 -21.50
CA THR D 16 -6.34 -13.58 -21.59
C THR D 16 -7.12 -12.89 -22.69
N VAL D 17 -6.78 -13.20 -23.93
CA VAL D 17 -7.50 -12.63 -25.07
C VAL D 17 -8.97 -13.04 -25.05
N GLY D 18 -9.32 -14.07 -24.31
CA GLY D 18 -10.71 -14.56 -24.24
C GLY D 18 -11.46 -13.98 -23.05
N TRP D 19 -10.86 -13.11 -22.24
CA TRP D 19 -11.59 -12.53 -21.12
C TRP D 19 -12.72 -11.68 -21.66
N GLN D 20 -13.91 -12.03 -21.26
CA GLN D 20 -15.12 -11.30 -21.71
C GLN D 20 -15.39 -9.97 -21.01
N ALA D 21 -14.55 -9.66 -20.07
CA ALA D 21 -14.58 -8.42 -19.33
C ALA D 21 -15.76 -8.20 -18.39
N ARG D 22 -16.13 -9.26 -17.71
CA ARG D 22 -17.18 -9.21 -16.66
C ARG D 22 -16.31 -8.89 -15.43
N ASP D 23 -16.38 -7.76 -14.80
CA ASP D 23 -15.53 -7.52 -13.61
C ASP D 23 -16.42 -7.65 -12.37
N ALA D 24 -15.87 -7.22 -11.25
CA ALA D 24 -16.58 -7.28 -9.98
C ALA D 24 -17.77 -6.34 -9.94
N PHE D 25 -17.77 -5.30 -10.78
CA PHE D 25 -18.89 -4.37 -10.78
C PHE D 25 -19.67 -4.34 -12.09
N GLY D 26 -19.44 -5.26 -13.02
CA GLY D 26 -20.29 -5.11 -14.25
C GLY D 26 -20.25 -6.33 -15.12
N ASP D 27 -21.13 -6.32 -16.08
CA ASP D 27 -21.34 -7.39 -17.05
C ASP D 27 -20.20 -7.35 -18.08
N ALA D 28 -20.13 -8.45 -18.78
CA ALA D 28 -19.16 -8.66 -19.86
C ALA D 28 -19.47 -7.60 -20.91
N THR D 29 -18.46 -7.16 -21.59
CA THR D 29 -18.55 -6.15 -22.64
C THR D 29 -18.15 -6.75 -23.98
N ARG D 30 -17.74 -8.01 -23.87
CA ARG D 30 -17.34 -8.76 -25.07
C ARG D 30 -18.01 -10.14 -25.08
N THR D 31 -18.21 -10.62 -26.31
CA THR D 31 -18.79 -11.95 -26.52
C THR D 31 -17.62 -12.92 -26.41
N ALA D 32 -17.92 -14.20 -26.23
CA ALA D 32 -16.91 -15.25 -26.09
C ALA D 32 -16.07 -15.49 -27.34
N LEU D 33 -14.82 -15.85 -27.07
CA LEU D 33 -13.88 -16.14 -28.16
C LEU D 33 -13.80 -17.64 -28.37
N ASP D 34 -13.96 -18.03 -29.61
CA ASP D 34 -13.83 -19.45 -29.99
C ASP D 34 -12.34 -19.81 -29.89
N PRO D 35 -12.02 -20.90 -29.20
CA PRO D 35 -10.65 -21.36 -29.04
C PRO D 35 -9.88 -21.58 -30.31
N VAL D 36 -10.51 -22.05 -31.37
CA VAL D 36 -9.83 -22.31 -32.64
C VAL D 36 -9.44 -20.98 -33.26
N GLU D 37 -10.35 -20.03 -33.17
CA GLU D 37 -10.13 -18.67 -33.66
C GLU D 37 -9.00 -17.99 -32.87
N ALA D 38 -8.95 -18.23 -31.56
CA ALA D 38 -7.89 -17.68 -30.70
C ALA D 38 -6.55 -18.29 -31.13
N VAL D 39 -6.48 -19.56 -31.47
CA VAL D 39 -5.25 -20.25 -31.91
C VAL D 39 -4.69 -19.62 -33.18
N HIS D 40 -5.55 -19.40 -34.16
CA HIS D 40 -5.23 -18.77 -35.45
C HIS D 40 -4.78 -17.32 -35.27
N LYS D 41 -5.49 -16.50 -34.53
CA LYS D 41 -5.15 -15.10 -34.26
C LYS D 41 -3.81 -14.96 -33.56
N LEU D 42 -3.56 -15.79 -32.56
CA LEU D 42 -2.29 -15.76 -31.81
C LEU D 42 -1.11 -16.14 -32.69
N ALA D 43 -1.27 -17.17 -33.51
CA ALA D 43 -0.22 -17.65 -34.41
C ALA D 43 0.19 -16.50 -35.34
N GLU D 44 -0.85 -15.83 -35.79
CA GLU D 44 -0.75 -14.68 -36.69
C GLU D 44 -0.01 -13.53 -36.05
N ILE D 45 -0.05 -13.27 -34.74
CA ILE D 45 0.67 -12.14 -34.15
C ILE D 45 2.07 -12.58 -33.70
N GLY D 46 2.41 -13.85 -33.86
CA GLY D 46 3.72 -14.34 -33.50
C GLY D 46 3.89 -15.16 -32.26
N ALA D 47 2.83 -15.60 -31.60
CA ALA D 47 2.96 -16.44 -30.39
C ALA D 47 3.47 -17.80 -30.85
N TYR D 48 4.18 -18.49 -30.00
CA TYR D 48 4.66 -19.84 -30.29
C TYR D 48 3.81 -20.87 -29.55
N GLY D 49 3.07 -20.43 -28.52
CA GLY D 49 2.23 -21.32 -27.77
C GLY D 49 1.01 -20.68 -27.14
N ILE D 50 0.10 -21.56 -26.72
CA ILE D 50 -1.16 -21.22 -26.07
C ILE D 50 -1.25 -22.10 -24.81
N THR D 51 -1.90 -21.59 -23.76
CA THR D 51 -2.07 -22.34 -22.52
C THR D 51 -3.55 -22.28 -22.14
N PHE D 52 -4.00 -23.09 -21.17
CA PHE D 52 -5.42 -22.95 -20.87
C PHE D 52 -5.70 -23.66 -19.58
N HIS D 53 -6.78 -23.34 -18.94
CA HIS D 53 -7.32 -23.96 -17.75
C HIS D 53 -8.26 -24.97 -18.45
N ASP D 54 -8.47 -26.10 -17.81
CA ASP D 54 -9.38 -27.15 -18.27
C ASP D 54 -10.71 -26.50 -18.68
N ASP D 55 -11.28 -25.71 -17.77
CA ASP D 55 -12.56 -25.07 -18.00
C ASP D 55 -12.60 -23.97 -19.04
N ASP D 56 -11.51 -23.52 -19.56
CA ASP D 56 -11.46 -22.50 -20.60
C ASP D 56 -11.82 -23.16 -21.96
N LEU D 57 -11.28 -24.35 -22.15
CA LEU D 57 -11.46 -25.14 -23.37
C LEU D 57 -12.74 -25.96 -23.36
N VAL D 58 -12.90 -26.72 -22.30
CA VAL D 58 -14.10 -27.57 -22.16
C VAL D 58 -14.99 -27.05 -21.04
N PRO D 59 -16.16 -26.58 -21.41
CA PRO D 59 -17.13 -26.03 -20.43
C PRO D 59 -17.29 -27.02 -19.29
N PHE D 60 -17.30 -26.49 -18.11
CA PHE D 60 -17.45 -27.28 -16.89
C PHE D 60 -18.71 -28.10 -17.12
N GLY D 61 -18.56 -29.38 -16.86
CA GLY D 61 -19.63 -30.35 -17.00
C GLY D 61 -20.01 -30.87 -18.38
N SER D 62 -19.12 -30.76 -19.33
CA SER D 62 -19.35 -31.26 -20.70
C SER D 62 -19.35 -32.79 -20.63
N ASP D 63 -20.22 -33.45 -21.40
CA ASP D 63 -20.24 -34.93 -21.43
C ASP D 63 -18.96 -35.25 -22.24
N ALA D 64 -18.58 -36.50 -22.14
CA ALA D 64 -17.37 -36.99 -22.81
C ALA D 64 -17.38 -36.84 -24.32
N GLN D 65 -18.52 -36.90 -24.96
CA GLN D 65 -18.58 -36.78 -26.41
C GLN D 65 -18.23 -35.36 -26.86
N THR D 66 -18.79 -34.44 -26.08
CA THR D 66 -18.63 -33.00 -26.26
C THR D 66 -17.18 -32.58 -26.05
N ARG D 67 -16.62 -33.07 -24.96
CA ARG D 67 -15.24 -32.79 -24.55
C ARG D 67 -14.24 -33.30 -25.57
N ASP D 68 -14.48 -34.48 -26.05
CA ASP D 68 -13.64 -35.18 -27.04
C ASP D 68 -13.62 -34.45 -28.38
N GLY D 69 -14.74 -33.93 -28.79
CA GLY D 69 -14.93 -33.18 -30.02
C GLY D 69 -14.17 -31.86 -29.90
N ILE D 70 -14.33 -31.19 -28.76
CA ILE D 70 -13.65 -29.91 -28.55
C ILE D 70 -12.13 -30.17 -28.63
N ILE D 71 -11.70 -31.20 -27.91
CA ILE D 71 -10.27 -31.47 -27.92
C ILE D 71 -9.72 -31.75 -29.30
N ALA D 72 -10.46 -32.50 -30.08
CA ALA D 72 -10.01 -32.86 -31.44
C ALA D 72 -9.94 -31.65 -32.35
N GLY D 73 -10.92 -30.76 -32.32
CA GLY D 73 -10.88 -29.54 -33.17
C GLY D 73 -9.70 -28.65 -32.76
N PHE D 74 -9.43 -28.63 -31.45
CA PHE D 74 -8.37 -27.86 -30.83
C PHE D 74 -7.02 -28.30 -31.37
N LYS D 75 -6.84 -29.62 -31.30
CA LYS D 75 -5.58 -30.22 -31.80
C LYS D 75 -5.34 -29.99 -33.29
N LYS D 76 -6.42 -29.97 -34.05
CA LYS D 76 -6.32 -29.71 -35.51
C LYS D 76 -5.82 -28.30 -35.75
N ALA D 77 -6.33 -27.32 -35.03
CA ALA D 77 -5.96 -25.91 -35.08
C ALA D 77 -4.48 -25.82 -34.72
N LEU D 78 -4.07 -26.51 -33.66
CA LEU D 78 -2.66 -26.45 -33.23
C LEU D 78 -1.73 -26.95 -34.33
N ASP D 79 -2.22 -28.02 -34.93
CA ASP D 79 -1.53 -28.72 -36.01
C ASP D 79 -1.25 -27.86 -37.24
N GLU D 80 -2.34 -27.26 -37.65
CA GLU D 80 -2.42 -26.36 -38.77
C GLU D 80 -1.64 -25.08 -38.56
N THR D 81 -1.58 -24.56 -37.37
CA THR D 81 -0.88 -23.30 -37.10
C THR D 81 0.55 -23.59 -36.66
N GLY D 82 0.83 -24.73 -36.09
CA GLY D 82 2.22 -24.99 -35.61
C GLY D 82 2.41 -24.46 -34.18
N LEU D 83 1.38 -23.96 -33.49
CA LEU D 83 1.48 -23.46 -32.13
C LEU D 83 1.62 -24.66 -31.20
N ILE D 84 2.26 -24.49 -30.06
CA ILE D 84 2.34 -25.66 -29.12
C ILE D 84 1.63 -25.24 -27.83
N VAL D 85 1.53 -26.18 -26.94
CA VAL D 85 0.93 -26.03 -25.63
C VAL D 85 2.06 -26.31 -24.64
N PRO D 86 2.75 -25.29 -24.19
CA PRO D 86 3.86 -25.47 -23.26
C PRO D 86 3.49 -25.70 -21.78
N MET D 87 2.28 -25.30 -21.37
CA MET D 87 1.85 -25.43 -19.98
C MET D 87 0.34 -25.55 -20.01
N VAL D 88 -0.18 -26.24 -19.03
CA VAL D 88 -1.64 -26.36 -18.87
C VAL D 88 -1.91 -26.07 -17.36
N THR D 89 -3.15 -25.75 -17.01
CA THR D 89 -3.51 -25.46 -15.62
C THR D 89 -4.96 -25.88 -15.40
N THR D 90 -5.42 -25.94 -14.17
CA THR D 90 -6.77 -26.33 -13.76
C THR D 90 -7.49 -25.23 -13.01
N ASN D 91 -8.75 -25.05 -13.33
CA ASN D 91 -9.56 -24.03 -12.64
C ASN D 91 -10.05 -24.65 -11.33
N LEU D 92 -9.49 -24.18 -10.22
CA LEU D 92 -9.91 -24.59 -8.89
C LEU D 92 -10.40 -23.32 -8.18
N PHE D 93 -11.03 -22.41 -8.92
CA PHE D 93 -11.46 -21.17 -8.23
C PHE D 93 -12.83 -20.69 -8.68
N THR D 94 -13.28 -21.01 -9.88
CA THR D 94 -14.57 -20.53 -10.32
C THR D 94 -15.83 -21.11 -9.71
N HIS D 95 -15.91 -22.43 -9.75
CA HIS D 95 -17.14 -23.06 -9.24
C HIS D 95 -17.36 -22.82 -7.76
N PRO D 96 -18.62 -22.61 -7.37
CA PRO D 96 -18.96 -22.37 -5.96
C PRO D 96 -18.35 -23.42 -5.02
N VAL D 97 -18.14 -24.64 -5.48
CA VAL D 97 -17.62 -25.71 -4.64
C VAL D 97 -16.25 -25.36 -4.07
N PHE D 98 -15.53 -24.53 -4.79
CA PHE D 98 -14.18 -24.12 -4.39
C PHE D 98 -14.11 -22.83 -3.59
N LYS D 99 -15.21 -22.35 -3.10
CA LYS D 99 -15.33 -21.10 -2.30
C LYS D 99 -14.34 -21.07 -1.15
N ASP D 100 -13.98 -22.18 -0.53
CA ASP D 100 -13.00 -22.22 0.58
C ASP D 100 -11.66 -22.84 0.14
N GLY D 101 -11.46 -23.00 -1.13
CA GLY D 101 -10.29 -23.57 -1.76
C GLY D 101 -10.56 -24.93 -2.39
N GLY D 102 -9.53 -25.43 -3.01
CA GLY D 102 -9.43 -26.72 -3.72
C GLY D 102 -8.75 -27.73 -2.80
N PHE D 103 -7.46 -27.81 -2.84
CA PHE D 103 -6.63 -28.69 -2.04
C PHE D 103 -6.72 -28.41 -0.54
N THR D 104 -7.06 -27.20 -0.13
CA THR D 104 -7.12 -26.89 1.30
C THR D 104 -8.51 -26.49 1.79
N SER D 105 -9.58 -26.83 1.12
CA SER D 105 -10.94 -26.53 1.61
C SER D 105 -11.05 -27.20 2.97
N ASN D 106 -11.82 -26.68 3.91
CA ASN D 106 -11.99 -27.29 5.24
C ASN D 106 -12.76 -28.61 5.02
N ASP D 107 -13.59 -28.65 3.99
CA ASP D 107 -14.42 -29.79 3.58
C ASP D 107 -13.61 -30.84 2.83
N ARG D 108 -13.47 -32.00 3.42
CA ARG D 108 -12.71 -33.14 2.92
C ARG D 108 -13.08 -33.65 1.54
N SER D 109 -14.37 -33.66 1.29
CA SER D 109 -14.80 -34.15 -0.02
C SER D 109 -14.37 -33.18 -1.11
N VAL D 110 -14.30 -31.90 -0.80
CA VAL D 110 -13.89 -30.92 -1.84
C VAL D 110 -12.42 -31.20 -2.16
N ARG D 111 -11.64 -31.50 -1.13
CA ARG D 111 -10.21 -31.78 -1.32
C ARG D 111 -10.01 -32.99 -2.23
N ARG D 112 -10.84 -34.02 -2.03
CA ARG D 112 -10.73 -35.23 -2.90
C ARG D 112 -11.12 -34.88 -4.32
N TYR D 113 -12.17 -34.14 -4.56
CA TYR D 113 -12.59 -33.74 -5.89
C TYR D 113 -11.58 -32.85 -6.59
N ALA D 114 -10.89 -31.98 -5.87
CA ALA D 114 -9.91 -31.04 -6.40
C ALA D 114 -8.76 -31.79 -7.05
N ILE D 115 -8.28 -32.81 -6.36
CA ILE D 115 -7.17 -33.66 -6.84
C ILE D 115 -7.61 -34.40 -8.10
N ARG D 116 -8.79 -35.02 -8.13
CA ARG D 116 -9.27 -35.68 -9.35
C ARG D 116 -9.40 -34.70 -10.52
N LYS D 117 -9.80 -33.43 -10.33
CA LYS D 117 -9.94 -32.45 -11.42
C LYS D 117 -8.59 -32.19 -12.06
N VAL D 118 -7.60 -32.10 -11.20
CA VAL D 118 -6.20 -31.88 -11.55
C VAL D 118 -5.59 -33.09 -12.29
N LEU D 119 -5.77 -34.31 -11.80
CA LEU D 119 -5.27 -35.53 -12.43
C LEU D 119 -5.82 -35.62 -13.87
N ARG D 120 -7.09 -35.36 -14.03
CA ARG D 120 -7.72 -35.38 -15.34
C ARG D 120 -7.06 -34.36 -16.25
N GLN D 121 -6.64 -33.20 -15.78
CA GLN D 121 -6.01 -32.16 -16.61
C GLN D 121 -4.57 -32.52 -16.99
N MET D 122 -3.91 -33.27 -16.13
CA MET D 122 -2.52 -33.72 -16.30
C MET D 122 -2.50 -34.70 -17.49
N ASP D 123 -3.51 -35.55 -17.56
CA ASP D 123 -3.63 -36.50 -18.67
C ASP D 123 -3.76 -35.70 -19.97
N LEU D 124 -4.68 -34.77 -20.04
CA LEU D 124 -4.90 -33.94 -21.22
C LEU D 124 -3.62 -33.14 -21.45
N GLY D 125 -2.96 -32.61 -20.44
CA GLY D 125 -1.74 -31.84 -20.69
C GLY D 125 -0.70 -32.74 -21.33
N ALA D 126 -0.48 -33.90 -20.79
CA ALA D 126 0.51 -34.87 -21.27
C ALA D 126 0.24 -35.28 -22.71
N GLU D 127 -0.99 -35.40 -23.11
CA GLU D 127 -1.38 -35.77 -24.47
C GLU D 127 -1.16 -34.59 -25.41
N LEU D 128 -1.20 -33.34 -24.94
CA LEU D 128 -1.00 -32.16 -25.80
C LEU D 128 0.51 -31.84 -25.78
N GLY D 129 1.29 -32.55 -24.99
CA GLY D 129 2.73 -32.27 -24.95
C GLY D 129 3.25 -31.23 -23.96
N ALA D 130 2.39 -30.76 -23.06
CA ALA D 130 2.76 -29.75 -22.07
C ALA D 130 3.85 -30.32 -21.17
N LYS D 131 4.82 -29.51 -20.82
CA LYS D 131 5.91 -29.81 -19.93
C LYS D 131 5.73 -29.26 -18.53
N THR D 132 4.87 -28.26 -18.36
CA THR D 132 4.61 -27.65 -17.06
C THR D 132 3.14 -27.63 -16.70
N LEU D 133 2.93 -27.90 -15.43
CA LEU D 133 1.61 -27.83 -14.85
C LEU D 133 1.75 -26.63 -13.87
N VAL D 134 1.01 -25.58 -14.05
CA VAL D 134 1.00 -24.40 -13.16
C VAL D 134 -0.16 -24.66 -12.16
N LEU D 135 0.12 -24.30 -10.91
CA LEU D 135 -0.88 -24.46 -9.85
C LEU D 135 -1.13 -23.10 -9.22
N TRP D 136 -2.29 -22.48 -9.43
CA TRP D 136 -2.61 -21.19 -8.79
C TRP D 136 -3.71 -21.45 -7.76
N GLY D 137 -3.36 -21.51 -6.49
CA GLY D 137 -4.31 -21.75 -5.41
C GLY D 137 -5.03 -20.45 -5.09
N GLY D 138 -5.81 -19.90 -5.96
CA GLY D 138 -6.52 -18.64 -5.73
C GLY D 138 -7.51 -18.62 -4.60
N ARG D 139 -8.13 -19.76 -4.30
CA ARG D 139 -9.11 -19.91 -3.23
C ARG D 139 -8.53 -20.50 -1.95
N GLU D 140 -7.25 -20.81 -1.92
CA GLU D 140 -6.64 -21.38 -0.71
C GLU D 140 -6.29 -20.21 0.23
N GLY D 141 -6.99 -20.06 1.34
CA GLY D 141 -6.70 -18.93 2.23
C GLY D 141 -7.83 -18.62 3.17
N ALA D 142 -8.06 -17.36 3.48
CA ALA D 142 -9.11 -16.99 4.42
C ALA D 142 -9.43 -15.50 4.41
N GLU D 143 -10.57 -15.17 4.99
CA GLU D 143 -10.95 -13.76 5.15
C GLU D 143 -10.80 -13.47 6.65
N TYR D 144 -10.85 -14.50 7.48
CA TYR D 144 -10.79 -14.42 8.93
C TYR D 144 -9.74 -15.40 9.44
N ASP D 145 -8.90 -15.02 10.40
CA ASP D 145 -7.82 -15.82 10.94
C ASP D 145 -8.21 -17.14 11.59
N SER D 146 -9.33 -17.14 12.29
CA SER D 146 -9.75 -18.38 12.97
C SER D 146 -10.42 -19.40 12.09
N ALA D 147 -10.70 -19.07 10.85
CA ALA D 147 -11.41 -19.99 9.94
C ALA D 147 -10.53 -21.04 9.31
N LYS D 148 -9.25 -20.80 9.38
CA LYS D 148 -8.26 -21.64 8.72
C LYS D 148 -7.02 -21.93 9.49
N ASP D 149 -6.84 -23.22 9.69
CA ASP D 149 -5.62 -23.74 10.39
C ASP D 149 -4.54 -23.78 9.31
N VAL D 150 -3.60 -22.86 9.29
CA VAL D 150 -2.57 -22.79 8.23
C VAL D 150 -1.63 -23.99 8.09
N SER D 151 -1.29 -24.45 9.27
CA SER D 151 -0.41 -25.63 9.43
C SER D 151 -1.10 -26.84 8.82
N ALA D 152 -2.37 -27.07 9.17
CA ALA D 152 -3.13 -28.17 8.60
C ALA D 152 -3.25 -27.90 7.09
N ALA D 153 -3.50 -26.67 6.71
CA ALA D 153 -3.62 -26.29 5.29
C ALA D 153 -2.33 -26.63 4.54
N LEU D 154 -1.17 -26.33 5.11
CA LEU D 154 0.09 -26.61 4.43
C LEU D 154 0.35 -28.11 4.31
N ASP D 155 -0.11 -28.86 5.28
CA ASP D 155 -0.01 -30.32 5.32
C ASP D 155 -0.87 -30.91 4.18
N ARG D 156 -2.07 -30.39 4.02
CA ARG D 156 -3.02 -30.84 2.98
C ARG D 156 -2.53 -30.45 1.59
N TYR D 157 -1.91 -29.29 1.48
CA TYR D 157 -1.37 -28.75 0.23
C TYR D 157 -0.27 -29.72 -0.24
N ARG D 158 0.62 -30.00 0.69
CA ARG D 158 1.75 -30.89 0.48
C ARG D 158 1.29 -32.30 0.10
N GLU D 159 0.30 -32.82 0.80
CA GLU D 159 -0.31 -34.11 0.58
C GLU D 159 -0.86 -34.19 -0.84
N ALA D 160 -1.53 -33.16 -1.34
CA ALA D 160 -2.03 -33.21 -2.72
C ALA D 160 -0.90 -33.17 -3.73
N LEU D 161 0.09 -32.31 -3.53
CA LEU D 161 1.21 -32.13 -4.46
C LEU D 161 2.06 -33.37 -4.57
N ASN D 162 2.34 -34.04 -3.48
CA ASN D 162 3.11 -35.30 -3.49
C ASN D 162 2.42 -36.40 -4.33
N LEU D 163 1.10 -36.45 -4.27
CA LEU D 163 0.37 -37.44 -5.05
C LEU D 163 0.51 -37.13 -6.54
N LEU D 164 0.37 -35.87 -6.89
CA LEU D 164 0.48 -35.43 -8.30
C LEU D 164 1.87 -35.78 -8.85
N ALA D 165 2.95 -35.55 -8.12
CA ALA D 165 4.31 -35.85 -8.55
C ALA D 165 4.43 -37.36 -8.82
N GLN D 166 3.89 -38.14 -7.92
CA GLN D 166 3.86 -39.60 -7.96
C GLN D 166 3.21 -40.14 -9.21
N TYR D 167 2.02 -39.71 -9.49
CA TYR D 167 1.24 -40.09 -10.65
C TYR D 167 2.02 -39.74 -11.90
N SER D 168 2.50 -38.52 -12.01
CA SER D 168 3.27 -38.05 -13.16
C SER D 168 4.48 -38.95 -13.40
N GLU D 169 5.27 -39.14 -12.38
CA GLU D 169 6.48 -39.95 -12.46
C GLU D 169 6.11 -41.38 -12.84
N ASP D 170 5.06 -41.93 -12.25
CA ASP D 170 4.63 -43.28 -12.59
C ASP D 170 4.15 -43.33 -14.04
N ARG D 171 3.42 -42.34 -14.50
CA ARG D 171 2.93 -42.38 -15.87
C ARG D 171 3.99 -41.98 -16.87
N GLY D 172 5.15 -41.55 -16.44
CA GLY D 172 6.21 -41.10 -17.33
C GLY D 172 5.83 -39.80 -18.01
N TYR D 173 4.96 -38.97 -17.43
CA TYR D 173 4.55 -37.70 -18.06
C TYR D 173 5.67 -36.65 -18.15
N GLY D 174 6.66 -36.76 -17.29
CA GLY D 174 7.78 -35.82 -17.27
C GLY D 174 7.44 -34.35 -17.01
N LEU D 175 6.33 -34.06 -16.33
CA LEU D 175 5.87 -32.73 -16.01
C LEU D 175 6.74 -32.14 -14.89
N ARG D 176 6.83 -30.84 -14.85
CA ARG D 176 7.47 -30.04 -13.81
C ARG D 176 6.25 -29.25 -13.29
N PHE D 177 6.24 -28.99 -12.01
CA PHE D 177 5.14 -28.27 -11.33
C PHE D 177 5.56 -26.89 -10.91
N ALA D 178 4.76 -25.87 -11.21
CA ALA D 178 5.14 -24.48 -10.82
C ALA D 178 3.98 -23.89 -10.02
N ILE D 179 4.25 -23.60 -8.76
CA ILE D 179 3.25 -23.01 -7.86
C ILE D 179 3.28 -21.50 -8.19
N GLU D 180 2.15 -20.86 -8.32
CA GLU D 180 2.04 -19.41 -8.56
C GLU D 180 1.52 -18.71 -7.30
N PRO D 181 2.39 -17.91 -6.69
CA PRO D 181 2.07 -17.13 -5.47
C PRO D 181 1.22 -15.89 -5.78
N LYS D 182 0.37 -15.43 -4.91
CA LYS D 182 -0.51 -14.29 -5.00
C LYS D 182 -0.86 -13.96 -3.53
N PRO D 183 -0.76 -12.69 -3.18
CA PRO D 183 -1.01 -12.26 -1.80
C PRO D 183 -2.45 -12.21 -1.38
N ASN D 184 -3.35 -11.86 -2.29
CA ASN D 184 -4.77 -11.73 -1.91
C ASN D 184 -5.54 -11.65 -3.22
N GLU D 185 -6.85 -11.72 -3.19
CA GLU D 185 -7.76 -11.62 -4.32
C GLU D 185 -7.79 -12.88 -5.18
N PRO D 186 -8.83 -13.71 -5.11
CA PRO D 186 -10.06 -13.49 -4.34
C PRO D 186 -10.15 -13.73 -2.87
N ARG D 187 -9.23 -14.34 -2.17
CA ARG D 187 -9.39 -14.49 -0.70
C ARG D 187 -8.78 -13.23 -0.05
N GLY D 188 -9.21 -12.86 1.15
CA GLY D 188 -8.65 -11.71 1.86
C GLY D 188 -7.14 -11.91 1.95
N ASP D 189 -6.66 -13.08 2.28
CA ASP D 189 -5.26 -13.44 2.36
C ASP D 189 -5.14 -14.82 1.71
N ILE D 190 -4.22 -14.96 0.77
CA ILE D 190 -3.95 -16.23 0.09
C ILE D 190 -2.72 -16.92 0.67
N LEU D 191 -2.76 -18.25 0.79
CA LEU D 191 -1.63 -19.04 1.33
C LEU D 191 -0.50 -18.98 0.29
N LEU D 192 0.73 -18.98 0.77
CA LEU D 192 1.93 -18.86 -0.10
C LEU D 192 1.81 -17.51 -0.86
N PRO D 193 1.82 -16.41 -0.11
CA PRO D 193 1.63 -15.08 -0.66
C PRO D 193 2.64 -14.46 -1.56
N THR D 194 3.89 -14.82 -1.46
CA THR D 194 4.95 -14.23 -2.33
C THR D 194 5.81 -15.31 -2.90
N ALA D 195 6.61 -14.98 -3.91
CA ALA D 195 7.53 -15.98 -4.51
C ALA D 195 8.36 -16.61 -3.41
N GLY D 196 8.76 -15.92 -2.37
CA GLY D 196 9.59 -16.45 -1.28
C GLY D 196 8.90 -17.57 -0.51
N HIS D 197 7.67 -17.35 -0.12
CA HIS D 197 6.81 -18.27 0.62
C HIS D 197 6.65 -19.53 -0.24
N ALA D 198 6.37 -19.40 -1.54
CA ALA D 198 6.17 -20.60 -2.38
C ALA D 198 7.46 -21.41 -2.51
N ILE D 199 8.61 -20.73 -2.65
CA ILE D 199 9.89 -21.43 -2.77
C ILE D 199 10.17 -22.19 -1.47
N ALA D 200 10.05 -21.58 -0.33
CA ALA D 200 10.30 -22.23 0.97
C ALA D 200 9.36 -23.43 1.13
N PHE D 201 8.13 -23.39 0.63
CA PHE D 201 7.17 -24.49 0.75
C PHE D 201 7.60 -25.69 -0.13
N VAL D 202 7.93 -25.38 -1.36
CA VAL D 202 8.37 -26.34 -2.40
C VAL D 202 9.51 -27.20 -1.88
N GLN D 203 10.39 -26.66 -1.10
CA GLN D 203 11.57 -27.29 -0.50
C GLN D 203 11.14 -28.37 0.49
N GLU D 204 9.89 -28.45 0.90
CA GLU D 204 9.41 -29.44 1.86
C GLU D 204 8.66 -30.62 1.27
N LEU D 205 8.48 -30.68 -0.02
CA LEU D 205 7.76 -31.70 -0.75
C LEU D 205 8.66 -32.93 -0.80
N GLU D 206 8.04 -34.03 -1.17
CA GLU D 206 8.77 -35.31 -1.26
C GLU D 206 9.81 -35.28 -2.36
N ARG D 207 9.52 -34.70 -3.49
CA ARG D 207 10.43 -34.60 -4.65
C ARG D 207 10.54 -33.15 -5.10
N PRO D 208 11.27 -32.35 -4.33
CA PRO D 208 11.43 -30.92 -4.55
C PRO D 208 11.97 -30.57 -5.92
N GLU D 209 12.75 -31.45 -6.47
CA GLU D 209 13.34 -31.20 -7.79
C GLU D 209 12.29 -31.09 -8.87
N LEU D 210 11.09 -31.61 -8.66
CA LEU D 210 10.07 -31.48 -9.71
C LEU D 210 9.27 -30.21 -9.54
N PHE D 211 9.52 -29.46 -8.48
CA PHE D 211 8.78 -28.25 -8.15
C PHE D 211 9.53 -26.92 -8.13
N GLY D 212 8.88 -25.92 -8.71
CA GLY D 212 9.42 -24.56 -8.79
C GLY D 212 8.25 -23.58 -8.68
N ILE D 213 8.43 -22.36 -9.14
CA ILE D 213 7.34 -21.35 -9.06
C ILE D 213 7.04 -20.73 -10.40
N ASN D 214 5.87 -20.14 -10.50
CA ASN D 214 5.39 -19.41 -11.68
C ASN D 214 4.98 -18.03 -11.13
N PRO D 215 5.93 -17.18 -10.85
CA PRO D 215 5.67 -15.82 -10.30
C PRO D 215 5.04 -14.91 -11.33
N GLU D 216 4.18 -14.00 -10.93
CA GLU D 216 3.51 -13.09 -11.90
C GLU D 216 3.88 -11.65 -11.55
N THR D 217 4.22 -10.84 -12.56
CA THR D 217 4.61 -9.46 -12.29
C THR D 217 3.67 -8.75 -11.32
N GLY D 218 2.41 -8.54 -11.68
CA GLY D 218 1.54 -7.80 -10.77
C GLY D 218 1.33 -8.37 -9.42
N ASN D 219 1.46 -9.67 -9.26
CA ASN D 219 1.21 -10.36 -7.98
C ASN D 219 2.16 -9.84 -6.91
N GLU D 220 3.44 -9.74 -7.28
CA GLU D 220 4.41 -9.25 -6.30
C GLU D 220 4.26 -7.75 -6.10
N GLN D 221 3.91 -7.02 -7.12
CA GLN D 221 3.67 -5.57 -7.08
C GLN D 221 2.43 -5.27 -6.23
N MET D 222 1.50 -6.21 -6.10
CA MET D 222 0.30 -6.00 -5.27
C MET D 222 0.73 -5.82 -3.80
N SER D 223 1.91 -6.31 -3.45
CA SER D 223 2.50 -6.17 -2.12
C SER D 223 3.59 -5.07 -2.12
N ASN D 224 3.77 -4.39 -3.21
CA ASN D 224 4.75 -3.35 -3.42
C ASN D 224 6.18 -3.88 -3.27
N LEU D 225 6.42 -5.11 -3.70
CA LEU D 225 7.75 -5.76 -3.68
C LEU D 225 8.43 -5.57 -5.06
N ASN D 226 9.74 -5.72 -5.01
CA ASN D 226 10.48 -5.55 -6.30
C ASN D 226 10.45 -6.84 -7.12
N PHE D 227 9.70 -6.92 -8.19
CA PHE D 227 9.56 -8.12 -8.99
C PHE D 227 10.91 -8.58 -9.52
N THR D 228 11.68 -7.75 -10.19
CA THR D 228 12.98 -8.16 -10.72
C THR D 228 13.86 -8.78 -9.65
N GLN D 229 13.89 -8.16 -8.47
CA GLN D 229 14.73 -8.68 -7.37
C GLN D 229 14.23 -10.02 -6.84
N GLY D 230 12.93 -10.31 -6.82
CA GLY D 230 12.43 -11.61 -6.37
C GLY D 230 12.70 -12.64 -7.48
N ILE D 231 12.70 -12.28 -8.74
CA ILE D 231 12.97 -13.18 -9.85
C ILE D 231 14.46 -13.56 -9.74
N ALA D 232 15.32 -12.58 -9.41
CA ALA D 232 16.74 -12.80 -9.26
C ALA D 232 16.99 -13.89 -8.20
N GLN D 233 16.28 -13.80 -7.11
CA GLN D 233 16.35 -14.78 -6.04
C GLN D 233 15.74 -16.12 -6.53
N ALA D 234 14.64 -16.15 -7.26
CA ALA D 234 14.08 -17.39 -7.78
C ALA D 234 15.16 -18.06 -8.67
N LEU D 235 15.85 -17.30 -9.46
CA LEU D 235 16.91 -17.78 -10.38
C LEU D 235 18.06 -18.34 -9.54
N TRP D 236 18.45 -17.71 -8.47
CA TRP D 236 19.54 -18.15 -7.57
C TRP D 236 19.23 -19.53 -6.98
N HIS D 237 18.00 -19.86 -6.66
CA HIS D 237 17.50 -21.10 -6.09
C HIS D 237 17.28 -22.11 -7.23
N LYS D 238 17.20 -21.62 -8.45
CA LYS D 238 16.91 -22.39 -9.65
C LYS D 238 15.50 -22.95 -9.63
N LYS D 239 14.55 -22.11 -9.28
CA LYS D 239 13.16 -22.48 -9.21
C LYS D 239 12.28 -21.67 -10.12
N LEU D 240 12.83 -20.95 -11.06
CA LEU D 240 11.99 -20.17 -12.01
C LEU D 240 11.61 -21.18 -13.12
N PHE D 241 10.52 -21.91 -12.98
CA PHE D 241 10.05 -22.89 -13.95
C PHE D 241 9.22 -22.27 -15.06
N HIS D 242 8.62 -21.13 -14.77
CA HIS D 242 7.74 -20.45 -15.75
C HIS D 242 7.60 -19.00 -15.23
N ILE D 243 7.05 -18.10 -16.03
CA ILE D 243 6.82 -16.73 -15.58
C ILE D 243 5.57 -16.18 -16.26
N ASP D 244 4.78 -15.39 -15.54
CA ASP D 244 3.57 -14.72 -16.02
C ASP D 244 3.97 -13.23 -16.09
N LEU D 245 3.86 -12.61 -17.26
CA LEU D 245 4.23 -11.19 -17.45
C LEU D 245 2.99 -10.35 -17.62
N ASN D 246 2.94 -9.25 -16.86
CA ASN D 246 1.80 -8.31 -16.94
C ASN D 246 2.22 -7.00 -16.24
N GLY D 247 1.24 -6.12 -16.10
CA GLY D 247 1.45 -4.78 -15.50
C GLY D 247 0.46 -4.56 -14.36
N GLN D 248 0.95 -3.76 -13.42
CA GLN D 248 0.16 -3.38 -12.24
C GLN D 248 0.57 -2.02 -11.71
N HIS D 249 -0.32 -1.32 -10.99
CA HIS D 249 0.08 -0.02 -10.40
C HIS D 249 0.05 -0.18 -8.88
N GLY D 250 1.04 -0.80 -8.29
CA GLY D 250 1.15 -1.01 -6.86
C GLY D 250 -0.02 -1.78 -6.24
N PRO D 251 -0.16 -1.62 -4.92
CA PRO D 251 -1.21 -2.28 -4.16
C PRO D 251 -2.64 -1.85 -4.42
N LYS D 252 -3.44 -2.59 -5.13
CA LYS D 252 -4.85 -2.31 -5.45
C LYS D 252 -5.30 -3.62 -6.10
N PHE D 253 -6.55 -3.69 -6.51
CA PHE D 253 -7.03 -4.94 -7.16
C PHE D 253 -6.03 -5.33 -8.26
N ASP D 254 -6.12 -6.56 -8.70
CA ASP D 254 -5.28 -7.15 -9.77
C ASP D 254 -5.69 -6.53 -11.10
N GLN D 255 -4.85 -5.72 -11.70
CA GLN D 255 -5.16 -5.01 -12.95
C GLN D 255 -4.90 -5.82 -14.21
N ASP D 256 -3.88 -6.67 -14.18
CA ASP D 256 -3.57 -7.45 -15.40
C ASP D 256 -3.38 -6.59 -16.65
N LEU D 257 -2.60 -5.56 -16.54
CA LEU D 257 -2.35 -4.68 -17.72
C LEU D 257 -1.38 -5.40 -18.65
N VAL D 258 -1.18 -4.93 -19.86
CA VAL D 258 -0.17 -5.44 -20.80
C VAL D 258 1.16 -5.29 -20.04
N PHE D 259 2.10 -6.16 -20.29
CA PHE D 259 3.43 -6.12 -19.70
C PHE D 259 4.10 -4.78 -20.05
N GLY D 260 4.73 -4.12 -19.08
CA GLY D 260 5.37 -2.81 -19.27
C GLY D 260 4.47 -1.58 -19.08
N HIS D 261 3.16 -1.76 -18.98
CA HIS D 261 2.18 -0.68 -18.83
C HIS D 261 1.94 -0.29 -17.38
N GLY D 262 2.59 -1.00 -16.46
CA GLY D 262 2.47 -0.75 -15.02
C GLY D 262 3.76 -0.01 -14.58
N ASP D 263 4.66 -0.78 -13.98
CA ASP D 263 5.96 -0.24 -13.50
C ASP D 263 6.97 -0.43 -14.65
N LEU D 264 7.13 0.56 -15.51
CA LEU D 264 7.98 0.53 -16.67
C LEU D 264 9.45 0.28 -16.30
N LEU D 265 9.94 1.00 -15.31
CA LEU D 265 11.34 0.84 -14.91
C LEU D 265 11.64 -0.57 -14.45
N ASN D 266 10.78 -1.24 -13.74
CA ASN D 266 10.97 -2.62 -13.23
C ASN D 266 10.83 -3.60 -14.38
N ALA D 267 10.01 -3.28 -15.39
CA ALA D 267 9.83 -4.12 -16.58
C ALA D 267 11.19 -4.12 -17.31
N PHE D 268 11.82 -2.96 -17.39
CA PHE D 268 13.11 -2.78 -18.08
C PHE D 268 14.21 -3.60 -17.44
N SER D 269 14.33 -3.45 -16.12
CA SER D 269 15.34 -4.23 -15.38
C SER D 269 14.98 -5.74 -15.41
N LEU D 270 13.72 -6.12 -15.53
CA LEU D 270 13.36 -7.54 -15.60
C LEU D 270 13.85 -8.11 -16.93
N VAL D 271 13.56 -7.46 -18.05
CA VAL D 271 14.00 -7.90 -19.38
C VAL D 271 15.53 -7.97 -19.37
N ASP D 272 16.24 -7.04 -18.79
CA ASP D 272 17.71 -7.05 -18.69
C ASP D 272 18.19 -8.34 -18.01
N LEU D 273 17.62 -8.70 -16.89
CA LEU D 273 17.92 -9.88 -16.09
C LEU D 273 17.69 -11.19 -16.84
N LEU D 274 16.57 -11.35 -17.54
CA LEU D 274 16.20 -12.54 -18.26
C LEU D 274 17.07 -12.75 -19.49
N GLU D 275 17.31 -11.77 -20.29
CA GLU D 275 18.05 -11.87 -21.53
C GLU D 275 19.54 -11.67 -21.48
N ASN D 276 20.00 -10.82 -20.64
CA ASN D 276 21.44 -10.51 -20.53
C ASN D 276 21.95 -11.36 -19.39
N GLY D 277 21.73 -12.64 -19.55
CA GLY D 277 22.17 -13.54 -18.46
C GLY D 277 23.67 -13.75 -18.61
N PRO D 278 24.12 -14.64 -17.74
CA PRO D 278 25.54 -15.04 -17.72
C PRO D 278 25.86 -15.90 -18.97
N ASP D 279 26.95 -15.46 -19.59
CA ASP D 279 27.52 -16.06 -20.80
C ASP D 279 26.86 -15.54 -22.07
N GLY D 280 26.51 -14.26 -22.11
CA GLY D 280 25.87 -13.66 -23.29
C GLY D 280 24.37 -13.97 -23.40
N ALA D 281 24.12 -15.24 -23.12
CA ALA D 281 22.84 -15.91 -23.11
C ALA D 281 21.87 -15.54 -21.99
N PRO D 282 20.59 -15.78 -22.27
CA PRO D 282 19.52 -15.52 -21.33
C PRO D 282 19.75 -16.34 -20.06
N ALA D 283 19.28 -15.79 -18.96
CA ALA D 283 19.36 -16.44 -17.65
C ALA D 283 18.17 -17.40 -17.52
N TYR D 284 17.15 -17.20 -18.32
CA TYR D 284 15.92 -18.00 -18.30
C TYR D 284 15.56 -18.41 -19.73
N ASP D 285 15.19 -19.66 -19.86
CA ASP D 285 14.79 -20.19 -21.18
C ASP D 285 13.40 -20.73 -21.31
N GLY D 286 12.49 -20.56 -20.39
CA GLY D 286 11.13 -21.09 -20.58
C GLY D 286 10.32 -20.07 -21.38
N PRO D 287 9.03 -20.34 -21.45
CA PRO D 287 8.13 -19.41 -22.15
C PRO D 287 8.10 -18.04 -21.48
N ARG D 288 7.78 -17.05 -22.30
CA ARG D 288 7.58 -15.65 -21.87
C ARG D 288 6.05 -15.60 -21.98
N HIS D 289 5.42 -15.92 -20.89
CA HIS D 289 3.94 -15.97 -20.89
C HIS D 289 3.25 -14.73 -20.42
N PHE D 290 2.32 -14.23 -21.19
CA PHE D 290 1.52 -13.03 -20.89
C PHE D 290 0.20 -13.47 -20.25
N ASP D 291 0.04 -13.15 -18.99
CA ASP D 291 -1.21 -13.45 -18.24
C ASP D 291 -1.74 -12.05 -17.89
N TYR D 292 -2.52 -11.54 -18.81
CA TYR D 292 -3.07 -10.19 -18.76
C TYR D 292 -4.51 -10.26 -19.27
N LYS D 293 -5.14 -9.09 -19.25
CA LYS D 293 -6.51 -8.95 -19.72
C LYS D 293 -6.65 -7.68 -20.53
N PRO D 294 -7.24 -7.81 -21.69
CA PRO D 294 -7.52 -6.60 -22.53
C PRO D 294 -8.51 -5.77 -21.72
N SER D 295 -8.30 -4.48 -21.52
CA SER D 295 -9.20 -3.61 -20.74
C SER D 295 -10.67 -3.74 -21.14
N ARG D 296 -11.53 -3.57 -20.14
CA ARG D 296 -12.96 -3.68 -20.31
C ARG D 296 -13.50 -2.67 -21.32
N THR D 297 -12.80 -1.59 -21.59
CA THR D 297 -13.20 -0.58 -22.53
C THR D 297 -13.00 -0.98 -23.98
N GLU D 298 -12.32 -2.08 -24.23
CA GLU D 298 -12.05 -2.50 -25.61
C GLU D 298 -12.94 -3.54 -26.27
N ASP D 299 -12.93 -3.50 -27.61
CA ASP D 299 -13.69 -4.46 -28.44
C ASP D 299 -12.65 -5.46 -28.98
N TYR D 300 -13.06 -6.37 -29.86
CA TYR D 300 -12.08 -7.35 -30.40
C TYR D 300 -10.93 -6.67 -31.09
N ASP D 301 -11.01 -5.50 -31.69
CA ASP D 301 -9.84 -4.84 -32.30
C ASP D 301 -8.88 -4.49 -31.16
N GLY D 302 -9.34 -3.90 -30.07
CA GLY D 302 -8.51 -3.56 -28.94
C GLY D 302 -7.90 -4.82 -28.33
N VAL D 303 -8.59 -5.95 -28.37
CA VAL D 303 -8.06 -7.21 -27.84
C VAL D 303 -6.80 -7.62 -28.59
N TRP D 304 -6.76 -7.65 -29.91
CA TRP D 304 -5.60 -8.04 -30.69
C TRP D 304 -4.50 -7.00 -30.64
N GLU D 305 -4.86 -5.75 -30.51
CA GLU D 305 -3.92 -4.64 -30.37
C GLU D 305 -3.20 -4.89 -29.04
N SER D 306 -3.95 -5.19 -28.01
CA SER D 306 -3.35 -5.41 -26.69
C SER D 306 -2.46 -6.66 -26.70
N ALA D 307 -2.76 -7.70 -27.45
CA ALA D 307 -1.95 -8.93 -27.50
C ALA D 307 -0.64 -8.55 -28.19
N LYS D 308 -0.74 -7.83 -29.30
CA LYS D 308 0.47 -7.34 -29.99
C LYS D 308 1.24 -6.39 -29.06
N ALA D 309 0.70 -5.50 -28.26
CA ALA D 309 1.38 -4.58 -27.39
C ALA D 309 2.30 -5.31 -26.42
N ASN D 310 1.91 -6.48 -25.94
CA ASN D 310 2.73 -7.27 -24.99
C ASN D 310 4.07 -7.65 -25.62
N ILE D 311 4.01 -8.16 -26.83
CA ILE D 311 5.20 -8.59 -27.57
C ILE D 311 6.06 -7.39 -27.94
N ARG D 312 5.46 -6.30 -28.39
CA ARG D 312 6.18 -5.09 -28.78
C ARG D 312 6.91 -4.61 -27.51
N MET D 313 6.19 -4.51 -26.41
CA MET D 313 6.78 -4.02 -25.16
C MET D 313 8.02 -4.84 -24.83
N TYR D 314 7.88 -6.17 -24.90
CA TYR D 314 9.06 -7.01 -24.55
C TYR D 314 10.25 -6.79 -25.47
N LEU D 315 10.03 -6.74 -26.78
CA LEU D 315 11.09 -6.56 -27.78
C LEU D 315 11.74 -5.19 -27.69
N LEU D 316 10.99 -4.11 -27.52
CA LEU D 316 11.54 -2.76 -27.36
C LEU D 316 12.45 -2.71 -26.12
N LEU D 317 12.02 -3.21 -24.98
CA LEU D 317 12.79 -3.23 -23.75
C LEU D 317 14.03 -4.10 -23.95
N LYS D 318 13.95 -5.20 -24.64
CA LYS D 318 15.10 -6.09 -24.89
C LYS D 318 16.19 -5.40 -25.69
N GLU D 319 15.80 -4.68 -26.71
CA GLU D 319 16.67 -3.86 -27.59
C GLU D 319 17.41 -2.83 -26.76
N ARG D 320 16.72 -2.09 -25.89
CA ARG D 320 17.27 -1.06 -25.00
C ARG D 320 18.14 -1.69 -23.92
N ALA D 321 17.80 -2.88 -23.45
CA ALA D 321 18.63 -3.55 -22.44
C ALA D 321 19.97 -3.94 -23.06
N LYS D 322 19.93 -4.43 -24.29
CA LYS D 322 21.14 -4.83 -25.02
C LYS D 322 22.07 -3.63 -25.25
N ALA D 323 21.51 -2.53 -25.73
CA ALA D 323 22.28 -1.31 -26.01
C ALA D 323 22.90 -0.80 -24.72
N PHE D 324 22.10 -0.96 -23.68
CA PHE D 324 22.55 -0.47 -22.34
C PHE D 324 23.91 -1.06 -21.95
N ARG D 325 23.98 -2.38 -22.00
CA ARG D 325 25.13 -3.19 -21.64
C ARG D 325 26.29 -3.07 -22.64
N ALA D 326 26.05 -2.77 -23.88
CA ALA D 326 27.13 -2.65 -24.87
C ALA D 326 27.68 -1.24 -24.83
N ASP D 327 27.23 -0.39 -23.94
CA ASP D 327 27.68 1.03 -23.89
C ASP D 327 28.88 1.13 -22.96
N PRO D 328 29.99 1.54 -23.57
CA PRO D 328 31.26 1.69 -22.87
C PRO D 328 31.07 2.68 -21.75
N GLU D 329 30.17 3.64 -21.87
CA GLU D 329 29.99 4.56 -20.72
C GLU D 329 29.29 3.86 -19.56
N VAL D 330 28.32 3.00 -19.91
CA VAL D 330 27.60 2.24 -18.88
C VAL D 330 28.61 1.32 -18.20
N GLN D 331 29.50 0.68 -19.00
CA GLN D 331 30.51 -0.25 -18.44
C GLN D 331 31.44 0.44 -17.45
N GLU D 332 31.83 1.64 -17.81
CA GLU D 332 32.69 2.48 -16.93
C GLU D 332 31.94 2.82 -15.67
N ALA D 333 30.62 3.11 -15.73
CA ALA D 333 29.83 3.44 -14.54
C ALA D 333 29.73 2.19 -13.68
N LEU D 334 29.47 1.04 -14.32
CA LEU D 334 29.41 -0.25 -13.58
C LEU D 334 30.70 -0.50 -12.79
N ALA D 335 31.86 -0.26 -13.43
CA ALA D 335 33.17 -0.46 -12.77
C ALA D 335 33.31 0.51 -11.61
N ALA D 336 32.95 1.77 -11.78
CA ALA D 336 33.01 2.82 -10.73
C ALA D 336 32.06 2.47 -9.60
N SER D 337 30.88 1.89 -9.91
CA SER D 337 29.91 1.51 -8.85
C SER D 337 30.24 0.18 -8.20
N LYS D 338 31.25 -0.53 -8.74
CA LYS D 338 31.70 -1.81 -8.26
C LYS D 338 30.69 -2.95 -8.27
N VAL D 339 29.79 -3.01 -9.24
CA VAL D 339 28.78 -4.06 -9.29
C VAL D 339 29.39 -5.45 -9.34
N ALA D 340 30.39 -5.65 -10.19
CA ALA D 340 31.07 -6.90 -10.42
C ALA D 340 31.92 -7.34 -9.25
N GLU D 341 32.37 -6.43 -8.44
CA GLU D 341 33.19 -6.78 -7.28
C GLU D 341 32.41 -7.58 -6.27
N LEU D 342 31.08 -7.64 -6.36
CA LEU D 342 30.27 -8.43 -5.40
C LEU D 342 30.46 -9.91 -5.77
N LYS D 343 30.77 -10.16 -7.05
CA LYS D 343 30.95 -11.51 -7.58
C LYS D 343 32.23 -12.17 -7.10
N THR D 344 33.14 -11.43 -6.51
CA THR D 344 34.39 -11.92 -5.98
C THR D 344 34.18 -12.33 -4.52
N PRO D 345 34.55 -13.54 -4.17
CA PRO D 345 34.37 -14.05 -2.81
C PRO D 345 34.92 -13.03 -1.83
N THR D 346 34.37 -12.97 -0.64
CA THR D 346 34.80 -12.04 0.39
C THR D 346 36.10 -12.56 1.02
N LEU D 347 36.14 -13.88 1.12
CA LEU D 347 37.31 -14.56 1.69
C LEU D 347 38.21 -14.95 0.52
N ASN D 348 39.48 -14.92 0.89
CA ASN D 348 40.52 -15.32 -0.07
C ASN D 348 40.43 -16.84 -0.15
N PRO D 349 40.93 -17.34 -1.25
CA PRO D 349 40.98 -18.81 -1.47
C PRO D 349 41.81 -19.36 -0.30
N GLY D 350 41.18 -20.36 0.31
CA GLY D 350 41.72 -21.07 1.45
C GLY D 350 41.63 -20.29 2.75
N GLU D 351 41.24 -19.03 2.78
CA GLU D 351 41.15 -18.29 4.06
C GLU D 351 39.93 -18.74 4.83
N GLY D 352 40.09 -18.89 6.11
CA GLY D 352 39.00 -19.33 7.02
C GLY D 352 38.90 -18.25 8.11
N TYR D 353 38.15 -18.56 9.13
CA TYR D 353 37.99 -17.52 10.18
C TYR D 353 39.28 -17.17 10.91
N ALA D 354 40.11 -18.18 11.03
CA ALA D 354 41.41 -18.06 11.72
C ALA D 354 42.29 -17.04 11.00
N GLU D 355 42.34 -17.15 9.69
CA GLU D 355 43.13 -16.22 8.87
C GLU D 355 42.42 -14.87 8.87
N LEU D 356 41.09 -14.83 8.78
CA LEU D 356 40.36 -13.55 8.79
C LEU D 356 40.63 -12.81 10.12
N LEU D 357 40.59 -13.57 11.20
CA LEU D 357 40.81 -12.96 12.54
C LEU D 357 42.19 -12.35 12.71
N ALA D 358 43.10 -12.89 11.92
CA ALA D 358 44.52 -12.56 11.82
C ALA D 358 44.81 -11.35 10.96
N ASP D 359 43.93 -10.99 10.06
CA ASP D 359 44.07 -9.87 9.13
C ASP D 359 43.65 -8.59 9.80
N ARG D 360 44.61 -7.78 10.21
CA ARG D 360 44.36 -6.52 10.93
C ARG D 360 43.84 -5.45 9.98
N SER D 361 43.97 -5.73 8.71
CA SER D 361 43.49 -4.82 7.69
C SER D 361 41.96 -4.96 7.60
N ALA D 362 41.42 -6.03 8.12
CA ALA D 362 39.98 -6.32 8.12
C ALA D 362 39.32 -5.70 9.36
N PHE D 363 40.14 -5.18 10.25
CA PHE D 363 39.54 -4.59 11.46
C PHE D 363 40.37 -3.61 12.24
N GLU D 364 41.42 -4.15 12.84
CA GLU D 364 42.28 -3.30 13.69
C GLU D 364 42.78 -2.07 12.96
N ASP D 365 43.23 -2.24 11.76
CA ASP D 365 43.75 -1.15 10.94
C ASP D 365 42.77 -0.76 9.86
N TYR D 366 41.50 -1.08 10.01
CA TYR D 366 40.52 -0.71 8.97
C TYR D 366 40.12 0.76 9.17
N ASP D 367 40.22 1.54 8.12
CA ASP D 367 39.78 2.94 8.28
C ASP D 367 38.32 3.04 7.77
N ALA D 368 37.40 2.71 8.65
CA ALA D 368 35.98 2.73 8.33
C ALA D 368 35.51 4.07 7.78
N ASP D 369 36.00 5.10 8.39
CA ASP D 369 35.73 6.50 8.09
C ASP D 369 36.14 6.93 6.70
N ALA D 370 37.29 6.50 6.24
CA ALA D 370 37.77 6.85 4.88
C ALA D 370 36.95 6.15 3.81
N VAL D 371 36.69 4.87 4.07
CA VAL D 371 35.86 4.07 3.13
C VAL D 371 34.44 4.64 3.09
N GLY D 372 33.90 4.93 4.24
CA GLY D 372 32.57 5.48 4.43
C GLY D 372 32.28 6.74 3.66
N ALA D 373 33.29 7.51 3.31
CA ALA D 373 33.17 8.76 2.56
C ALA D 373 33.24 8.60 1.04
N LYS D 374 33.59 7.45 0.52
CA LYS D 374 33.63 7.27 -0.95
C LYS D 374 32.22 7.07 -1.50
N GLY D 375 31.85 7.70 -2.57
CA GLY D 375 30.53 7.59 -3.20
C GLY D 375 30.55 6.35 -4.09
N PHE D 376 29.40 5.77 -4.35
CA PHE D 376 29.28 4.60 -5.22
C PHE D 376 28.85 5.02 -6.60
N GLY D 377 28.41 6.21 -6.89
CA GLY D 377 28.00 6.58 -8.24
C GLY D 377 26.77 5.85 -8.74
N PHE D 378 25.88 5.42 -7.89
CA PHE D 378 24.64 4.70 -8.25
C PHE D 378 23.65 5.58 -9.00
N VAL D 379 23.54 6.87 -8.66
CA VAL D 379 22.62 7.78 -9.33
C VAL D 379 22.96 7.94 -10.80
N LYS D 380 24.24 8.13 -11.00
CA LYS D 380 24.75 8.31 -12.35
C LYS D 380 24.46 7.07 -13.21
N LEU D 381 24.70 5.91 -12.62
CA LEU D 381 24.44 4.62 -13.28
C LEU D 381 22.96 4.47 -13.64
N ASN D 382 22.09 4.82 -12.70
CA ASN D 382 20.62 4.77 -12.89
C ASN D 382 20.22 5.73 -14.00
N GLN D 383 20.86 6.88 -14.03
CA GLN D 383 20.57 7.89 -15.06
C GLN D 383 20.89 7.34 -16.45
N LEU D 384 22.00 6.65 -16.66
CA LEU D 384 22.40 6.08 -17.95
C LEU D 384 21.43 4.99 -18.41
N ALA D 385 21.00 4.20 -17.44
CA ALA D 385 20.01 3.13 -17.64
C ALA D 385 18.71 3.72 -18.21
N ILE D 386 18.19 4.76 -17.56
CA ILE D 386 16.96 5.44 -18.02
C ILE D 386 17.18 6.12 -19.34
N GLU D 387 18.36 6.66 -19.59
CA GLU D 387 18.62 7.33 -20.90
C GLU D 387 18.60 6.33 -21.99
N HIS D 388 19.01 5.12 -21.68
CA HIS D 388 18.92 4.02 -22.70
C HIS D 388 17.47 3.62 -22.97
N LEU D 389 16.69 3.48 -21.87
CA LEU D 389 15.26 3.13 -21.98
C LEU D 389 14.51 4.18 -22.79
N LEU D 390 14.87 5.44 -22.59
CA LEU D 390 14.25 6.58 -23.24
C LEU D 390 14.67 6.74 -24.68
N GLY D 391 15.67 5.98 -25.07
CA GLY D 391 16.20 6.07 -26.46
C GLY D 391 16.91 7.39 -26.67
N ALA D 392 17.48 7.96 -25.63
CA ALA D 392 18.19 9.21 -25.54
C ALA D 392 19.70 9.04 -25.75
N ARG D 393 20.08 7.80 -25.75
CA ARG D 393 21.43 7.28 -25.92
C ARG D 393 21.23 6.13 -26.93
C1 XYL E . 9.32 17.01 3.32
C2 XYL E . 8.75 18.24 2.66
C3 XYL E . 9.56 19.54 2.82
C4 XYL E . 8.81 20.80 2.41
C5 XYL E . 9.35 22.10 2.96
O1 XYL E . 8.41 15.88 3.12
O2 XYL E . 8.57 17.97 1.27
O3 XYL E . 10.80 19.45 2.13
O4 XYL E . 8.46 20.97 1.02
O5 XYL E . 9.21 22.20 4.34
MG MG F . 8.22 19.21 -0.65
C1 XYL G . 15.07 -2.16 12.49
C2 XYL G . 15.37 -3.52 13.08
C3 XYL G . 16.39 -3.69 14.23
C4 XYL G . 16.79 -5.16 14.45
C5 XYL G . 18.10 -5.40 15.16
O1 XYL G . 13.96 -2.25 11.55
O2 XYL G . 14.14 -3.97 13.67
O3 XYL G . 15.78 -3.21 15.44
O4 XYL G . 15.86 -6.10 14.96
O5 XYL G . 19.19 -5.11 14.30
MG MG H . 13.49 -6.02 14.77
C1 XYL I . -19.37 0.14 -4.23
C2 XYL I . -20.16 1.38 -3.88
C3 XYL I . -21.66 1.40 -4.11
C4 XYL I . -22.26 2.77 -3.75
C5 XYL I . -23.66 2.90 -4.33
O1 XYL I . -17.94 0.43 -4.10
O2 XYL I . -19.96 1.70 -2.49
O3 XYL I . -22.30 0.40 -3.31
O4 XYL I . -22.25 3.17 -2.39
O5 XYL I . -23.55 2.89 -5.74
MG MG J . -20.57 2.71 -0.56
C1 XYL K . -5.16 -15.01 -11.62
C2 XYL K . -4.09 -16.06 -11.88
C3 XYL K . -4.34 -17.12 -12.96
C4 XYL K . -3.31 -18.24 -13.03
C5 XYL K . -3.68 -19.58 -13.57
O1 XYL K . -4.65 -14.00 -10.68
O2 XYL K . -2.92 -15.29 -12.20
O3 XYL K . -4.41 -16.51 -14.27
O4 XYL K . -2.07 -17.80 -13.63
O5 XYL K . -4.83 -20.17 -12.99
MG MG L . -0.97 -15.74 -13.56
#